data_4BFG
# 
_entry.id   4BFG 
# 
_audit_conform.dict_name       mmcif_pdbx.dic 
_audit_conform.dict_version    5.397 
_audit_conform.dict_location   http://mmcif.pdb.org/dictionaries/ascii/mmcif_pdbx.dic 
# 
loop_
_database_2.database_id 
_database_2.database_code 
_database_2.pdbx_database_accession 
_database_2.pdbx_DOI 
PDB   4BFG         pdb_00004bfg 10.2210/pdb4bfg/pdb 
PDBE  EBI-56176    ?            ?                   
WWPDB D_1290056176 ?            ?                   
# 
loop_
_pdbx_audit_revision_history.ordinal 
_pdbx_audit_revision_history.data_content_type 
_pdbx_audit_revision_history.major_revision 
_pdbx_audit_revision_history.minor_revision 
_pdbx_audit_revision_history.revision_date 
1 'Structure model' 1 0 2013-05-01 
2 'Structure model' 1 1 2013-05-08 
3 'Structure model' 1 2 2013-05-29 
4 'Structure model' 1 3 2020-07-29 
5 'Structure model' 1 4 2023-12-20 
6 'Structure model' 1 5 2024-10-16 
# 
loop_
_pdbx_audit_revision_details.ordinal 
_pdbx_audit_revision_details.revision_ordinal 
_pdbx_audit_revision_details.data_content_type 
_pdbx_audit_revision_details.provider 
_pdbx_audit_revision_details.type 
_pdbx_audit_revision_details.description 
_pdbx_audit_revision_details.details 
1 1 'Structure model' repository 'Initial release' ?                          ? 
2 4 'Structure model' repository Remediation       'Carbohydrate remediation' ? 
# 
loop_
_pdbx_audit_revision_group.ordinal 
_pdbx_audit_revision_group.revision_ordinal 
_pdbx_audit_revision_group.data_content_type 
_pdbx_audit_revision_group.group 
1  2 'Structure model' 'Database references'    
2  3 'Structure model' 'Database references'    
3  4 'Structure model' 'Data collection'        
4  4 'Structure model' 'Derived calculations'   
5  4 'Structure model' Other                    
6  4 'Structure model' 'Structure summary'      
7  5 'Structure model' 'Data collection'        
8  5 'Structure model' 'Database references'    
9  5 'Structure model' 'Refinement description' 
10 5 'Structure model' 'Structure summary'      
11 6 'Structure model' 'Structure summary'      
# 
loop_
_pdbx_audit_revision_category.ordinal 
_pdbx_audit_revision_category.revision_ordinal 
_pdbx_audit_revision_category.data_content_type 
_pdbx_audit_revision_category.category 
1  4 'Structure model' chem_comp                     
2  4 'Structure model' entity                        
3  4 'Structure model' pdbx_chem_comp_identifier     
4  4 'Structure model' pdbx_database_status          
5  4 'Structure model' pdbx_entity_nonpoly           
6  4 'Structure model' struct_conn                   
7  4 'Structure model' struct_site                   
8  4 'Structure model' struct_site_gen               
9  5 'Structure model' chem_comp                     
10 5 'Structure model' chem_comp_atom                
11 5 'Structure model' chem_comp_bond                
12 5 'Structure model' database_2                    
13 5 'Structure model' pdbx_initial_refinement_model 
14 6 'Structure model' pdbx_entry_details            
15 6 'Structure model' pdbx_modification_feature     
# 
loop_
_pdbx_audit_revision_item.ordinal 
_pdbx_audit_revision_item.revision_ordinal 
_pdbx_audit_revision_item.data_content_type 
_pdbx_audit_revision_item.item 
1  4 'Structure model' '_chem_comp.name'                              
2  4 'Structure model' '_chem_comp.type'                              
3  4 'Structure model' '_entity.pdbx_description'                     
4  4 'Structure model' '_pdbx_database_status.status_code_sf'         
5  4 'Structure model' '_pdbx_entity_nonpoly.name'                    
6  4 'Structure model' '_struct_conn.pdbx_leaving_atom_flag'          
7  4 'Structure model' '_struct_conn.pdbx_role'                       
8  5 'Structure model' '_chem_comp.pdbx_synonyms'                     
9  5 'Structure model' '_database_2.pdbx_DOI'                         
10 5 'Structure model' '_database_2.pdbx_database_accession'          
11 6 'Structure model' '_pdbx_entry_details.has_protein_modification' 
# 
_pdbx_database_status.status_code                     REL 
_pdbx_database_status.entry_id                        4BFG 
_pdbx_database_status.deposit_site                    PDBE 
_pdbx_database_status.process_site                    PDBE 
_pdbx_database_status.SG_entry                        . 
_pdbx_database_status.recvd_initial_deposition_date   2013-03-18 
_pdbx_database_status.pdb_format_compatible           Y 
_pdbx_database_status.status_code_sf                  REL 
_pdbx_database_status.status_code_mr                  ? 
_pdbx_database_status.status_code_cs                  ? 
_pdbx_database_status.methods_development_category    ? 
_pdbx_database_status.status_code_nmr_data            ? 
# 
loop_
_pdbx_database_related.db_name 
_pdbx_database_related.db_id 
_pdbx_database_related.content_type 
_pdbx_database_related.details 
PDB 4BFE unspecified 'STRUCTURE OF THE EXTRACELLULAR PORTION OF MOUSE CD200RLA'                               
PDB 4BFI unspecified 'STRUCTURE OF THE COMPLEX OF THE EXTRACELLULAR PORTIONS OF MOUSE CD200R AND MOUSE CD200' 
# 
loop_
_audit_author.name 
_audit_author.pdbx_ordinal 
'Hatherley, D.' 1 
'Lea, S.M.'     2 
'Johnson, S.'   3 
'Barclay, A.N.' 4 
# 
_citation.id                        primary 
_citation.title                     
'Structures of Cd200/Cd200 Receptor Family and Implications for Topology, Regulation, and Evolution' 
_citation.journal_abbrev            Structure 
_citation.journal_volume            21 
_citation.page_first                820 
_citation.page_last                 ? 
_citation.year                      2013 
_citation.journal_id_ASTM           STRUE6 
_citation.country                   UK 
_citation.journal_id_ISSN           0969-2126 
_citation.journal_id_CSD            2005 
_citation.book_publisher            ? 
_citation.pdbx_database_id_PubMed   23602662 
_citation.pdbx_database_id_DOI      10.1016/J.STR.2013.03.008 
# 
loop_
_citation_author.citation_id 
_citation_author.name 
_citation_author.ordinal 
_citation_author.identifier_ORCID 
primary 'Hatherley, D.' 1 ? 
primary 'Lea, S.M.'     2 ? 
primary 'Johnson, S.'   3 ? 
primary 'Barclay, A.N.' 4 ? 
# 
loop_
_entity.id 
_entity.type 
_entity.src_method 
_entity.pdbx_description 
_entity.formula_weight 
_entity.pdbx_number_of_molecules 
_entity.pdbx_ec 
_entity.pdbx_mutation 
_entity.pdbx_fragment 
_entity.details 
1 polymer     man 'CELL SURFACE GLYCOPROTEIN CD200 RECEPTOR 1' 23586.258 1   ? ? 'EXTRACELLULAR DOMAIN, RESIDUES 26-228' ? 
2 non-polymer man 2-acetamido-2-deoxy-beta-D-glucopyranose     221.208   3   ? ? ?                                       ? 
3 non-polymer syn 'ACETATE ION'                                59.044    2   ? ? ?                                       ? 
4 non-polymer syn 'AZIDE ION'                                  42.020    1   ? ? ?                                       ? 
5 non-polymer syn CYSTEINE                                     121.158   1   ? ? ?                                       ? 
6 water       nat water                                        18.015    148 ? ? ?                                       ? 
# 
_entity_name_com.entity_id   1 
_entity_name_com.name        'CD200 CELL SURFACE GLYCOPROTEIN RECEPTOR, CELL SURFACE GLYCOPROTEIN OX2 RECEPTOR 1' 
# 
_entity_poly.entity_id                      1 
_entity_poly.type                           'polypeptide(L)' 
_entity_poly.nstd_linkage                   no 
_entity_poly.nstd_monomer                   no 
_entity_poly.pdbx_seq_one_letter_code       
;TDKNQTTQNNSSSPLTQVNTTVSVQIGTKALLCCFSIPLTKAVLITWIIKLRGLPSCTIAYKVDTKTNETSCLGRNITWA
STPDHSPELQISAVTLQHEGTYTCETVTPEGNFEKNYDLQVLVPPEVTYFPEKNRSAVCEAMAGKPAAQISWSPDGDCVT
TSESHSNGTVTVRSTCHWEQNNVSDVSCIVSHLTGNQSLSIELGRGGSTRHHHHHH
;
_entity_poly.pdbx_seq_one_letter_code_can   
;TDKNQTTQNNSSSPLTQVNTTVSVQIGTKALLCCFSIPLTKAVLITWIIKLRGLPSCTIAYKVDTKTNETSCLGRNITWA
STPDHSPELQISAVTLQHEGTYTCETVTPEGNFEKNYDLQVLVPPEVTYFPEKNRSAVCEAMAGKPAAQISWSPDGDCVT
TSESHSNGTVTVRSTCHWEQNNVSDVSCIVSHLTGNQSLSIELGRGGSTRHHHHHH
;
_entity_poly.pdbx_strand_id                 A 
_entity_poly.pdbx_target_identifier         ? 
# 
loop_
_pdbx_entity_nonpoly.entity_id 
_pdbx_entity_nonpoly.name 
_pdbx_entity_nonpoly.comp_id 
2 2-acetamido-2-deoxy-beta-D-glucopyranose NAG 
3 'ACETATE ION'                            ACT 
4 'AZIDE ION'                              AZI 
5 CYSTEINE                                 CYS 
6 water                                    HOH 
# 
loop_
_entity_poly_seq.entity_id 
_entity_poly_seq.num 
_entity_poly_seq.mon_id 
_entity_poly_seq.hetero 
1 1   THR n 
1 2   ASP n 
1 3   LYS n 
1 4   ASN n 
1 5   GLN n 
1 6   THR n 
1 7   THR n 
1 8   GLN n 
1 9   ASN n 
1 10  ASN n 
1 11  SER n 
1 12  SER n 
1 13  SER n 
1 14  PRO n 
1 15  LEU n 
1 16  THR n 
1 17  GLN n 
1 18  VAL n 
1 19  ASN n 
1 20  THR n 
1 21  THR n 
1 22  VAL n 
1 23  SER n 
1 24  VAL n 
1 25  GLN n 
1 26  ILE n 
1 27  GLY n 
1 28  THR n 
1 29  LYS n 
1 30  ALA n 
1 31  LEU n 
1 32  LEU n 
1 33  CYS n 
1 34  CYS n 
1 35  PHE n 
1 36  SER n 
1 37  ILE n 
1 38  PRO n 
1 39  LEU n 
1 40  THR n 
1 41  LYS n 
1 42  ALA n 
1 43  VAL n 
1 44  LEU n 
1 45  ILE n 
1 46  THR n 
1 47  TRP n 
1 48  ILE n 
1 49  ILE n 
1 50  LYS n 
1 51  LEU n 
1 52  ARG n 
1 53  GLY n 
1 54  LEU n 
1 55  PRO n 
1 56  SER n 
1 57  CYS n 
1 58  THR n 
1 59  ILE n 
1 60  ALA n 
1 61  TYR n 
1 62  LYS n 
1 63  VAL n 
1 64  ASP n 
1 65  THR n 
1 66  LYS n 
1 67  THR n 
1 68  ASN n 
1 69  GLU n 
1 70  THR n 
1 71  SER n 
1 72  CYS n 
1 73  LEU n 
1 74  GLY n 
1 75  ARG n 
1 76  ASN n 
1 77  ILE n 
1 78  THR n 
1 79  TRP n 
1 80  ALA n 
1 81  SER n 
1 82  THR n 
1 83  PRO n 
1 84  ASP n 
1 85  HIS n 
1 86  SER n 
1 87  PRO n 
1 88  GLU n 
1 89  LEU n 
1 90  GLN n 
1 91  ILE n 
1 92  SER n 
1 93  ALA n 
1 94  VAL n 
1 95  THR n 
1 96  LEU n 
1 97  GLN n 
1 98  HIS n 
1 99  GLU n 
1 100 GLY n 
1 101 THR n 
1 102 TYR n 
1 103 THR n 
1 104 CYS n 
1 105 GLU n 
1 106 THR n 
1 107 VAL n 
1 108 THR n 
1 109 PRO n 
1 110 GLU n 
1 111 GLY n 
1 112 ASN n 
1 113 PHE n 
1 114 GLU n 
1 115 LYS n 
1 116 ASN n 
1 117 TYR n 
1 118 ASP n 
1 119 LEU n 
1 120 GLN n 
1 121 VAL n 
1 122 LEU n 
1 123 VAL n 
1 124 PRO n 
1 125 PRO n 
1 126 GLU n 
1 127 VAL n 
1 128 THR n 
1 129 TYR n 
1 130 PHE n 
1 131 PRO n 
1 132 GLU n 
1 133 LYS n 
1 134 ASN n 
1 135 ARG n 
1 136 SER n 
1 137 ALA n 
1 138 VAL n 
1 139 CYS n 
1 140 GLU n 
1 141 ALA n 
1 142 MET n 
1 143 ALA n 
1 144 GLY n 
1 145 LYS n 
1 146 PRO n 
1 147 ALA n 
1 148 ALA n 
1 149 GLN n 
1 150 ILE n 
1 151 SER n 
1 152 TRP n 
1 153 SER n 
1 154 PRO n 
1 155 ASP n 
1 156 GLY n 
1 157 ASP n 
1 158 CYS n 
1 159 VAL n 
1 160 THR n 
1 161 THR n 
1 162 SER n 
1 163 GLU n 
1 164 SER n 
1 165 HIS n 
1 166 SER n 
1 167 ASN n 
1 168 GLY n 
1 169 THR n 
1 170 VAL n 
1 171 THR n 
1 172 VAL n 
1 173 ARG n 
1 174 SER n 
1 175 THR n 
1 176 CYS n 
1 177 HIS n 
1 178 TRP n 
1 179 GLU n 
1 180 GLN n 
1 181 ASN n 
1 182 ASN n 
1 183 VAL n 
1 184 SER n 
1 185 ASP n 
1 186 VAL n 
1 187 SER n 
1 188 CYS n 
1 189 ILE n 
1 190 VAL n 
1 191 SER n 
1 192 HIS n 
1 193 LEU n 
1 194 THR n 
1 195 GLY n 
1 196 ASN n 
1 197 GLN n 
1 198 SER n 
1 199 LEU n 
1 200 SER n 
1 201 ILE n 
1 202 GLU n 
1 203 LEU n 
1 204 GLY n 
1 205 ARG n 
1 206 GLY n 
1 207 GLY n 
1 208 SER n 
1 209 THR n 
1 210 ARG n 
1 211 HIS n 
1 212 HIS n 
1 213 HIS n 
1 214 HIS n 
1 215 HIS n 
1 216 HIS n 
# 
_entity_src_gen.entity_id                          1 
_entity_src_gen.pdbx_src_id                        1 
_entity_src_gen.pdbx_alt_source_flag               sample 
_entity_src_gen.pdbx_seq_type                      ? 
_entity_src_gen.pdbx_beg_seq_num                   ? 
_entity_src_gen.pdbx_end_seq_num                   ? 
_entity_src_gen.gene_src_common_name               'HOUSE MOUSE' 
_entity_src_gen.gene_src_genus                     ? 
_entity_src_gen.pdbx_gene_src_gene                 ? 
_entity_src_gen.gene_src_species                   ? 
_entity_src_gen.gene_src_strain                    ? 
_entity_src_gen.gene_src_tissue                    ? 
_entity_src_gen.gene_src_tissue_fraction           ? 
_entity_src_gen.gene_src_details                   ? 
_entity_src_gen.pdbx_gene_src_fragment             ? 
_entity_src_gen.pdbx_gene_src_scientific_name      'MUS MUSCULUS' 
_entity_src_gen.pdbx_gene_src_ncbi_taxonomy_id     10090 
_entity_src_gen.pdbx_gene_src_variant              ? 
_entity_src_gen.pdbx_gene_src_cell_line            ? 
_entity_src_gen.pdbx_gene_src_atcc                 ? 
_entity_src_gen.pdbx_gene_src_organ                ? 
_entity_src_gen.pdbx_gene_src_organelle            ? 
_entity_src_gen.pdbx_gene_src_cell                 ? 
_entity_src_gen.pdbx_gene_src_cellular_location    ? 
_entity_src_gen.host_org_common_name               'CHINESE HAMSTER' 
_entity_src_gen.pdbx_host_org_scientific_name      'CRICETULUS GRISEUS' 
_entity_src_gen.pdbx_host_org_ncbi_taxonomy_id     10029 
_entity_src_gen.host_org_genus                     ? 
_entity_src_gen.pdbx_host_org_gene                 ? 
_entity_src_gen.pdbx_host_org_organ                ? 
_entity_src_gen.host_org_species                   ? 
_entity_src_gen.pdbx_host_org_tissue               ? 
_entity_src_gen.pdbx_host_org_tissue_fraction      ? 
_entity_src_gen.pdbx_host_org_strain               ? 
_entity_src_gen.pdbx_host_org_variant              LEC3.2.8.1 
_entity_src_gen.pdbx_host_org_cell_line            CHO 
_entity_src_gen.pdbx_host_org_atcc                 ? 
_entity_src_gen.pdbx_host_org_culture_collection   ? 
_entity_src_gen.pdbx_host_org_cell                 ? 
_entity_src_gen.pdbx_host_org_organelle            ? 
_entity_src_gen.pdbx_host_org_cellular_location    ? 
_entity_src_gen.pdbx_host_org_vector_type          PLASMID 
_entity_src_gen.pdbx_host_org_vector               ? 
_entity_src_gen.host_org_details                   ? 
_entity_src_gen.expression_system_id               ? 
_entity_src_gen.plasmid_name                       PEE14 
_entity_src_gen.plasmid_details                    ? 
_entity_src_gen.pdbx_description                   ? 
# 
loop_
_chem_comp.id 
_chem_comp.type 
_chem_comp.mon_nstd_flag 
_chem_comp.name 
_chem_comp.pdbx_synonyms 
_chem_comp.formula 
_chem_comp.formula_weight 
ACT non-polymer                  . 'ACETATE ION'                            ? 'C2 H3 O2 -1'    59.044  
ALA 'L-peptide linking'          y ALANINE                                  ? 'C3 H7 N O2'     89.093  
ARG 'L-peptide linking'          y ARGININE                                 ? 'C6 H15 N4 O2 1' 175.209 
ASN 'L-peptide linking'          y ASPARAGINE                               ? 'C4 H8 N2 O3'    132.118 
ASP 'L-peptide linking'          y 'ASPARTIC ACID'                          ? 'C4 H7 N O4'     133.103 
AZI non-polymer                  . 'AZIDE ION'                              ? 'N3 -1'          42.020  
CYS 'L-peptide linking'          y CYSTEINE                                 ? 'C3 H7 N O2 S'   121.158 
GLN 'L-peptide linking'          y GLUTAMINE                                ? 'C5 H10 N2 O3'   146.144 
GLU 'L-peptide linking'          y 'GLUTAMIC ACID'                          ? 'C5 H9 N O4'     147.129 
GLY 'peptide linking'            y GLYCINE                                  ? 'C2 H5 N O2'     75.067  
HIS 'L-peptide linking'          y HISTIDINE                                ? 'C6 H10 N3 O2 1' 156.162 
HOH non-polymer                  . WATER                                    ? 'H2 O'           18.015  
ILE 'L-peptide linking'          y ISOLEUCINE                               ? 'C6 H13 N O2'    131.173 
LEU 'L-peptide linking'          y LEUCINE                                  ? 'C6 H13 N O2'    131.173 
LYS 'L-peptide linking'          y LYSINE                                   ? 'C6 H15 N2 O2 1' 147.195 
MET 'L-peptide linking'          y METHIONINE                               ? 'C5 H11 N O2 S'  149.211 
NAG 'D-saccharide, beta linking' . 2-acetamido-2-deoxy-beta-D-glucopyranose 
;N-acetyl-beta-D-glucosamine; 2-acetamido-2-deoxy-beta-D-glucose; 2-acetamido-2-deoxy-D-glucose; 2-acetamido-2-deoxy-glucose; N-ACETYL-D-GLUCOSAMINE
;
'C8 H15 N O6'    221.208 
PHE 'L-peptide linking'          y PHENYLALANINE                            ? 'C9 H11 N O2'    165.189 
PRO 'L-peptide linking'          y PROLINE                                  ? 'C5 H9 N O2'     115.130 
SER 'L-peptide linking'          y SERINE                                   ? 'C3 H7 N O3'     105.093 
THR 'L-peptide linking'          y THREONINE                                ? 'C4 H9 N O3'     119.119 
TRP 'L-peptide linking'          y TRYPTOPHAN                               ? 'C11 H12 N2 O2'  204.225 
TYR 'L-peptide linking'          y TYROSINE                                 ? 'C9 H11 N O3'    181.189 
VAL 'L-peptide linking'          y VALINE                                   ? 'C5 H11 N O2'    117.146 
# 
loop_
_pdbx_chem_comp_identifier.comp_id 
_pdbx_chem_comp_identifier.type 
_pdbx_chem_comp_identifier.program 
_pdbx_chem_comp_identifier.program_version 
_pdbx_chem_comp_identifier.identifier 
NAG 'CONDENSED IUPAC CARBOHYDRATE SYMBOL' GMML     1.0 DGlcpNAcb                      
NAG 'COMMON NAME'                         GMML     1.0 N-acetyl-b-D-glucopyranosamine 
NAG 'IUPAC CARBOHYDRATE SYMBOL'           PDB-CARE 1.0 b-D-GlcpNAc                    
NAG 'SNFG CARBOHYDRATE SYMBOL'            GMML     1.0 GlcNAc                         
# 
loop_
_pdbx_poly_seq_scheme.asym_id 
_pdbx_poly_seq_scheme.entity_id 
_pdbx_poly_seq_scheme.seq_id 
_pdbx_poly_seq_scheme.mon_id 
_pdbx_poly_seq_scheme.ndb_seq_num 
_pdbx_poly_seq_scheme.pdb_seq_num 
_pdbx_poly_seq_scheme.auth_seq_num 
_pdbx_poly_seq_scheme.pdb_mon_id 
_pdbx_poly_seq_scheme.auth_mon_id 
_pdbx_poly_seq_scheme.pdb_strand_id 
_pdbx_poly_seq_scheme.pdb_ins_code 
_pdbx_poly_seq_scheme.hetero 
A 1 1   THR 1   2   ?   ?   ?   A . n 
A 1 2   ASP 2   3   ?   ?   ?   A . n 
A 1 3   LYS 3   4   ?   ?   ?   A . n 
A 1 4   ASN 4   5   ?   ?   ?   A . n 
A 1 5   GLN 5   6   ?   ?   ?   A . n 
A 1 6   THR 6   7   ?   ?   ?   A . n 
A 1 7   THR 7   8   ?   ?   ?   A . n 
A 1 8   GLN 8   9   ?   ?   ?   A . n 
A 1 9   ASN 9   10  ?   ?   ?   A . n 
A 1 10  ASN 10  11  ?   ?   ?   A . n 
A 1 11  SER 11  12  ?   ?   ?   A . n 
A 1 12  SER 12  13  ?   ?   ?   A . n 
A 1 13  SER 13  14  ?   ?   ?   A . n 
A 1 14  PRO 14  15  15  PRO PRO A . n 
A 1 15  LEU 15  16  16  LEU LEU A . n 
A 1 16  THR 16  17  17  THR THR A . n 
A 1 17  GLN 17  18  18  GLN GLN A . n 
A 1 18  VAL 18  19  19  VAL VAL A . n 
A 1 19  ASN 19  20  20  ASN ASN A . n 
A 1 20  THR 20  21  21  THR THR A . n 
A 1 21  THR 21  22  22  THR THR A . n 
A 1 22  VAL 22  23  23  VAL VAL A . n 
A 1 23  SER 23  24  24  SER SER A . n 
A 1 24  VAL 24  25  25  VAL VAL A . n 
A 1 25  GLN 25  26  26  GLN GLN A . n 
A 1 26  ILE 26  27  27  ILE ILE A . n 
A 1 27  GLY 27  28  28  GLY GLY A . n 
A 1 28  THR 28  29  29  THR THR A . n 
A 1 29  LYS 29  30  30  LYS LYS A . n 
A 1 30  ALA 30  31  31  ALA ALA A . n 
A 1 31  LEU 31  32  32  LEU LEU A . n 
A 1 32  LEU 32  33  33  LEU LEU A . n 
A 1 33  CYS 33  34  34  CYS CYS A . n 
A 1 34  CYS 34  35  35  CYS CYS A . n 
A 1 35  PHE 35  36  36  PHE PHE A . n 
A 1 36  SER 36  37  37  SER SER A . n 
A 1 37  ILE 37  38  38  ILE ILE A . n 
A 1 38  PRO 38  39  39  PRO PRO A . n 
A 1 39  LEU 39  40  40  LEU LEU A . n 
A 1 40  THR 40  41  41  THR THR A . n 
A 1 41  LYS 41  42  42  LYS LYS A . n 
A 1 42  ALA 42  43  43  ALA ALA A . n 
A 1 43  VAL 43  44  44  VAL VAL A . n 
A 1 44  LEU 44  45  45  LEU LEU A . n 
A 1 45  ILE 45  46  46  ILE ILE A . n 
A 1 46  THR 46  47  47  THR THR A . n 
A 1 47  TRP 47  48  48  TRP TRP A . n 
A 1 48  ILE 48  49  49  ILE ILE A . n 
A 1 49  ILE 49  50  50  ILE ILE A . n 
A 1 50  LYS 50  51  51  LYS LYS A . n 
A 1 51  LEU 51  52  52  LEU LEU A . n 
A 1 52  ARG 52  53  53  ARG ARG A . n 
A 1 53  GLY 53  54  54  GLY GLY A . n 
A 1 54  LEU 54  55  55  LEU LEU A . n 
A 1 55  PRO 55  56  56  PRO PRO A . n 
A 1 56  SER 56  57  57  SER SER A . n 
A 1 57  CYS 57  58  58  CYS CYS A . n 
A 1 58  THR 58  59  59  THR THR A . n 
A 1 59  ILE 59  60  60  ILE ILE A . n 
A 1 60  ALA 60  61  61  ALA ALA A . n 
A 1 61  TYR 61  62  62  TYR TYR A . n 
A 1 62  LYS 62  63  63  LYS LYS A . n 
A 1 63  VAL 63  64  64  VAL VAL A . n 
A 1 64  ASP 64  65  65  ASP ASP A . n 
A 1 65  THR 65  66  66  THR THR A . n 
A 1 66  LYS 66  67  67  LYS LYS A . n 
A 1 67  THR 67  68  68  THR THR A . n 
A 1 68  ASN 68  69  69  ASN ASN A . n 
A 1 69  GLU 69  70  70  GLU GLU A . n 
A 1 70  THR 70  71  71  THR THR A . n 
A 1 71  SER 71  72  72  SER SER A . n 
A 1 72  CYS 72  73  73  CYS CYS A . n 
A 1 73  LEU 73  74  74  LEU LEU A . n 
A 1 74  GLY 74  75  75  GLY GLY A . n 
A 1 75  ARG 75  76  76  ARG ARG A . n 
A 1 76  ASN 76  77  77  ASN ASN A . n 
A 1 77  ILE 77  78  78  ILE ILE A . n 
A 1 78  THR 78  79  79  THR THR A . n 
A 1 79  TRP 79  80  80  TRP TRP A . n 
A 1 80  ALA 80  81  81  ALA ALA A . n 
A 1 81  SER 81  82  82  SER SER A . n 
A 1 82  THR 82  83  83  THR THR A . n 
A 1 83  PRO 83  84  84  PRO PRO A . n 
A 1 84  ASP 84  85  85  ASP ASP A . n 
A 1 85  HIS 85  86  86  HIS HIS A . n 
A 1 86  SER 86  87  87  SER SER A . n 
A 1 87  PRO 87  88  88  PRO PRO A . n 
A 1 88  GLU 88  89  89  GLU GLU A . n 
A 1 89  LEU 89  90  90  LEU LEU A . n 
A 1 90  GLN 90  91  91  GLN GLN A . n 
A 1 91  ILE 91  92  92  ILE ILE A . n 
A 1 92  SER 92  93  93  SER SER A . n 
A 1 93  ALA 93  94  94  ALA ALA A . n 
A 1 94  VAL 94  95  95  VAL VAL A . n 
A 1 95  THR 95  96  96  THR THR A . n 
A 1 96  LEU 96  97  97  LEU LEU A . n 
A 1 97  GLN 97  98  98  GLN GLN A . n 
A 1 98  HIS 98  99  99  HIS HIS A . n 
A 1 99  GLU 99  100 100 GLU GLU A . n 
A 1 100 GLY 100 101 101 GLY GLY A . n 
A 1 101 THR 101 102 102 THR THR A . n 
A 1 102 TYR 102 103 103 TYR TYR A . n 
A 1 103 THR 103 104 104 THR THR A . n 
A 1 104 CYS 104 105 105 CYS CYS A . n 
A 1 105 GLU 105 106 106 GLU GLU A . n 
A 1 106 THR 106 107 107 THR THR A . n 
A 1 107 VAL 107 108 108 VAL VAL A . n 
A 1 108 THR 108 109 109 THR THR A . n 
A 1 109 PRO 109 110 110 PRO PRO A . n 
A 1 110 GLU 110 111 111 GLU GLU A . n 
A 1 111 GLY 111 112 112 GLY GLY A . n 
A 1 112 ASN 112 113 113 ASN ASN A . n 
A 1 113 PHE 113 114 114 PHE PHE A . n 
A 1 114 GLU 114 115 115 GLU GLU A . n 
A 1 115 LYS 115 116 116 LYS LYS A . n 
A 1 116 ASN 116 117 117 ASN ASN A . n 
A 1 117 TYR 117 118 118 TYR TYR A . n 
A 1 118 ASP 118 119 119 ASP ASP A . n 
A 1 119 LEU 119 120 120 LEU LEU A . n 
A 1 120 GLN 120 121 121 GLN GLN A . n 
A 1 121 VAL 121 122 122 VAL VAL A . n 
A 1 122 LEU 122 123 123 LEU LEU A . n 
A 1 123 VAL 123 124 124 VAL VAL A . n 
A 1 124 PRO 124 125 125 PRO PRO A . n 
A 1 125 PRO 125 126 126 PRO PRO A . n 
A 1 126 GLU 126 127 127 GLU GLU A . n 
A 1 127 VAL 127 128 128 VAL VAL A . n 
A 1 128 THR 128 129 129 THR THR A . n 
A 1 129 TYR 129 130 130 TYR TYR A . n 
A 1 130 PHE 130 131 131 PHE PHE A . n 
A 1 131 PRO 131 132 132 PRO PRO A . n 
A 1 132 GLU 132 133 133 GLU GLU A . n 
A 1 133 LYS 133 134 134 LYS LYS A . n 
A 1 134 ASN 134 135 135 ASN ASN A . n 
A 1 135 ARG 135 136 136 ARG ARG A . n 
A 1 136 SER 136 137 137 SER SER A . n 
A 1 137 ALA 137 138 138 ALA ALA A . n 
A 1 138 VAL 138 139 139 VAL VAL A . n 
A 1 139 CYS 139 140 140 CYS CYS A . n 
A 1 140 GLU 140 141 141 GLU GLU A . n 
A 1 141 ALA 141 142 142 ALA ALA A . n 
A 1 142 MET 142 143 143 MET MET A . n 
A 1 143 ALA 143 144 144 ALA ALA A . n 
A 1 144 GLY 144 145 145 GLY GLY A . n 
A 1 145 LYS 145 146 146 LYS LYS A . n 
A 1 146 PRO 146 147 147 PRO PRO A . n 
A 1 147 ALA 147 148 148 ALA ALA A . n 
A 1 148 ALA 148 149 149 ALA ALA A . n 
A 1 149 GLN 149 150 150 GLN GLN A . n 
A 1 150 ILE 150 151 151 ILE ILE A . n 
A 1 151 SER 151 152 152 SER SER A . n 
A 1 152 TRP 152 153 153 TRP TRP A . n 
A 1 153 SER 153 154 154 SER SER A . n 
A 1 154 PRO 154 155 155 PRO PRO A . n 
A 1 155 ASP 155 156 156 ASP ASP A . n 
A 1 156 GLY 156 157 157 GLY GLY A . n 
A 1 157 ASP 157 158 158 ASP ASP A . n 
A 1 158 CYS 158 159 159 CYS CYS A . n 
A 1 159 VAL 159 160 160 VAL VAL A . n 
A 1 160 THR 160 161 161 THR THR A . n 
A 1 161 THR 161 162 162 THR THR A . n 
A 1 162 SER 162 163 163 SER SER A . n 
A 1 163 GLU 163 164 164 GLU GLU A . n 
A 1 164 SER 164 165 165 SER SER A . n 
A 1 165 HIS 165 166 166 HIS HIS A . n 
A 1 166 SER 166 167 167 SER SER A . n 
A 1 167 ASN 167 168 168 ASN ASN A . n 
A 1 168 GLY 168 169 169 GLY GLY A . n 
A 1 169 THR 169 170 170 THR THR A . n 
A 1 170 VAL 170 171 171 VAL VAL A . n 
A 1 171 THR 171 172 172 THR THR A . n 
A 1 172 VAL 172 173 173 VAL VAL A . n 
A 1 173 ARG 173 174 174 ARG ARG A . n 
A 1 174 SER 174 175 175 SER SER A . n 
A 1 175 THR 175 176 176 THR THR A . n 
A 1 176 CYS 176 177 177 CYS CYS A . n 
A 1 177 HIS 177 178 178 HIS HIS A . n 
A 1 178 TRP 178 179 179 TRP TRP A . n 
A 1 179 GLU 179 180 180 GLU GLU A . n 
A 1 180 GLN 180 181 181 GLN GLN A . n 
A 1 181 ASN 181 182 182 ASN ASN A . n 
A 1 182 ASN 182 183 183 ASN ASN A . n 
A 1 183 VAL 183 184 184 VAL VAL A . n 
A 1 184 SER 184 185 185 SER SER A . n 
A 1 185 ASP 185 186 186 ASP ASP A . n 
A 1 186 VAL 186 187 187 VAL VAL A . n 
A 1 187 SER 187 188 188 SER SER A . n 
A 1 188 CYS 188 189 189 CYS CYS A . n 
A 1 189 ILE 189 190 190 ILE ILE A . n 
A 1 190 VAL 190 191 191 VAL VAL A . n 
A 1 191 SER 191 192 192 SER SER A . n 
A 1 192 HIS 192 193 193 HIS HIS A . n 
A 1 193 LEU 193 194 194 LEU LEU A . n 
A 1 194 THR 194 195 195 THR THR A . n 
A 1 195 GLY 195 196 196 GLY GLY A . n 
A 1 196 ASN 196 197 197 ASN ASN A . n 
A 1 197 GLN 197 198 198 GLN GLN A . n 
A 1 198 SER 198 199 199 SER SER A . n 
A 1 199 LEU 199 200 200 LEU LEU A . n 
A 1 200 SER 200 201 201 SER SER A . n 
A 1 201 ILE 201 202 202 ILE ILE A . n 
A 1 202 GLU 202 203 203 GLU GLU A . n 
A 1 203 LEU 203 204 204 LEU LEU A . n 
A 1 204 GLY 204 205 ?   ?   ?   A . n 
A 1 205 ARG 205 206 ?   ?   ?   A . n 
A 1 206 GLY 206 207 ?   ?   ?   A . n 
A 1 207 GLY 207 208 ?   ?   ?   A . n 
A 1 208 SER 208 209 ?   ?   ?   A . n 
A 1 209 THR 209 210 ?   ?   ?   A . n 
A 1 210 ARG 210 211 ?   ?   ?   A . n 
A 1 211 HIS 211 212 ?   ?   ?   A . n 
A 1 212 HIS 212 213 ?   ?   ?   A . n 
A 1 213 HIS 213 214 ?   ?   ?   A . n 
A 1 214 HIS 214 215 ?   ?   ?   A . n 
A 1 215 HIS 215 216 ?   ?   ?   A . n 
A 1 216 HIS 216 217 ?   ?   ?   A . n 
# 
loop_
_pdbx_nonpoly_scheme.asym_id 
_pdbx_nonpoly_scheme.entity_id 
_pdbx_nonpoly_scheme.mon_id 
_pdbx_nonpoly_scheme.ndb_seq_num 
_pdbx_nonpoly_scheme.pdb_seq_num 
_pdbx_nonpoly_scheme.auth_seq_num 
_pdbx_nonpoly_scheme.pdb_mon_id 
_pdbx_nonpoly_scheme.auth_mon_id 
_pdbx_nonpoly_scheme.pdb_strand_id 
_pdbx_nonpoly_scheme.pdb_ins_code 
B 2 NAG 1   690  690  NAG NAG A . 
C 3 ACT 1   1205 1205 ACT ACT A . 
D 3 ACT 1   1206 1206 ACT ACT A . 
E 4 AZI 1   1207 1207 AZI AZI A . 
F 5 CYS 1   1208 1208 CYS CYS A . 
G 2 NAG 1   1680 1680 NAG NAG A . 
H 2 NAG 1   2000 2000 NAG NAG A . 
I 6 HOH 1   2001 2001 HOH HOH A . 
I 6 HOH 2   2002 2002 HOH HOH A . 
I 6 HOH 3   2003 2003 HOH HOH A . 
I 6 HOH 4   2004 2004 HOH HOH A . 
I 6 HOH 5   2005 2005 HOH HOH A . 
I 6 HOH 6   2006 2006 HOH HOH A . 
I 6 HOH 7   2007 2007 HOH HOH A . 
I 6 HOH 8   2008 2008 HOH HOH A . 
I 6 HOH 9   2009 2009 HOH HOH A . 
I 6 HOH 10  2010 2010 HOH HOH A . 
I 6 HOH 11  2011 2011 HOH HOH A . 
I 6 HOH 12  2012 2012 HOH HOH A . 
I 6 HOH 13  2013 2013 HOH HOH A . 
I 6 HOH 14  2014 2014 HOH HOH A . 
I 6 HOH 15  2015 2015 HOH HOH A . 
I 6 HOH 16  2016 2016 HOH HOH A . 
I 6 HOH 17  2017 2017 HOH HOH A . 
I 6 HOH 18  2018 2018 HOH HOH A . 
I 6 HOH 19  2019 2019 HOH HOH A . 
I 6 HOH 20  2020 2020 HOH HOH A . 
I 6 HOH 21  2021 2021 HOH HOH A . 
I 6 HOH 22  2022 2022 HOH HOH A . 
I 6 HOH 23  2023 2023 HOH HOH A . 
I 6 HOH 24  2024 2024 HOH HOH A . 
I 6 HOH 25  2025 2025 HOH HOH A . 
I 6 HOH 26  2026 2026 HOH HOH A . 
I 6 HOH 27  2027 2027 HOH HOH A . 
I 6 HOH 28  2028 2028 HOH HOH A . 
I 6 HOH 29  2029 2029 HOH HOH A . 
I 6 HOH 30  2030 2030 HOH HOH A . 
I 6 HOH 31  2031 2031 HOH HOH A . 
I 6 HOH 32  2032 2032 HOH HOH A . 
I 6 HOH 33  2033 2033 HOH HOH A . 
I 6 HOH 34  2034 2034 HOH HOH A . 
I 6 HOH 35  2035 2035 HOH HOH A . 
I 6 HOH 36  2036 2036 HOH HOH A . 
I 6 HOH 37  2037 2037 HOH HOH A . 
I 6 HOH 38  2038 2038 HOH HOH A . 
I 6 HOH 39  2039 2039 HOH HOH A . 
I 6 HOH 40  2040 2040 HOH HOH A . 
I 6 HOH 41  2041 2041 HOH HOH A . 
I 6 HOH 42  2042 2042 HOH HOH A . 
I 6 HOH 43  2043 2043 HOH HOH A . 
I 6 HOH 44  2044 2044 HOH HOH A . 
I 6 HOH 45  2045 2045 HOH HOH A . 
I 6 HOH 46  2046 2046 HOH HOH A . 
I 6 HOH 47  2047 2047 HOH HOH A . 
I 6 HOH 48  2048 2048 HOH HOH A . 
I 6 HOH 49  2049 2049 HOH HOH A . 
I 6 HOH 50  2050 2050 HOH HOH A . 
I 6 HOH 51  2051 2051 HOH HOH A . 
I 6 HOH 52  2052 2052 HOH HOH A . 
I 6 HOH 53  2053 2053 HOH HOH A . 
I 6 HOH 54  2054 2054 HOH HOH A . 
I 6 HOH 55  2055 2055 HOH HOH A . 
I 6 HOH 56  2056 2056 HOH HOH A . 
I 6 HOH 57  2057 2057 HOH HOH A . 
I 6 HOH 58  2058 2058 HOH HOH A . 
I 6 HOH 59  2059 2059 HOH HOH A . 
I 6 HOH 60  2060 2060 HOH HOH A . 
I 6 HOH 61  2061 2061 HOH HOH A . 
I 6 HOH 62  2062 2062 HOH HOH A . 
I 6 HOH 63  2063 2063 HOH HOH A . 
I 6 HOH 64  2064 2064 HOH HOH A . 
I 6 HOH 65  2065 2065 HOH HOH A . 
I 6 HOH 66  2066 2066 HOH HOH A . 
I 6 HOH 67  2067 2067 HOH HOH A . 
I 6 HOH 68  2068 2068 HOH HOH A . 
I 6 HOH 69  2069 2069 HOH HOH A . 
I 6 HOH 70  2070 2070 HOH HOH A . 
I 6 HOH 71  2071 2071 HOH HOH A . 
I 6 HOH 72  2072 2072 HOH HOH A . 
I 6 HOH 73  2073 2073 HOH HOH A . 
I 6 HOH 74  2074 2074 HOH HOH A . 
I 6 HOH 75  2075 2075 HOH HOH A . 
I 6 HOH 76  2076 2076 HOH HOH A . 
I 6 HOH 77  2077 2077 HOH HOH A . 
I 6 HOH 78  2078 2078 HOH HOH A . 
I 6 HOH 79  2079 2079 HOH HOH A . 
I 6 HOH 80  2080 2080 HOH HOH A . 
I 6 HOH 81  2081 2081 HOH HOH A . 
I 6 HOH 82  2082 2082 HOH HOH A . 
I 6 HOH 83  2083 2083 HOH HOH A . 
I 6 HOH 84  2084 2084 HOH HOH A . 
I 6 HOH 85  2085 2085 HOH HOH A . 
I 6 HOH 86  2086 2086 HOH HOH A . 
I 6 HOH 87  2087 2087 HOH HOH A . 
I 6 HOH 88  2088 2088 HOH HOH A . 
I 6 HOH 89  2089 2089 HOH HOH A . 
I 6 HOH 90  2090 2090 HOH HOH A . 
I 6 HOH 91  2091 2091 HOH HOH A . 
I 6 HOH 92  2092 2092 HOH HOH A . 
I 6 HOH 93  2093 2093 HOH HOH A . 
I 6 HOH 94  2094 2094 HOH HOH A . 
I 6 HOH 95  2095 2095 HOH HOH A . 
I 6 HOH 96  2096 2096 HOH HOH A . 
I 6 HOH 97  2097 2097 HOH HOH A . 
I 6 HOH 98  2098 2098 HOH HOH A . 
I 6 HOH 99  2099 2099 HOH HOH A . 
I 6 HOH 100 2100 2100 HOH HOH A . 
I 6 HOH 101 2101 2101 HOH HOH A . 
I 6 HOH 102 2102 2102 HOH HOH A . 
I 6 HOH 103 2103 2103 HOH HOH A . 
I 6 HOH 104 2104 2104 HOH HOH A . 
I 6 HOH 105 2105 2105 HOH HOH A . 
I 6 HOH 106 2106 2106 HOH HOH A . 
I 6 HOH 107 2107 2107 HOH HOH A . 
I 6 HOH 108 2108 2108 HOH HOH A . 
I 6 HOH 109 2109 2109 HOH HOH A . 
I 6 HOH 110 2110 2110 HOH HOH A . 
I 6 HOH 111 2111 2111 HOH HOH A . 
I 6 HOH 112 2112 2112 HOH HOH A . 
I 6 HOH 113 2113 2113 HOH HOH A . 
I 6 HOH 114 2114 2114 HOH HOH A . 
I 6 HOH 115 2115 2115 HOH HOH A . 
I 6 HOH 116 2116 2116 HOH HOH A . 
I 6 HOH 117 2117 2117 HOH HOH A . 
I 6 HOH 118 2118 2118 HOH HOH A . 
I 6 HOH 119 2119 2119 HOH HOH A . 
I 6 HOH 120 2120 2120 HOH HOH A . 
I 6 HOH 121 2121 2121 HOH HOH A . 
I 6 HOH 122 2122 2122 HOH HOH A . 
I 6 HOH 123 2123 2123 HOH HOH A . 
I 6 HOH 124 2124 2124 HOH HOH A . 
I 6 HOH 125 2125 2125 HOH HOH A . 
I 6 HOH 126 2126 2126 HOH HOH A . 
I 6 HOH 127 2127 2127 HOH HOH A . 
I 6 HOH 128 2128 2128 HOH HOH A . 
I 6 HOH 129 2129 2129 HOH HOH A . 
I 6 HOH 130 2130 2130 HOH HOH A . 
I 6 HOH 131 2131 2131 HOH HOH A . 
I 6 HOH 132 2132 2132 HOH HOH A . 
I 6 HOH 133 2133 2133 HOH HOH A . 
I 6 HOH 134 2134 2134 HOH HOH A . 
I 6 HOH 135 2135 2135 HOH HOH A . 
I 6 HOH 136 2136 2136 HOH HOH A . 
I 6 HOH 137 2137 2137 HOH HOH A . 
I 6 HOH 138 2138 2138 HOH HOH A . 
I 6 HOH 139 2139 2139 HOH HOH A . 
I 6 HOH 140 2140 2140 HOH HOH A . 
I 6 HOH 141 2141 2141 HOH HOH A . 
I 6 HOH 142 2142 2142 HOH HOH A . 
I 6 HOH 143 2143 2143 HOH HOH A . 
I 6 HOH 144 2144 2144 HOH HOH A . 
I 6 HOH 145 2145 2145 HOH HOH A . 
I 6 HOH 146 2146 2146 HOH HOH A . 
I 6 HOH 147 2147 2147 HOH HOH A . 
I 6 HOH 148 2148 2148 HOH HOH A . 
# 
loop_
_software.name 
_software.classification 
_software.version 
_software.citation_id 
_software.pdbx_ordinal 
BUSTER refinement       2.11.2 ? 1 
XDS    'data reduction' .      ? 2 
XSCALE 'data scaling'   .      ? 3 
MOLREP phasing          .      ? 4 
# 
_cell.entry_id           4BFG 
_cell.length_a           51.970 
_cell.length_b           51.970 
_cell.length_c           175.420 
_cell.angle_alpha        90.00 
_cell.angle_beta         90.00 
_cell.angle_gamma        90.00 
_cell.Z_PDB              8 
_cell.pdbx_unique_axis   ? 
# 
_symmetry.entry_id                         4BFG 
_symmetry.space_group_name_H-M             'P 41 21 2' 
_symmetry.pdbx_full_space_group_name_H-M   ? 
_symmetry.cell_setting                     ? 
_symmetry.Int_Tables_number                92 
# 
_exptl.entry_id          4BFG 
_exptl.method            'X-RAY DIFFRACTION' 
_exptl.crystals_number   1 
# 
_exptl_crystal.id                    1 
_exptl_crystal.density_meas          ? 
_exptl_crystal.density_Matthews      2.25 
_exptl_crystal.density_percent_sol   45 
_exptl_crystal.description           NONE 
# 
_exptl_crystal_grow.crystal_id      1 
_exptl_crystal_grow.method          ? 
_exptl_crystal_grow.temp            ? 
_exptl_crystal_grow.temp_details    ? 
_exptl_crystal_grow.pH              4 
_exptl_crystal_grow.pdbx_pH_range   ? 
_exptl_crystal_grow.pdbx_details    '15% PEG4000, 0.1M SODIUM ACETATE, 0.2M AMMONIUM ACETATE' 
# 
_diffrn.id                     1 
_diffrn.ambient_temp           100 
_diffrn.ambient_temp_details   ? 
_diffrn.crystal_id             1 
# 
_diffrn_detector.diffrn_id              1 
_diffrn_detector.detector               CCD 
_diffrn_detector.type                   'ADSC CCD' 
_diffrn_detector.pdbx_collection_date   2011-12-12 
_diffrn_detector.details                ? 
# 
_diffrn_radiation.diffrn_id                        1 
_diffrn_radiation.wavelength_id                    1 
_diffrn_radiation.pdbx_monochromatic_or_laue_m_l   M 
_diffrn_radiation.monochromator                    ? 
_diffrn_radiation.pdbx_diffrn_protocol             'SINGLE WAVELENGTH' 
_diffrn_radiation.pdbx_scattering_type             x-ray 
# 
_diffrn_radiation_wavelength.id           1 
_diffrn_radiation_wavelength.wavelength   0.9795 
_diffrn_radiation_wavelength.wt           1.0 
# 
_diffrn_source.diffrn_id                   1 
_diffrn_source.source                      SYNCHROTRON 
_diffrn_source.type                        'DIAMOND BEAMLINE I04' 
_diffrn_source.pdbx_synchrotron_site       Diamond 
_diffrn_source.pdbx_synchrotron_beamline   I04 
_diffrn_source.pdbx_wavelength             0.9795 
_diffrn_source.pdbx_wavelength_list        ? 
# 
_reflns.pdbx_diffrn_id               1 
_reflns.pdbx_ordinal                 1 
_reflns.entry_id                     4BFG 
_reflns.observed_criterion_sigma_I   2.0 
_reflns.observed_criterion_sigma_F   ? 
_reflns.d_resolution_low             38.84 
_reflns.d_resolution_high            2.08 
_reflns.number_obs                   15423 
_reflns.number_all                   ? 
_reflns.percent_possible_obs         99.8 
_reflns.pdbx_Rmerge_I_obs            0.08 
_reflns.pdbx_Rsym_value              ? 
_reflns.pdbx_netI_over_sigmaI        16.80 
_reflns.B_iso_Wilson_estimate        34.49 
_reflns.pdbx_redundancy              7.5 
# 
_reflns_shell.pdbx_diffrn_id         1 
_reflns_shell.pdbx_ordinal           1 
_reflns_shell.d_res_high             2.08 
_reflns_shell.d_res_low              2.13 
_reflns_shell.percent_possible_all   99.5 
_reflns_shell.Rmerge_I_obs           0.74 
_reflns_shell.pdbx_Rsym_value        ? 
_reflns_shell.meanI_over_sigI_obs    3.10 
_reflns_shell.pdbx_redundancy        7.3 
# 
_refine.pdbx_refine_id                           'X-RAY DIFFRACTION' 
_refine.entry_id                                 4BFG 
_refine.pdbx_diffrn_id                           1 
_refine.pdbx_TLS_residual_ADP_flag               ? 
_refine.ls_number_reflns_obs                     15182 
_refine.ls_number_reflns_all                     ? 
_refine.pdbx_ls_sigma_I                          ? 
_refine.pdbx_ls_sigma_F                          0.0 
_refine.pdbx_data_cutoff_high_absF               ? 
_refine.pdbx_data_cutoff_low_absF                ? 
_refine.pdbx_data_cutoff_high_rms_absF           ? 
_refine.ls_d_res_low                             15.00 
_refine.ls_d_res_high                            2.08 
_refine.ls_percent_reflns_obs                    99.86 
_refine.ls_R_factor_obs                          0.2001 
_refine.ls_R_factor_all                          ? 
_refine.ls_R_factor_R_work                       0.1984 
_refine.ls_R_factor_R_free                       0.2316 
_refine.ls_R_factor_R_free_error                 ? 
_refine.ls_R_factor_R_free_error_details         ? 
_refine.ls_percent_reflns_R_free                 4.99 
_refine.ls_number_reflns_R_free                  758 
_refine.ls_number_parameters                     ? 
_refine.ls_number_restraints                     ? 
_refine.occupancy_min                            ? 
_refine.occupancy_max                            ? 
_refine.correlation_coeff_Fo_to_Fc               0.9380 
_refine.correlation_coeff_Fo_to_Fc_free          0.9204 
_refine.B_iso_mean                               39.80 
_refine.aniso_B[1][1]                            -5.6032 
_refine.aniso_B[2][2]                            -5.6032 
_refine.aniso_B[3][3]                            11.2064 
_refine.aniso_B[1][2]                            0.0000 
_refine.aniso_B[1][3]                            0.0000 
_refine.aniso_B[2][3]                            0.0000 
_refine.solvent_model_details                    ? 
_refine.solvent_model_param_ksol                 ? 
_refine.solvent_model_param_bsol                 ? 
_refine.pdbx_solvent_vdw_probe_radii             ? 
_refine.pdbx_solvent_ion_probe_radii             ? 
_refine.pdbx_solvent_shrinkage_radii             ? 
_refine.pdbx_ls_cross_valid_method               THROUGHOUT 
_refine.details                                  ? 
_refine.pdbx_starting_model                      'PDB ENTRY 4BFE' 
_refine.pdbx_method_to_determine_struct          'MOLECULAR REPLACEMENT' 
_refine.pdbx_isotropic_thermal_model             ? 
_refine.pdbx_stereochemistry_target_values       ? 
_refine.pdbx_stereochem_target_val_spec_case     ? 
_refine.pdbx_R_Free_selection_details            RANDOM 
_refine.pdbx_overall_ESU_R                       ? 
_refine.pdbx_overall_ESU_R_Free                  ? 
_refine.overall_SU_ML                            ? 
_refine.pdbx_overall_phase_error                 ? 
_refine.overall_SU_B                             ? 
_refine.overall_SU_R_Cruickshank_DPI             0.182 
_refine.pdbx_overall_SU_R_free_Cruickshank_DPI   0.159 
_refine.pdbx_overall_SU_R_Blow_DPI               0.204 
_refine.pdbx_overall_SU_R_free_Blow_DPI          0.168 
# 
_refine_analyze.pdbx_refine_id                  'X-RAY DIFFRACTION' 
_refine_analyze.entry_id                        4BFG 
_refine_analyze.Luzzati_coordinate_error_obs    0.275 
_refine_analyze.Luzzati_sigma_a_obs             ? 
_refine_analyze.Luzzati_d_res_low_obs           ? 
_refine_analyze.Luzzati_coordinate_error_free   ? 
_refine_analyze.Luzzati_sigma_a_free            ? 
_refine_analyze.Luzzati_d_res_low_free          ? 
_refine_analyze.number_disordered_residues      ? 
_refine_analyze.occupancy_sum_hydrogen          ? 
_refine_analyze.occupancy_sum_non_hydrogen      ? 
# 
_refine_hist.pdbx_refine_id                   'X-RAY DIFFRACTION' 
_refine_hist.cycle_id                         LAST 
_refine_hist.pdbx_number_atoms_protein        1445 
_refine_hist.pdbx_number_atoms_nucleic_acid   0 
_refine_hist.pdbx_number_atoms_ligand         60 
_refine_hist.number_atoms_solvent             148 
_refine_hist.number_atoms_total               1653 
_refine_hist.d_res_high                       2.08 
_refine_hist.d_res_low                        15.00 
# 
loop_
_refine_ls_restr.type 
_refine_ls_restr.dev_ideal 
_refine_ls_restr.dev_ideal_target 
_refine_ls_restr.weight 
_refine_ls_restr.number 
_refine_ls_restr.pdbx_refine_id 
_refine_ls_restr.pdbx_restraint_function 
t_bond_d                  0.010 ? 2.00  1554 'X-RAY DIFFRACTION' HARMONIC     
t_angle_deg               1.32  ? 2.00  2134 'X-RAY DIFFRACTION' HARMONIC     
t_dihedral_angle_d        ?     ? 2.00  525  'X-RAY DIFFRACTION' SINUSOIDAL   
t_incorr_chiral_ct        ?     ? ?     ?    'X-RAY DIFFRACTION' ?            
t_pseud_angle             ?     ? ?     ?    'X-RAY DIFFRACTION' ?            
t_trig_c_planes           ?     ? 2.00  38   'X-RAY DIFFRACTION' HARMONIC     
t_gen_planes              ?     ? 5.00  225  'X-RAY DIFFRACTION' HARMONIC     
t_it                      ?     ? 20.00 1554 'X-RAY DIFFRACTION' HARMONIC     
t_nbd                     ?     ? ?     ?    'X-RAY DIFFRACTION' ?            
t_omega_torsion           3.97  ? ?     ?    'X-RAY DIFFRACTION' ?            
t_other_torsion           17.00 ? ?     ?    'X-RAY DIFFRACTION' ?            
t_improper_torsion        ?     ? ?     ?    'X-RAY DIFFRACTION' ?            
t_chiral_improper_torsion ?     ? 5.00  234  'X-RAY DIFFRACTION' SEMIHARMONIC 
t_sum_occupancies         ?     ? ?     ?    'X-RAY DIFFRACTION' ?            
t_utility_distance        ?     ? ?     ?    'X-RAY DIFFRACTION' ?            
t_utility_angle           ?     ? ?     ?    'X-RAY DIFFRACTION' ?            
t_utility_torsion         ?     ? ?     ?    'X-RAY DIFFRACTION' ?            
t_ideal_dist_contact      ?     ? 4.00  1791 'X-RAY DIFFRACTION' SEMIHARMONIC 
# 
_refine_ls_shell.pdbx_refine_id                   'X-RAY DIFFRACTION' 
_refine_ls_shell.pdbx_total_number_of_bins_used   8 
_refine_ls_shell.d_res_high                       2.08 
_refine_ls_shell.d_res_low                        2.22 
_refine_ls_shell.number_reflns_R_work             2532 
_refine_ls_shell.R_factor_R_work                  0.2364 
_refine_ls_shell.percent_reflns_obs               99.86 
_refine_ls_shell.R_factor_R_free                  0.2696 
_refine_ls_shell.R_factor_R_free_error            ? 
_refine_ls_shell.percent_reflns_R_free            4.70 
_refine_ls_shell.number_reflns_R_free             125 
_refine_ls_shell.number_reflns_all                2657 
_refine_ls_shell.R_factor_all                     0.2380 
# 
_struct.entry_id                  4BFG 
_struct.title                     'Structure of the extracellular portion of mouse CD200R' 
_struct.pdbx_model_details        ? 
_struct.pdbx_CASP_flag            ? 
_struct.pdbx_model_type_details   ? 
# 
_struct_keywords.entry_id        4BFG 
_struct_keywords.pdbx_keywords   'IMMUNE SYSTEM' 
_struct_keywords.text            'IMMUNE SYSTEM, PAIRED RECEPTOR, IG DOMAINS, VIRAL MIMICRY, LEUKAEMIA' 
# 
loop_
_struct_asym.id 
_struct_asym.pdbx_blank_PDB_chainid_flag 
_struct_asym.pdbx_modified 
_struct_asym.entity_id 
_struct_asym.details 
A N N 1 ? 
B N N 2 ? 
C N N 3 ? 
D N N 3 ? 
E N N 4 ? 
F N N 5 ? 
G N N 2 ? 
H N N 2 ? 
I N N 6 ? 
# 
_struct_ref.id                         1 
_struct_ref.db_name                    UNP 
_struct_ref.db_code                    MO2R1_MOUSE 
_struct_ref.entity_id                  1 
_struct_ref.pdbx_seq_one_letter_code   ? 
_struct_ref.pdbx_align_begin           ? 
_struct_ref.pdbx_db_accession          Q9ES57 
_struct_ref.pdbx_db_isoform            ? 
# 
_struct_ref_seq.align_id                      1 
_struct_ref_seq.ref_id                        1 
_struct_ref_seq.pdbx_PDB_id_code              4BFG 
_struct_ref_seq.pdbx_strand_id                A 
_struct_ref_seq.seq_align_beg                 1 
_struct_ref_seq.pdbx_seq_align_beg_ins_code   ? 
_struct_ref_seq.seq_align_end                 203 
_struct_ref_seq.pdbx_seq_align_end_ins_code   ? 
_struct_ref_seq.pdbx_db_accession             Q9ES57 
_struct_ref_seq.db_align_beg                  26 
_struct_ref_seq.pdbx_db_align_beg_ins_code    ? 
_struct_ref_seq.db_align_end                  228 
_struct_ref_seq.pdbx_db_align_end_ins_code    ? 
_struct_ref_seq.pdbx_auth_seq_align_beg       2 
_struct_ref_seq.pdbx_auth_seq_align_end       204 
# 
loop_
_struct_ref_seq_dif.align_id 
_struct_ref_seq_dif.pdbx_pdb_id_code 
_struct_ref_seq_dif.mon_id 
_struct_ref_seq_dif.pdbx_pdb_strand_id 
_struct_ref_seq_dif.seq_num 
_struct_ref_seq_dif.pdbx_pdb_ins_code 
_struct_ref_seq_dif.pdbx_seq_db_name 
_struct_ref_seq_dif.pdbx_seq_db_accession_code 
_struct_ref_seq_dif.db_mon_id 
_struct_ref_seq_dif.pdbx_seq_db_seq_num 
_struct_ref_seq_dif.details 
_struct_ref_seq_dif.pdbx_auth_seq_num 
_struct_ref_seq_dif.pdbx_ordinal 
1 4BFG GLY A 204 ? UNP Q9ES57 ? ? 'expression tag' 205 1  
1 4BFG ARG A 205 ? UNP Q9ES57 ? ? 'expression tag' 206 2  
1 4BFG GLY A 206 ? UNP Q9ES57 ? ? 'expression tag' 207 3  
1 4BFG GLY A 207 ? UNP Q9ES57 ? ? 'expression tag' 208 4  
1 4BFG SER A 208 ? UNP Q9ES57 ? ? 'expression tag' 209 5  
1 4BFG THR A 209 ? UNP Q9ES57 ? ? 'expression tag' 210 6  
1 4BFG ARG A 210 ? UNP Q9ES57 ? ? 'expression tag' 211 7  
1 4BFG HIS A 211 ? UNP Q9ES57 ? ? 'expression tag' 212 8  
1 4BFG HIS A 212 ? UNP Q9ES57 ? ? 'expression tag' 213 9  
1 4BFG HIS A 213 ? UNP Q9ES57 ? ? 'expression tag' 214 10 
1 4BFG HIS A 214 ? UNP Q9ES57 ? ? 'expression tag' 215 11 
1 4BFG HIS A 215 ? UNP Q9ES57 ? ? 'expression tag' 216 12 
1 4BFG HIS A 216 ? UNP Q9ES57 ? ? 'expression tag' 217 13 
# 
_pdbx_struct_assembly.id                   1 
_pdbx_struct_assembly.details              author_and_software_defined_assembly 
_pdbx_struct_assembly.method_details       PISA 
_pdbx_struct_assembly.oligomeric_details   monomeric 
_pdbx_struct_assembly.oligomeric_count     1 
# 
_pdbx_struct_assembly_gen.assembly_id       1 
_pdbx_struct_assembly_gen.oper_expression   1 
_pdbx_struct_assembly_gen.asym_id_list      A,B,C,D,E,F,G,H,I 
# 
_pdbx_struct_oper_list.id                   1 
_pdbx_struct_oper_list.type                 'identity operation' 
_pdbx_struct_oper_list.name                 1_555 
_pdbx_struct_oper_list.symmetry_operation   x,y,z 
_pdbx_struct_oper_list.matrix[1][1]         1.0000000000 
_pdbx_struct_oper_list.matrix[1][2]         0.0000000000 
_pdbx_struct_oper_list.matrix[1][3]         0.0000000000 
_pdbx_struct_oper_list.vector[1]            0.0000000000 
_pdbx_struct_oper_list.matrix[2][1]         0.0000000000 
_pdbx_struct_oper_list.matrix[2][2]         1.0000000000 
_pdbx_struct_oper_list.matrix[2][3]         0.0000000000 
_pdbx_struct_oper_list.vector[2]            0.0000000000 
_pdbx_struct_oper_list.matrix[3][1]         0.0000000000 
_pdbx_struct_oper_list.matrix[3][2]         0.0000000000 
_pdbx_struct_oper_list.matrix[3][3]         1.0000000000 
_pdbx_struct_oper_list.vector[3]            0.0000000000 
# 
_struct_biol.id   1 
# 
_struct_conf.conf_type_id            HELX_P 
_struct_conf.id                      HELX_P1 
_struct_conf.pdbx_PDB_helix_id       1 
_struct_conf.beg_label_comp_id       THR 
_struct_conf.beg_label_asym_id       A 
_struct_conf.beg_label_seq_id        95 
_struct_conf.pdbx_beg_PDB_ins_code   ? 
_struct_conf.end_label_comp_id       HIS 
_struct_conf.end_label_asym_id       A 
_struct_conf.end_label_seq_id        98 
_struct_conf.pdbx_end_PDB_ins_code   ? 
_struct_conf.beg_auth_comp_id        THR 
_struct_conf.beg_auth_asym_id        A 
_struct_conf.beg_auth_seq_id         96 
_struct_conf.end_auth_comp_id        HIS 
_struct_conf.end_auth_asym_id        A 
_struct_conf.end_auth_seq_id         99 
_struct_conf.pdbx_PDB_helix_class    5 
_struct_conf.details                 ? 
_struct_conf.pdbx_PDB_helix_length   4 
# 
_struct_conf_type.id          HELX_P 
_struct_conf_type.criteria    ? 
_struct_conf_type.reference   ? 
# 
loop_
_struct_conn.id 
_struct_conn.conn_type_id 
_struct_conn.pdbx_leaving_atom_flag 
_struct_conn.pdbx_PDB_id 
_struct_conn.ptnr1_label_asym_id 
_struct_conn.ptnr1_label_comp_id 
_struct_conn.ptnr1_label_seq_id 
_struct_conn.ptnr1_label_atom_id 
_struct_conn.pdbx_ptnr1_label_alt_id 
_struct_conn.pdbx_ptnr1_PDB_ins_code 
_struct_conn.pdbx_ptnr1_standard_comp_id 
_struct_conn.ptnr1_symmetry 
_struct_conn.ptnr2_label_asym_id 
_struct_conn.ptnr2_label_comp_id 
_struct_conn.ptnr2_label_seq_id 
_struct_conn.ptnr2_label_atom_id 
_struct_conn.pdbx_ptnr2_label_alt_id 
_struct_conn.pdbx_ptnr2_PDB_ins_code 
_struct_conn.ptnr1_auth_asym_id 
_struct_conn.ptnr1_auth_comp_id 
_struct_conn.ptnr1_auth_seq_id 
_struct_conn.ptnr2_auth_asym_id 
_struct_conn.ptnr2_auth_comp_id 
_struct_conn.ptnr2_auth_seq_id 
_struct_conn.ptnr2_symmetry 
_struct_conn.pdbx_ptnr3_label_atom_id 
_struct_conn.pdbx_ptnr3_label_seq_id 
_struct_conn.pdbx_ptnr3_label_comp_id 
_struct_conn.pdbx_ptnr3_label_asym_id 
_struct_conn.pdbx_ptnr3_label_alt_id 
_struct_conn.pdbx_ptnr3_PDB_ins_code 
_struct_conn.details 
_struct_conn.pdbx_dist_value 
_struct_conn.pdbx_value_order 
_struct_conn.pdbx_role 
disulf1 disulf ?   ? A CYS 33  SG  ? ? ? 1_555 F CYS .   SG ? ? A CYS 34  A CYS 1208 1_555 ? ? ? ? ? ? ? 2.028 ? ?               
disulf2 disulf ?   ? A CYS 34  SG  ? ? ? 1_555 A CYS 104 SG ? ? A CYS 35  A CYS 105  1_555 ? ? ? ? ? ? ? 2.023 ? ?               
disulf3 disulf ?   ? A CYS 57  SG  ? ? ? 1_555 A CYS 72  SG ? ? A CYS 58  A CYS 73   1_555 ? ? ? ? ? ? ? 2.073 ? ?               
disulf4 disulf ?   ? A CYS 139 SG  ? ? ? 1_555 A CYS 188 SG ? ? A CYS 140 A CYS 189  1_555 ? ? ? ? ? ? ? 1.999 ? ?               
disulf5 disulf ?   ? A CYS 158 SG  ? ? ? 1_555 A CYS 176 SG ? ? A CYS 159 A CYS 177  1_555 ? ? ? ? ? ? ? 2.037 ? ?               
covale1 covale one ? A ASN 19  ND2 ? ? ? 1_555 H NAG .   C1 ? ? A ASN 20  A NAG 2000 1_555 ? ? ? ? ? ? ? 1.429 ? N-Glycosylation 
covale2 covale one ? A ASN 68  ND2 ? ? ? 1_555 B NAG .   C1 ? ? A ASN 69  A NAG 690  1_555 ? ? ? ? ? ? ? 1.427 ? N-Glycosylation 
covale3 covale one ? A ASN 167 ND2 ? ? ? 1_555 G NAG .   C1 ? ? A ASN 168 A NAG 1680 1_555 ? ? ? ? ? ? ? 1.426 ? N-Glycosylation 
# 
loop_
_struct_conn_type.id 
_struct_conn_type.criteria 
_struct_conn_type.reference 
disulf ? ? 
covale ? ? 
# 
loop_
_pdbx_modification_feature.ordinal 
_pdbx_modification_feature.label_comp_id 
_pdbx_modification_feature.label_asym_id 
_pdbx_modification_feature.label_seq_id 
_pdbx_modification_feature.label_alt_id 
_pdbx_modification_feature.modified_residue_label_comp_id 
_pdbx_modification_feature.modified_residue_label_asym_id 
_pdbx_modification_feature.modified_residue_label_seq_id 
_pdbx_modification_feature.modified_residue_label_alt_id 
_pdbx_modification_feature.auth_comp_id 
_pdbx_modification_feature.auth_asym_id 
_pdbx_modification_feature.auth_seq_id 
_pdbx_modification_feature.PDB_ins_code 
_pdbx_modification_feature.symmetry 
_pdbx_modification_feature.modified_residue_auth_comp_id 
_pdbx_modification_feature.modified_residue_auth_asym_id 
_pdbx_modification_feature.modified_residue_auth_seq_id 
_pdbx_modification_feature.modified_residue_PDB_ins_code 
_pdbx_modification_feature.modified_residue_symmetry 
_pdbx_modification_feature.comp_id_linking_atom 
_pdbx_modification_feature.modified_residue_id_linking_atom 
_pdbx_modification_feature.modified_residue_id 
_pdbx_modification_feature.ref_pcm_id 
_pdbx_modification_feature.ref_comp_id 
_pdbx_modification_feature.type 
_pdbx_modification_feature.category 
1 NAG B .   ? ASN A 68  ? NAG A 690  ? 1_555 ASN A 69  ? 1_555 C1 ND2 ASN 1 NAG N-Glycosylation Carbohydrate       
2 NAG G .   ? ASN A 167 ? NAG A 1680 ? 1_555 ASN A 168 ? 1_555 C1 ND2 ASN 1 NAG N-Glycosylation Carbohydrate       
3 NAG H .   ? ASN A 19  ? NAG A 2000 ? 1_555 ASN A 20  ? 1_555 C1 ND2 ASN 1 NAG N-Glycosylation Carbohydrate       
4 CYS A 34  ? CYS A 104 ? CYS A 35   ? 1_555 CYS A 105 ? 1_555 SG SG  .   . .   None            'Disulfide bridge' 
5 CYS A 57  ? CYS A 72  ? CYS A 58   ? 1_555 CYS A 73  ? 1_555 SG SG  .   . .   None            'Disulfide bridge' 
6 CYS A 139 ? CYS A 188 ? CYS A 140  ? 1_555 CYS A 189 ? 1_555 SG SG  .   . .   None            'Disulfide bridge' 
7 CYS A 158 ? CYS A 176 ? CYS A 159  ? 1_555 CYS A 177 ? 1_555 SG SG  .   . .   None            'Disulfide bridge' 
8 CYS F .   ? CYS A 33  ? CYS A 1208 ? 1_555 CYS A 34  ? 1_555 SG SG  .   . .   None            'Disulfide bridge' 
# 
loop_
_struct_mon_prot_cis.pdbx_id 
_struct_mon_prot_cis.label_comp_id 
_struct_mon_prot_cis.label_seq_id 
_struct_mon_prot_cis.label_asym_id 
_struct_mon_prot_cis.label_alt_id 
_struct_mon_prot_cis.pdbx_PDB_ins_code 
_struct_mon_prot_cis.auth_comp_id 
_struct_mon_prot_cis.auth_seq_id 
_struct_mon_prot_cis.auth_asym_id 
_struct_mon_prot_cis.pdbx_label_comp_id_2 
_struct_mon_prot_cis.pdbx_label_seq_id_2 
_struct_mon_prot_cis.pdbx_label_asym_id_2 
_struct_mon_prot_cis.pdbx_PDB_ins_code_2 
_struct_mon_prot_cis.pdbx_auth_comp_id_2 
_struct_mon_prot_cis.pdbx_auth_seq_id_2 
_struct_mon_prot_cis.pdbx_auth_asym_id_2 
_struct_mon_prot_cis.pdbx_PDB_model_num 
_struct_mon_prot_cis.pdbx_omega_angle 
1 LYS 145 A . ? LYS 146 A PRO 146 A ? PRO 147 A 1 -1.67 
2 SER 153 A . ? SER 154 A PRO 154 A ? PRO 155 A 1 0.61  
# 
loop_
_struct_sheet.id 
_struct_sheet.type 
_struct_sheet.number_strands 
_struct_sheet.details 
AA ? 6 ? 
AB ? 3 ? 
AC ? 4 ? 
AD ? 3 ? 
# 
loop_
_struct_sheet_order.sheet_id 
_struct_sheet_order.range_id_1 
_struct_sheet_order.range_id_2 
_struct_sheet_order.offset 
_struct_sheet_order.sense 
AA 1 2 ? parallel      
AA 2 3 ? anti-parallel 
AA 3 4 ? anti-parallel 
AA 4 5 ? anti-parallel 
AA 5 6 ? anti-parallel 
AB 1 2 ? anti-parallel 
AB 2 3 ? anti-parallel 
AC 1 2 ? anti-parallel 
AC 2 3 ? anti-parallel 
AC 3 4 ? anti-parallel 
AD 1 2 ? anti-parallel 
AD 2 3 ? anti-parallel 
# 
loop_
_struct_sheet_range.sheet_id 
_struct_sheet_range.id 
_struct_sheet_range.beg_label_comp_id 
_struct_sheet_range.beg_label_asym_id 
_struct_sheet_range.beg_label_seq_id 
_struct_sheet_range.pdbx_beg_PDB_ins_code 
_struct_sheet_range.end_label_comp_id 
_struct_sheet_range.end_label_asym_id 
_struct_sheet_range.end_label_seq_id 
_struct_sheet_range.pdbx_end_PDB_ins_code 
_struct_sheet_range.beg_auth_comp_id 
_struct_sheet_range.beg_auth_asym_id 
_struct_sheet_range.beg_auth_seq_id 
_struct_sheet_range.end_auth_comp_id 
_struct_sheet_range.end_auth_asym_id 
_struct_sheet_range.end_auth_seq_id 
AA 1 THR A 16  ? GLN A 25  ? THR A 17  GLN A 26  
AA 2 GLY A 111 ? LEU A 122 ? GLY A 112 LEU A 123 
AA 3 GLY A 100 ? THR A 108 ? GLY A 101 THR A 109 
AA 4 LEU A 44  ? LEU A 51  ? LEU A 45  LEU A 52  
AA 5 CYS A 57  ? LYS A 62  ? CYS A 58  LYS A 63  
AA 6 THR A 67  ? THR A 70  ? THR A 68  THR A 71  
AB 1 ALA A 30  ? LEU A 32  ? ALA A 31  LEU A 33  
AB 2 LEU A 89  ? ILE A 91  ? LEU A 90  ILE A 92  
AB 3 ILE A 77  ? TRP A 79  ? ILE A 78  TRP A 80  
AC 1 GLU A 126 ? GLU A 132 ? GLU A 127 GLU A 133 
AC 2 SER A 136 ? GLY A 144 ? SER A 137 GLY A 145 
AC 3 VAL A 170 ? HIS A 177 ? VAL A 171 HIS A 178 
AC 4 ASP A 157 ? SER A 164 ? ASP A 158 SER A 165 
AD 1 GLN A 149 ? SER A 153 ? GLN A 150 SER A 154 
AD 2 ASP A 185 ? SER A 191 ? ASP A 186 SER A 192 
AD 3 GLN A 197 ? GLU A 202 ? GLN A 198 GLU A 203 
# 
loop_
_pdbx_struct_sheet_hbond.sheet_id 
_pdbx_struct_sheet_hbond.range_id_1 
_pdbx_struct_sheet_hbond.range_id_2 
_pdbx_struct_sheet_hbond.range_1_label_atom_id 
_pdbx_struct_sheet_hbond.range_1_label_comp_id 
_pdbx_struct_sheet_hbond.range_1_label_asym_id 
_pdbx_struct_sheet_hbond.range_1_label_seq_id 
_pdbx_struct_sheet_hbond.range_1_PDB_ins_code 
_pdbx_struct_sheet_hbond.range_1_auth_atom_id 
_pdbx_struct_sheet_hbond.range_1_auth_comp_id 
_pdbx_struct_sheet_hbond.range_1_auth_asym_id 
_pdbx_struct_sheet_hbond.range_1_auth_seq_id 
_pdbx_struct_sheet_hbond.range_2_label_atom_id 
_pdbx_struct_sheet_hbond.range_2_label_comp_id 
_pdbx_struct_sheet_hbond.range_2_label_asym_id 
_pdbx_struct_sheet_hbond.range_2_label_seq_id 
_pdbx_struct_sheet_hbond.range_2_PDB_ins_code 
_pdbx_struct_sheet_hbond.range_2_auth_atom_id 
_pdbx_struct_sheet_hbond.range_2_auth_comp_id 
_pdbx_struct_sheet_hbond.range_2_auth_asym_id 
_pdbx_struct_sheet_hbond.range_2_auth_seq_id 
AA 1 2 N VAL A 18  ? N VAL A 19  O GLU A 114 ? O GLU A 115 
AA 2 3 N LEU A 119 ? N LEU A 120 O GLY A 100 ? O GLY A 101 
AA 3 4 N VAL A 107 ? N VAL A 108 O LEU A 44  ? O LEU A 45  
AA 4 5 N ILE A 49  ? N ILE A 50  O CYS A 57  ? O CYS A 58  
AA 5 6 N LYS A 62  ? N LYS A 63  O THR A 67  ? O THR A 68  
AB 1 2 N LEU A 32  ? N LEU A 33  O LEU A 89  ? O LEU A 90  
AB 2 3 N GLN A 90  ? N GLN A 91  O THR A 78  ? O THR A 79  
AC 1 2 N GLU A 132 ? N GLU A 133 O SER A 136 ? O SER A 137 
AC 2 3 N GLY A 144 ? N GLY A 145 O VAL A 170 ? O VAL A 171 
AC 3 4 N HIS A 177 ? N HIS A 178 O ASP A 157 ? O ASP A 158 
AD 1 2 N SER A 153 ? N SER A 154 O SER A 187 ? O SER A 188 
AD 2 3 N VAL A 190 ? N VAL A 191 O GLN A 197 ? O GLN A 198 
# 
_pdbx_entry_details.entry_id                   4BFG 
_pdbx_entry_details.compound_details           ? 
_pdbx_entry_details.source_details             ? 
_pdbx_entry_details.nonpolymer_details         ? 
_pdbx_entry_details.sequence_details           
;NUMBERING IN THE PDB IS BASED ON THE START OF THE MATURE
SEQUENCE, AS DETERMINED BY N-TERMINAL SEQUENCING.
;
_pdbx_entry_details.has_ligand_of_interest     ? 
_pdbx_entry_details.has_protein_modification   Y 
# 
loop_
_pdbx_validate_torsion.id 
_pdbx_validate_torsion.PDB_model_num 
_pdbx_validate_torsion.auth_comp_id 
_pdbx_validate_torsion.auth_asym_id 
_pdbx_validate_torsion.auth_seq_id 
_pdbx_validate_torsion.PDB_ins_code 
_pdbx_validate_torsion.label_alt_id 
_pdbx_validate_torsion.phi 
_pdbx_validate_torsion.psi 
1 1 LYS A 42  ? ? -85.72  30.80 
2 1 ASN A 135 ? ? 79.02   60.98 
3 1 GLU A 180 ? ? -100.98 48.32 
# 
loop_
_pdbx_struct_mod_residue.id 
_pdbx_struct_mod_residue.label_asym_id 
_pdbx_struct_mod_residue.label_comp_id 
_pdbx_struct_mod_residue.label_seq_id 
_pdbx_struct_mod_residue.auth_asym_id 
_pdbx_struct_mod_residue.auth_comp_id 
_pdbx_struct_mod_residue.auth_seq_id 
_pdbx_struct_mod_residue.PDB_ins_code 
_pdbx_struct_mod_residue.parent_comp_id 
_pdbx_struct_mod_residue.details 
1 A ASN 19  A ASN 20  ? ASN 'GLYCOSYLATION SITE' 
2 A ASN 68  A ASN 69  ? ASN 'GLYCOSYLATION SITE' 
3 A ASN 167 A ASN 168 ? ASN 'GLYCOSYLATION SITE' 
# 
_pdbx_distant_solvent_atoms.id                                1 
_pdbx_distant_solvent_atoms.PDB_model_num                     1 
_pdbx_distant_solvent_atoms.auth_atom_id                      O 
_pdbx_distant_solvent_atoms.label_alt_id                      ? 
_pdbx_distant_solvent_atoms.auth_asym_id                      A 
_pdbx_distant_solvent_atoms.auth_comp_id                      HOH 
_pdbx_distant_solvent_atoms.auth_seq_id                       2011 
_pdbx_distant_solvent_atoms.PDB_ins_code                      ? 
_pdbx_distant_solvent_atoms.neighbor_macromolecule_distance   5.94 
_pdbx_distant_solvent_atoms.neighbor_ligand_distance          . 
# 
loop_
_pdbx_unobs_or_zero_occ_residues.id 
_pdbx_unobs_or_zero_occ_residues.PDB_model_num 
_pdbx_unobs_or_zero_occ_residues.polymer_flag 
_pdbx_unobs_or_zero_occ_residues.occupancy_flag 
_pdbx_unobs_or_zero_occ_residues.auth_asym_id 
_pdbx_unobs_or_zero_occ_residues.auth_comp_id 
_pdbx_unobs_or_zero_occ_residues.auth_seq_id 
_pdbx_unobs_or_zero_occ_residues.PDB_ins_code 
_pdbx_unobs_or_zero_occ_residues.label_asym_id 
_pdbx_unobs_or_zero_occ_residues.label_comp_id 
_pdbx_unobs_or_zero_occ_residues.label_seq_id 
1  1 Y 1 A THR 2   ? A THR 1   
2  1 Y 1 A ASP 3   ? A ASP 2   
3  1 Y 1 A LYS 4   ? A LYS 3   
4  1 Y 1 A ASN 5   ? A ASN 4   
5  1 Y 1 A GLN 6   ? A GLN 5   
6  1 Y 1 A THR 7   ? A THR 6   
7  1 Y 1 A THR 8   ? A THR 7   
8  1 Y 1 A GLN 9   ? A GLN 8   
9  1 Y 1 A ASN 10  ? A ASN 9   
10 1 Y 1 A ASN 11  ? A ASN 10  
11 1 Y 1 A SER 12  ? A SER 11  
12 1 Y 1 A SER 13  ? A SER 12  
13 1 Y 1 A SER 14  ? A SER 13  
14 1 Y 1 A GLY 205 ? A GLY 204 
15 1 Y 1 A ARG 206 ? A ARG 205 
16 1 Y 1 A GLY 207 ? A GLY 206 
17 1 Y 1 A GLY 208 ? A GLY 207 
18 1 Y 1 A SER 209 ? A SER 208 
19 1 Y 1 A THR 210 ? A THR 209 
20 1 Y 1 A ARG 211 ? A ARG 210 
21 1 Y 1 A HIS 212 ? A HIS 211 
22 1 Y 1 A HIS 213 ? A HIS 212 
23 1 Y 1 A HIS 214 ? A HIS 213 
24 1 Y 1 A HIS 215 ? A HIS 214 
25 1 Y 1 A HIS 216 ? A HIS 215 
26 1 Y 1 A HIS 217 ? A HIS 216 
# 
loop_
_chem_comp_atom.comp_id 
_chem_comp_atom.atom_id 
_chem_comp_atom.type_symbol 
_chem_comp_atom.pdbx_aromatic_flag 
_chem_comp_atom.pdbx_stereo_config 
_chem_comp_atom.pdbx_ordinal 
ACT C    C N N 1   
ACT O    O N N 2   
ACT OXT  O N N 3   
ACT CH3  C N N 4   
ACT H1   H N N 5   
ACT H2   H N N 6   
ACT H3   H N N 7   
ALA N    N N N 8   
ALA CA   C N S 9   
ALA C    C N N 10  
ALA O    O N N 11  
ALA CB   C N N 12  
ALA OXT  O N N 13  
ALA H    H N N 14  
ALA H2   H N N 15  
ALA HA   H N N 16  
ALA HB1  H N N 17  
ALA HB2  H N N 18  
ALA HB3  H N N 19  
ALA HXT  H N N 20  
ARG N    N N N 21  
ARG CA   C N S 22  
ARG C    C N N 23  
ARG O    O N N 24  
ARG CB   C N N 25  
ARG CG   C N N 26  
ARG CD   C N N 27  
ARG NE   N N N 28  
ARG CZ   C N N 29  
ARG NH1  N N N 30  
ARG NH2  N N N 31  
ARG OXT  O N N 32  
ARG H    H N N 33  
ARG H2   H N N 34  
ARG HA   H N N 35  
ARG HB2  H N N 36  
ARG HB3  H N N 37  
ARG HG2  H N N 38  
ARG HG3  H N N 39  
ARG HD2  H N N 40  
ARG HD3  H N N 41  
ARG HE   H N N 42  
ARG HH11 H N N 43  
ARG HH12 H N N 44  
ARG HH21 H N N 45  
ARG HH22 H N N 46  
ARG HXT  H N N 47  
ASN N    N N N 48  
ASN CA   C N S 49  
ASN C    C N N 50  
ASN O    O N N 51  
ASN CB   C N N 52  
ASN CG   C N N 53  
ASN OD1  O N N 54  
ASN ND2  N N N 55  
ASN OXT  O N N 56  
ASN H    H N N 57  
ASN H2   H N N 58  
ASN HA   H N N 59  
ASN HB2  H N N 60  
ASN HB3  H N N 61  
ASN HD21 H N N 62  
ASN HD22 H N N 63  
ASN HXT  H N N 64  
ASP N    N N N 65  
ASP CA   C N S 66  
ASP C    C N N 67  
ASP O    O N N 68  
ASP CB   C N N 69  
ASP CG   C N N 70  
ASP OD1  O N N 71  
ASP OD2  O N N 72  
ASP OXT  O N N 73  
ASP H    H N N 74  
ASP H2   H N N 75  
ASP HA   H N N 76  
ASP HB2  H N N 77  
ASP HB3  H N N 78  
ASP HD2  H N N 79  
ASP HXT  H N N 80  
AZI N1   N N N 81  
AZI N2   N N N 82  
AZI N3   N N N 83  
CYS N    N N N 84  
CYS CA   C N R 85  
CYS C    C N N 86  
CYS O    O N N 87  
CYS CB   C N N 88  
CYS SG   S N N 89  
CYS OXT  O N N 90  
CYS H    H N N 91  
CYS H2   H N N 92  
CYS HA   H N N 93  
CYS HB2  H N N 94  
CYS HB3  H N N 95  
CYS HG   H N N 96  
CYS HXT  H N N 97  
GLN N    N N N 98  
GLN CA   C N S 99  
GLN C    C N N 100 
GLN O    O N N 101 
GLN CB   C N N 102 
GLN CG   C N N 103 
GLN CD   C N N 104 
GLN OE1  O N N 105 
GLN NE2  N N N 106 
GLN OXT  O N N 107 
GLN H    H N N 108 
GLN H2   H N N 109 
GLN HA   H N N 110 
GLN HB2  H N N 111 
GLN HB3  H N N 112 
GLN HG2  H N N 113 
GLN HG3  H N N 114 
GLN HE21 H N N 115 
GLN HE22 H N N 116 
GLN HXT  H N N 117 
GLU N    N N N 118 
GLU CA   C N S 119 
GLU C    C N N 120 
GLU O    O N N 121 
GLU CB   C N N 122 
GLU CG   C N N 123 
GLU CD   C N N 124 
GLU OE1  O N N 125 
GLU OE2  O N N 126 
GLU OXT  O N N 127 
GLU H    H N N 128 
GLU H2   H N N 129 
GLU HA   H N N 130 
GLU HB2  H N N 131 
GLU HB3  H N N 132 
GLU HG2  H N N 133 
GLU HG3  H N N 134 
GLU HE2  H N N 135 
GLU HXT  H N N 136 
GLY N    N N N 137 
GLY CA   C N N 138 
GLY C    C N N 139 
GLY O    O N N 140 
GLY OXT  O N N 141 
GLY H    H N N 142 
GLY H2   H N N 143 
GLY HA2  H N N 144 
GLY HA3  H N N 145 
GLY HXT  H N N 146 
HIS N    N N N 147 
HIS CA   C N S 148 
HIS C    C N N 149 
HIS O    O N N 150 
HIS CB   C N N 151 
HIS CG   C Y N 152 
HIS ND1  N Y N 153 
HIS CD2  C Y N 154 
HIS CE1  C Y N 155 
HIS NE2  N Y N 156 
HIS OXT  O N N 157 
HIS H    H N N 158 
HIS H2   H N N 159 
HIS HA   H N N 160 
HIS HB2  H N N 161 
HIS HB3  H N N 162 
HIS HD1  H N N 163 
HIS HD2  H N N 164 
HIS HE1  H N N 165 
HIS HE2  H N N 166 
HIS HXT  H N N 167 
HOH O    O N N 168 
HOH H1   H N N 169 
HOH H2   H N N 170 
ILE N    N N N 171 
ILE CA   C N S 172 
ILE C    C N N 173 
ILE O    O N N 174 
ILE CB   C N S 175 
ILE CG1  C N N 176 
ILE CG2  C N N 177 
ILE CD1  C N N 178 
ILE OXT  O N N 179 
ILE H    H N N 180 
ILE H2   H N N 181 
ILE HA   H N N 182 
ILE HB   H N N 183 
ILE HG12 H N N 184 
ILE HG13 H N N 185 
ILE HG21 H N N 186 
ILE HG22 H N N 187 
ILE HG23 H N N 188 
ILE HD11 H N N 189 
ILE HD12 H N N 190 
ILE HD13 H N N 191 
ILE HXT  H N N 192 
LEU N    N N N 193 
LEU CA   C N S 194 
LEU C    C N N 195 
LEU O    O N N 196 
LEU CB   C N N 197 
LEU CG   C N N 198 
LEU CD1  C N N 199 
LEU CD2  C N N 200 
LEU OXT  O N N 201 
LEU H    H N N 202 
LEU H2   H N N 203 
LEU HA   H N N 204 
LEU HB2  H N N 205 
LEU HB3  H N N 206 
LEU HG   H N N 207 
LEU HD11 H N N 208 
LEU HD12 H N N 209 
LEU HD13 H N N 210 
LEU HD21 H N N 211 
LEU HD22 H N N 212 
LEU HD23 H N N 213 
LEU HXT  H N N 214 
LYS N    N N N 215 
LYS CA   C N S 216 
LYS C    C N N 217 
LYS O    O N N 218 
LYS CB   C N N 219 
LYS CG   C N N 220 
LYS CD   C N N 221 
LYS CE   C N N 222 
LYS NZ   N N N 223 
LYS OXT  O N N 224 
LYS H    H N N 225 
LYS H2   H N N 226 
LYS HA   H N N 227 
LYS HB2  H N N 228 
LYS HB3  H N N 229 
LYS HG2  H N N 230 
LYS HG3  H N N 231 
LYS HD2  H N N 232 
LYS HD3  H N N 233 
LYS HE2  H N N 234 
LYS HE3  H N N 235 
LYS HZ1  H N N 236 
LYS HZ2  H N N 237 
LYS HZ3  H N N 238 
LYS HXT  H N N 239 
MET N    N N N 240 
MET CA   C N S 241 
MET C    C N N 242 
MET O    O N N 243 
MET CB   C N N 244 
MET CG   C N N 245 
MET SD   S N N 246 
MET CE   C N N 247 
MET OXT  O N N 248 
MET H    H N N 249 
MET H2   H N N 250 
MET HA   H N N 251 
MET HB2  H N N 252 
MET HB3  H N N 253 
MET HG2  H N N 254 
MET HG3  H N N 255 
MET HE1  H N N 256 
MET HE2  H N N 257 
MET HE3  H N N 258 
MET HXT  H N N 259 
NAG C1   C N R 260 
NAG C2   C N R 261 
NAG C3   C N R 262 
NAG C4   C N S 263 
NAG C5   C N R 264 
NAG C6   C N N 265 
NAG C7   C N N 266 
NAG C8   C N N 267 
NAG N2   N N N 268 
NAG O1   O N N 269 
NAG O3   O N N 270 
NAG O4   O N N 271 
NAG O5   O N N 272 
NAG O6   O N N 273 
NAG O7   O N N 274 
NAG H1   H N N 275 
NAG H2   H N N 276 
NAG H3   H N N 277 
NAG H4   H N N 278 
NAG H5   H N N 279 
NAG H61  H N N 280 
NAG H62  H N N 281 
NAG H81  H N N 282 
NAG H82  H N N 283 
NAG H83  H N N 284 
NAG HN2  H N N 285 
NAG HO1  H N N 286 
NAG HO3  H N N 287 
NAG HO4  H N N 288 
NAG HO6  H N N 289 
PHE N    N N N 290 
PHE CA   C N S 291 
PHE C    C N N 292 
PHE O    O N N 293 
PHE CB   C N N 294 
PHE CG   C Y N 295 
PHE CD1  C Y N 296 
PHE CD2  C Y N 297 
PHE CE1  C Y N 298 
PHE CE2  C Y N 299 
PHE CZ   C Y N 300 
PHE OXT  O N N 301 
PHE H    H N N 302 
PHE H2   H N N 303 
PHE HA   H N N 304 
PHE HB2  H N N 305 
PHE HB3  H N N 306 
PHE HD1  H N N 307 
PHE HD2  H N N 308 
PHE HE1  H N N 309 
PHE HE2  H N N 310 
PHE HZ   H N N 311 
PHE HXT  H N N 312 
PRO N    N N N 313 
PRO CA   C N S 314 
PRO C    C N N 315 
PRO O    O N N 316 
PRO CB   C N N 317 
PRO CG   C N N 318 
PRO CD   C N N 319 
PRO OXT  O N N 320 
PRO H    H N N 321 
PRO HA   H N N 322 
PRO HB2  H N N 323 
PRO HB3  H N N 324 
PRO HG2  H N N 325 
PRO HG3  H N N 326 
PRO HD2  H N N 327 
PRO HD3  H N N 328 
PRO HXT  H N N 329 
SER N    N N N 330 
SER CA   C N S 331 
SER C    C N N 332 
SER O    O N N 333 
SER CB   C N N 334 
SER OG   O N N 335 
SER OXT  O N N 336 
SER H    H N N 337 
SER H2   H N N 338 
SER HA   H N N 339 
SER HB2  H N N 340 
SER HB3  H N N 341 
SER HG   H N N 342 
SER HXT  H N N 343 
THR N    N N N 344 
THR CA   C N S 345 
THR C    C N N 346 
THR O    O N N 347 
THR CB   C N R 348 
THR OG1  O N N 349 
THR CG2  C N N 350 
THR OXT  O N N 351 
THR H    H N N 352 
THR H2   H N N 353 
THR HA   H N N 354 
THR HB   H N N 355 
THR HG1  H N N 356 
THR HG21 H N N 357 
THR HG22 H N N 358 
THR HG23 H N N 359 
THR HXT  H N N 360 
TRP N    N N N 361 
TRP CA   C N S 362 
TRP C    C N N 363 
TRP O    O N N 364 
TRP CB   C N N 365 
TRP CG   C Y N 366 
TRP CD1  C Y N 367 
TRP CD2  C Y N 368 
TRP NE1  N Y N 369 
TRP CE2  C Y N 370 
TRP CE3  C Y N 371 
TRP CZ2  C Y N 372 
TRP CZ3  C Y N 373 
TRP CH2  C Y N 374 
TRP OXT  O N N 375 
TRP H    H N N 376 
TRP H2   H N N 377 
TRP HA   H N N 378 
TRP HB2  H N N 379 
TRP HB3  H N N 380 
TRP HD1  H N N 381 
TRP HE1  H N N 382 
TRP HE3  H N N 383 
TRP HZ2  H N N 384 
TRP HZ3  H N N 385 
TRP HH2  H N N 386 
TRP HXT  H N N 387 
TYR N    N N N 388 
TYR CA   C N S 389 
TYR C    C N N 390 
TYR O    O N N 391 
TYR CB   C N N 392 
TYR CG   C Y N 393 
TYR CD1  C Y N 394 
TYR CD2  C Y N 395 
TYR CE1  C Y N 396 
TYR CE2  C Y N 397 
TYR CZ   C Y N 398 
TYR OH   O N N 399 
TYR OXT  O N N 400 
TYR H    H N N 401 
TYR H2   H N N 402 
TYR HA   H N N 403 
TYR HB2  H N N 404 
TYR HB3  H N N 405 
TYR HD1  H N N 406 
TYR HD2  H N N 407 
TYR HE1  H N N 408 
TYR HE2  H N N 409 
TYR HH   H N N 410 
TYR HXT  H N N 411 
VAL N    N N N 412 
VAL CA   C N S 413 
VAL C    C N N 414 
VAL O    O N N 415 
VAL CB   C N N 416 
VAL CG1  C N N 417 
VAL CG2  C N N 418 
VAL OXT  O N N 419 
VAL H    H N N 420 
VAL H2   H N N 421 
VAL HA   H N N 422 
VAL HB   H N N 423 
VAL HG11 H N N 424 
VAL HG12 H N N 425 
VAL HG13 H N N 426 
VAL HG21 H N N 427 
VAL HG22 H N N 428 
VAL HG23 H N N 429 
VAL HXT  H N N 430 
# 
loop_
_chem_comp_bond.comp_id 
_chem_comp_bond.atom_id_1 
_chem_comp_bond.atom_id_2 
_chem_comp_bond.value_order 
_chem_comp_bond.pdbx_aromatic_flag 
_chem_comp_bond.pdbx_stereo_config 
_chem_comp_bond.pdbx_ordinal 
ACT C   O    doub N N 1   
ACT C   OXT  sing N N 2   
ACT C   CH3  sing N N 3   
ACT CH3 H1   sing N N 4   
ACT CH3 H2   sing N N 5   
ACT CH3 H3   sing N N 6   
ALA N   CA   sing N N 7   
ALA N   H    sing N N 8   
ALA N   H2   sing N N 9   
ALA CA  C    sing N N 10  
ALA CA  CB   sing N N 11  
ALA CA  HA   sing N N 12  
ALA C   O    doub N N 13  
ALA C   OXT  sing N N 14  
ALA CB  HB1  sing N N 15  
ALA CB  HB2  sing N N 16  
ALA CB  HB3  sing N N 17  
ALA OXT HXT  sing N N 18  
ARG N   CA   sing N N 19  
ARG N   H    sing N N 20  
ARG N   H2   sing N N 21  
ARG CA  C    sing N N 22  
ARG CA  CB   sing N N 23  
ARG CA  HA   sing N N 24  
ARG C   O    doub N N 25  
ARG C   OXT  sing N N 26  
ARG CB  CG   sing N N 27  
ARG CB  HB2  sing N N 28  
ARG CB  HB3  sing N N 29  
ARG CG  CD   sing N N 30  
ARG CG  HG2  sing N N 31  
ARG CG  HG3  sing N N 32  
ARG CD  NE   sing N N 33  
ARG CD  HD2  sing N N 34  
ARG CD  HD3  sing N N 35  
ARG NE  CZ   sing N N 36  
ARG NE  HE   sing N N 37  
ARG CZ  NH1  sing N N 38  
ARG CZ  NH2  doub N N 39  
ARG NH1 HH11 sing N N 40  
ARG NH1 HH12 sing N N 41  
ARG NH2 HH21 sing N N 42  
ARG NH2 HH22 sing N N 43  
ARG OXT HXT  sing N N 44  
ASN N   CA   sing N N 45  
ASN N   H    sing N N 46  
ASN N   H2   sing N N 47  
ASN CA  C    sing N N 48  
ASN CA  CB   sing N N 49  
ASN CA  HA   sing N N 50  
ASN C   O    doub N N 51  
ASN C   OXT  sing N N 52  
ASN CB  CG   sing N N 53  
ASN CB  HB2  sing N N 54  
ASN CB  HB3  sing N N 55  
ASN CG  OD1  doub N N 56  
ASN CG  ND2  sing N N 57  
ASN ND2 HD21 sing N N 58  
ASN ND2 HD22 sing N N 59  
ASN OXT HXT  sing N N 60  
ASP N   CA   sing N N 61  
ASP N   H    sing N N 62  
ASP N   H2   sing N N 63  
ASP CA  C    sing N N 64  
ASP CA  CB   sing N N 65  
ASP CA  HA   sing N N 66  
ASP C   O    doub N N 67  
ASP C   OXT  sing N N 68  
ASP CB  CG   sing N N 69  
ASP CB  HB2  sing N N 70  
ASP CB  HB3  sing N N 71  
ASP CG  OD1  doub N N 72  
ASP CG  OD2  sing N N 73  
ASP OD2 HD2  sing N N 74  
ASP OXT HXT  sing N N 75  
AZI N1  N2   doub N N 76  
AZI N2  N3   doub N N 77  
CYS N   CA   sing N N 78  
CYS N   H    sing N N 79  
CYS N   H2   sing N N 80  
CYS CA  C    sing N N 81  
CYS CA  CB   sing N N 82  
CYS CA  HA   sing N N 83  
CYS C   O    doub N N 84  
CYS C   OXT  sing N N 85  
CYS CB  SG   sing N N 86  
CYS CB  HB2  sing N N 87  
CYS CB  HB3  sing N N 88  
CYS SG  HG   sing N N 89  
CYS OXT HXT  sing N N 90  
GLN N   CA   sing N N 91  
GLN N   H    sing N N 92  
GLN N   H2   sing N N 93  
GLN CA  C    sing N N 94  
GLN CA  CB   sing N N 95  
GLN CA  HA   sing N N 96  
GLN C   O    doub N N 97  
GLN C   OXT  sing N N 98  
GLN CB  CG   sing N N 99  
GLN CB  HB2  sing N N 100 
GLN CB  HB3  sing N N 101 
GLN CG  CD   sing N N 102 
GLN CG  HG2  sing N N 103 
GLN CG  HG3  sing N N 104 
GLN CD  OE1  doub N N 105 
GLN CD  NE2  sing N N 106 
GLN NE2 HE21 sing N N 107 
GLN NE2 HE22 sing N N 108 
GLN OXT HXT  sing N N 109 
GLU N   CA   sing N N 110 
GLU N   H    sing N N 111 
GLU N   H2   sing N N 112 
GLU CA  C    sing N N 113 
GLU CA  CB   sing N N 114 
GLU CA  HA   sing N N 115 
GLU C   O    doub N N 116 
GLU C   OXT  sing N N 117 
GLU CB  CG   sing N N 118 
GLU CB  HB2  sing N N 119 
GLU CB  HB3  sing N N 120 
GLU CG  CD   sing N N 121 
GLU CG  HG2  sing N N 122 
GLU CG  HG3  sing N N 123 
GLU CD  OE1  doub N N 124 
GLU CD  OE2  sing N N 125 
GLU OE2 HE2  sing N N 126 
GLU OXT HXT  sing N N 127 
GLY N   CA   sing N N 128 
GLY N   H    sing N N 129 
GLY N   H2   sing N N 130 
GLY CA  C    sing N N 131 
GLY CA  HA2  sing N N 132 
GLY CA  HA3  sing N N 133 
GLY C   O    doub N N 134 
GLY C   OXT  sing N N 135 
GLY OXT HXT  sing N N 136 
HIS N   CA   sing N N 137 
HIS N   H    sing N N 138 
HIS N   H2   sing N N 139 
HIS CA  C    sing N N 140 
HIS CA  CB   sing N N 141 
HIS CA  HA   sing N N 142 
HIS C   O    doub N N 143 
HIS C   OXT  sing N N 144 
HIS CB  CG   sing N N 145 
HIS CB  HB2  sing N N 146 
HIS CB  HB3  sing N N 147 
HIS CG  ND1  sing Y N 148 
HIS CG  CD2  doub Y N 149 
HIS ND1 CE1  doub Y N 150 
HIS ND1 HD1  sing N N 151 
HIS CD2 NE2  sing Y N 152 
HIS CD2 HD2  sing N N 153 
HIS CE1 NE2  sing Y N 154 
HIS CE1 HE1  sing N N 155 
HIS NE2 HE2  sing N N 156 
HIS OXT HXT  sing N N 157 
HOH O   H1   sing N N 158 
HOH O   H2   sing N N 159 
ILE N   CA   sing N N 160 
ILE N   H    sing N N 161 
ILE N   H2   sing N N 162 
ILE CA  C    sing N N 163 
ILE CA  CB   sing N N 164 
ILE CA  HA   sing N N 165 
ILE C   O    doub N N 166 
ILE C   OXT  sing N N 167 
ILE CB  CG1  sing N N 168 
ILE CB  CG2  sing N N 169 
ILE CB  HB   sing N N 170 
ILE CG1 CD1  sing N N 171 
ILE CG1 HG12 sing N N 172 
ILE CG1 HG13 sing N N 173 
ILE CG2 HG21 sing N N 174 
ILE CG2 HG22 sing N N 175 
ILE CG2 HG23 sing N N 176 
ILE CD1 HD11 sing N N 177 
ILE CD1 HD12 sing N N 178 
ILE CD1 HD13 sing N N 179 
ILE OXT HXT  sing N N 180 
LEU N   CA   sing N N 181 
LEU N   H    sing N N 182 
LEU N   H2   sing N N 183 
LEU CA  C    sing N N 184 
LEU CA  CB   sing N N 185 
LEU CA  HA   sing N N 186 
LEU C   O    doub N N 187 
LEU C   OXT  sing N N 188 
LEU CB  CG   sing N N 189 
LEU CB  HB2  sing N N 190 
LEU CB  HB3  sing N N 191 
LEU CG  CD1  sing N N 192 
LEU CG  CD2  sing N N 193 
LEU CG  HG   sing N N 194 
LEU CD1 HD11 sing N N 195 
LEU CD1 HD12 sing N N 196 
LEU CD1 HD13 sing N N 197 
LEU CD2 HD21 sing N N 198 
LEU CD2 HD22 sing N N 199 
LEU CD2 HD23 sing N N 200 
LEU OXT HXT  sing N N 201 
LYS N   CA   sing N N 202 
LYS N   H    sing N N 203 
LYS N   H2   sing N N 204 
LYS CA  C    sing N N 205 
LYS CA  CB   sing N N 206 
LYS CA  HA   sing N N 207 
LYS C   O    doub N N 208 
LYS C   OXT  sing N N 209 
LYS CB  CG   sing N N 210 
LYS CB  HB2  sing N N 211 
LYS CB  HB3  sing N N 212 
LYS CG  CD   sing N N 213 
LYS CG  HG2  sing N N 214 
LYS CG  HG3  sing N N 215 
LYS CD  CE   sing N N 216 
LYS CD  HD2  sing N N 217 
LYS CD  HD3  sing N N 218 
LYS CE  NZ   sing N N 219 
LYS CE  HE2  sing N N 220 
LYS CE  HE3  sing N N 221 
LYS NZ  HZ1  sing N N 222 
LYS NZ  HZ2  sing N N 223 
LYS NZ  HZ3  sing N N 224 
LYS OXT HXT  sing N N 225 
MET N   CA   sing N N 226 
MET N   H    sing N N 227 
MET N   H2   sing N N 228 
MET CA  C    sing N N 229 
MET CA  CB   sing N N 230 
MET CA  HA   sing N N 231 
MET C   O    doub N N 232 
MET C   OXT  sing N N 233 
MET CB  CG   sing N N 234 
MET CB  HB2  sing N N 235 
MET CB  HB3  sing N N 236 
MET CG  SD   sing N N 237 
MET CG  HG2  sing N N 238 
MET CG  HG3  sing N N 239 
MET SD  CE   sing N N 240 
MET CE  HE1  sing N N 241 
MET CE  HE2  sing N N 242 
MET CE  HE3  sing N N 243 
MET OXT HXT  sing N N 244 
NAG C1  C2   sing N N 245 
NAG C1  O1   sing N N 246 
NAG C1  O5   sing N N 247 
NAG C1  H1   sing N N 248 
NAG C2  C3   sing N N 249 
NAG C2  N2   sing N N 250 
NAG C2  H2   sing N N 251 
NAG C3  C4   sing N N 252 
NAG C3  O3   sing N N 253 
NAG C3  H3   sing N N 254 
NAG C4  C5   sing N N 255 
NAG C4  O4   sing N N 256 
NAG C4  H4   sing N N 257 
NAG C5  C6   sing N N 258 
NAG C5  O5   sing N N 259 
NAG C5  H5   sing N N 260 
NAG C6  O6   sing N N 261 
NAG C6  H61  sing N N 262 
NAG C6  H62  sing N N 263 
NAG C7  C8   sing N N 264 
NAG C7  N2   sing N N 265 
NAG C7  O7   doub N N 266 
NAG C8  H81  sing N N 267 
NAG C8  H82  sing N N 268 
NAG C8  H83  sing N N 269 
NAG N2  HN2  sing N N 270 
NAG O1  HO1  sing N N 271 
NAG O3  HO3  sing N N 272 
NAG O4  HO4  sing N N 273 
NAG O6  HO6  sing N N 274 
PHE N   CA   sing N N 275 
PHE N   H    sing N N 276 
PHE N   H2   sing N N 277 
PHE CA  C    sing N N 278 
PHE CA  CB   sing N N 279 
PHE CA  HA   sing N N 280 
PHE C   O    doub N N 281 
PHE C   OXT  sing N N 282 
PHE CB  CG   sing N N 283 
PHE CB  HB2  sing N N 284 
PHE CB  HB3  sing N N 285 
PHE CG  CD1  doub Y N 286 
PHE CG  CD2  sing Y N 287 
PHE CD1 CE1  sing Y N 288 
PHE CD1 HD1  sing N N 289 
PHE CD2 CE2  doub Y N 290 
PHE CD2 HD2  sing N N 291 
PHE CE1 CZ   doub Y N 292 
PHE CE1 HE1  sing N N 293 
PHE CE2 CZ   sing Y N 294 
PHE CE2 HE2  sing N N 295 
PHE CZ  HZ   sing N N 296 
PHE OXT HXT  sing N N 297 
PRO N   CA   sing N N 298 
PRO N   CD   sing N N 299 
PRO N   H    sing N N 300 
PRO CA  C    sing N N 301 
PRO CA  CB   sing N N 302 
PRO CA  HA   sing N N 303 
PRO C   O    doub N N 304 
PRO C   OXT  sing N N 305 
PRO CB  CG   sing N N 306 
PRO CB  HB2  sing N N 307 
PRO CB  HB3  sing N N 308 
PRO CG  CD   sing N N 309 
PRO CG  HG2  sing N N 310 
PRO CG  HG3  sing N N 311 
PRO CD  HD2  sing N N 312 
PRO CD  HD3  sing N N 313 
PRO OXT HXT  sing N N 314 
SER N   CA   sing N N 315 
SER N   H    sing N N 316 
SER N   H2   sing N N 317 
SER CA  C    sing N N 318 
SER CA  CB   sing N N 319 
SER CA  HA   sing N N 320 
SER C   O    doub N N 321 
SER C   OXT  sing N N 322 
SER CB  OG   sing N N 323 
SER CB  HB2  sing N N 324 
SER CB  HB3  sing N N 325 
SER OG  HG   sing N N 326 
SER OXT HXT  sing N N 327 
THR N   CA   sing N N 328 
THR N   H    sing N N 329 
THR N   H2   sing N N 330 
THR CA  C    sing N N 331 
THR CA  CB   sing N N 332 
THR CA  HA   sing N N 333 
THR C   O    doub N N 334 
THR C   OXT  sing N N 335 
THR CB  OG1  sing N N 336 
THR CB  CG2  sing N N 337 
THR CB  HB   sing N N 338 
THR OG1 HG1  sing N N 339 
THR CG2 HG21 sing N N 340 
THR CG2 HG22 sing N N 341 
THR CG2 HG23 sing N N 342 
THR OXT HXT  sing N N 343 
TRP N   CA   sing N N 344 
TRP N   H    sing N N 345 
TRP N   H2   sing N N 346 
TRP CA  C    sing N N 347 
TRP CA  CB   sing N N 348 
TRP CA  HA   sing N N 349 
TRP C   O    doub N N 350 
TRP C   OXT  sing N N 351 
TRP CB  CG   sing N N 352 
TRP CB  HB2  sing N N 353 
TRP CB  HB3  sing N N 354 
TRP CG  CD1  doub Y N 355 
TRP CG  CD2  sing Y N 356 
TRP CD1 NE1  sing Y N 357 
TRP CD1 HD1  sing N N 358 
TRP CD2 CE2  doub Y N 359 
TRP CD2 CE3  sing Y N 360 
TRP NE1 CE2  sing Y N 361 
TRP NE1 HE1  sing N N 362 
TRP CE2 CZ2  sing Y N 363 
TRP CE3 CZ3  doub Y N 364 
TRP CE3 HE3  sing N N 365 
TRP CZ2 CH2  doub Y N 366 
TRP CZ2 HZ2  sing N N 367 
TRP CZ3 CH2  sing Y N 368 
TRP CZ3 HZ3  sing N N 369 
TRP CH2 HH2  sing N N 370 
TRP OXT HXT  sing N N 371 
TYR N   CA   sing N N 372 
TYR N   H    sing N N 373 
TYR N   H2   sing N N 374 
TYR CA  C    sing N N 375 
TYR CA  CB   sing N N 376 
TYR CA  HA   sing N N 377 
TYR C   O    doub N N 378 
TYR C   OXT  sing N N 379 
TYR CB  CG   sing N N 380 
TYR CB  HB2  sing N N 381 
TYR CB  HB3  sing N N 382 
TYR CG  CD1  doub Y N 383 
TYR CG  CD2  sing Y N 384 
TYR CD1 CE1  sing Y N 385 
TYR CD1 HD1  sing N N 386 
TYR CD2 CE2  doub Y N 387 
TYR CD2 HD2  sing N N 388 
TYR CE1 CZ   doub Y N 389 
TYR CE1 HE1  sing N N 390 
TYR CE2 CZ   sing Y N 391 
TYR CE2 HE2  sing N N 392 
TYR CZ  OH   sing N N 393 
TYR OH  HH   sing N N 394 
TYR OXT HXT  sing N N 395 
VAL N   CA   sing N N 396 
VAL N   H    sing N N 397 
VAL N   H2   sing N N 398 
VAL CA  C    sing N N 399 
VAL CA  CB   sing N N 400 
VAL CA  HA   sing N N 401 
VAL C   O    doub N N 402 
VAL C   OXT  sing N N 403 
VAL CB  CG1  sing N N 404 
VAL CB  CG2  sing N N 405 
VAL CB  HB   sing N N 406 
VAL CG1 HG11 sing N N 407 
VAL CG1 HG12 sing N N 408 
VAL CG1 HG13 sing N N 409 
VAL CG2 HG21 sing N N 410 
VAL CG2 HG22 sing N N 411 
VAL CG2 HG23 sing N N 412 
VAL OXT HXT  sing N N 413 
# 
_pdbx_initial_refinement_model.id               1 
_pdbx_initial_refinement_model.entity_id_list   ? 
_pdbx_initial_refinement_model.type             'experimental model' 
_pdbx_initial_refinement_model.source_name      PDB 
_pdbx_initial_refinement_model.accession_code   4BFE 
_pdbx_initial_refinement_model.details          'PDB ENTRY 4BFE' 
# 
_atom_sites.entry_id                    4BFG 
_atom_sites.fract_transf_matrix[1][1]   -0.00092925 
_atom_sites.fract_transf_matrix[1][2]   -0.00436138 
_atom_sites.fract_transf_matrix[1][3]   0.01871816 
_atom_sites.fract_transf_matrix[2][1]   -0.00720009 
_atom_sites.fract_transf_matrix[2][2]   -0.01729632 
_atom_sites.fract_transf_matrix[2][3]   -0.00438753 
_atom_sites.fract_transf_matrix[3][1]   0.00527967 
_atom_sites.fract_transf_matrix[3][2]   -0.00213794 
_atom_sites.fract_transf_matrix[3][3]   -0.00023604 
_atom_sites.fract_transf_vector[1]      -0.224006 
_atom_sites.fract_transf_vector[2]      0.596970 
_atom_sites.fract_transf_vector[3]      0.180030 
# 
loop_
_atom_type.symbol 
C 
N 
O 
S 
# 
loop_
_atom_site.group_PDB 
_atom_site.id 
_atom_site.type_symbol 
_atom_site.label_atom_id 
_atom_site.label_alt_id 
_atom_site.label_comp_id 
_atom_site.label_asym_id 
_atom_site.label_entity_id 
_atom_site.label_seq_id 
_atom_site.pdbx_PDB_ins_code 
_atom_site.Cartn_x 
_atom_site.Cartn_y 
_atom_site.Cartn_z 
_atom_site.occupancy 
_atom_site.B_iso_or_equiv 
_atom_site.pdbx_formal_charge 
_atom_site.auth_seq_id 
_atom_site.auth_comp_id 
_atom_site.auth_asym_id 
_atom_site.auth_atom_id 
_atom_site.pdbx_PDB_model_num 
ATOM   1    N N   . PRO A 1 14  ? 5.506   -15.330 -21.442 1.00 53.36  ? 15   PRO A N   1 
ATOM   2    C CA  . PRO A 1 14  ? 5.848   -14.156 -22.262 1.00 52.41  ? 15   PRO A CA  1 
ATOM   3    C C   . PRO A 1 14  ? 7.307   -14.166 -22.687 1.00 52.51  ? 15   PRO A C   1 
ATOM   4    O O   . PRO A 1 14  ? 8.093   -14.924 -22.140 1.00 54.12  ? 15   PRO A O   1 
ATOM   5    C CB  . PRO A 1 14  ? 5.566   -12.987 -21.317 1.00 54.36  ? 15   PRO A CB  1 
ATOM   6    C CG  . PRO A 1 14  ? 5.848   -13.544 -19.963 1.00 59.02  ? 15   PRO A CG  1 
ATOM   7    C CD  . PRO A 1 14  ? 5.506   -15.010 -20.001 1.00 54.78  ? 15   PRO A CD  1 
ATOM   8    N N   . LEU A 1 15  ? 7.679   -13.326 -23.652 1.00 45.01  ? 16   LEU A N   1 
ATOM   9    C CA  . LEU A 1 15  ? 9.067   -13.283 -24.013 1.00 42.69  ? 16   LEU A CA  1 
ATOM   10   C C   . LEU A 1 15  ? 9.842   -12.387 -23.052 1.00 39.13  ? 16   LEU A C   1 
ATOM   11   O O   . LEU A 1 15  ? 11.056  -12.534 -22.934 1.00 38.84  ? 16   LEU A O   1 
ATOM   12   C CB  . LEU A 1 15  ? 9.325   -12.979 -25.505 1.00 43.85  ? 16   LEU A CB  1 
ATOM   13   C CG  . LEU A 1 15  ? 8.865   -11.667 -26.156 1.00 48.46  ? 16   LEU A CG  1 
ATOM   14   C CD1 . LEU A 1 15  ? 9.672   -10.492 -25.684 1.00 48.08  ? 16   LEU A CD1 1 
ATOM   15   C CD2 . LEU A 1 15  ? 9.101   -11.734 -27.650 1.00 51.17  ? 16   LEU A CD2 1 
ATOM   16   N N   . THR A 1 16  ? 9.146   -11.415 -22.415 1.00 29.19  ? 17   THR A N   1 
ATOM   17   C CA  . THR A 1 16  ? 9.721   -10.517 -21.433 1.00 25.48  ? 17   THR A CA  1 
ATOM   18   C C   . THR A 1 16  ? 8.714   -10.275 -20.359 1.00 25.66  ? 17   THR A C   1 
ATOM   19   O O   . THR A 1 16  ? 7.615   -9.767  -20.630 1.00 23.37  ? 17   THR A O   1 
ATOM   20   C CB  . THR A 1 16  ? 10.244  -9.220  -22.045 1.00 33.80  ? 17   THR A CB  1 
ATOM   21   O OG1 . THR A 1 16  ? 11.155  -9.559  -23.090 1.00 38.08  ? 17   THR A OG1 1 
ATOM   22   C CG2 . THR A 1 16  ? 10.959  -8.320  -20.993 1.00 27.60  ? 17   THR A CG2 1 
ATOM   23   N N   . GLN A 1 17  ? 9.092   -10.626 -19.126 1.00 20.32  ? 18   GLN A N   1 
ATOM   24   C CA  . GLN A 1 17  ? 8.231   -10.485 -17.954 1.00 19.65  ? 18   GLN A CA  1 
ATOM   25   C C   . GLN A 1 17  ? 8.905   -9.582  -16.944 1.00 25.66  ? 18   GLN A C   1 
ATOM   26   O O   . GLN A 1 17  ? 10.070  -9.799  -16.583 1.00 27.14  ? 18   GLN A O   1 
ATOM   27   C CB  . GLN A 1 17  ? 7.896   -11.884 -17.364 1.00 20.38  ? 18   GLN A CB  1 
ATOM   28   C CG  . GLN A 1 17  ? 7.096   -11.854 -16.053 1.00 16.57  ? 18   GLN A CG  1 
ATOM   29   C CD  . GLN A 1 17  ? 7.168   -13.203 -15.393 1.00 20.61  ? 18   GLN A CD  1 
ATOM   30   O OE1 . GLN A 1 17  ? 8.184   -13.569 -14.802 1.00 21.97  ? 18   GLN A OE1 1 
ATOM   31   N NE2 . GLN A 1 17  ? 6.132   -13.991 -15.521 1.00 17.37  ? 18   GLN A NE2 1 
ATOM   32   N N   . VAL A 1 18  ? 8.205   -8.539  -16.531 1.00 22.14  ? 19   VAL A N   1 
ATOM   33   C CA  . VAL A 1 18  ? 8.721   -7.602  -15.530 1.00 21.39  ? 19   VAL A CA  1 
ATOM   34   C C   . VAL A 1 18  ? 7.844   -7.751  -14.290 1.00 25.98  ? 19   VAL A C   1 
ATOM   35   O O   . VAL A 1 18  ? 6.630   -7.635  -14.400 1.00 23.50  ? 19   VAL A O   1 
ATOM   36   C CB  . VAL A 1 18  ? 8.792   -6.128  -16.045 1.00 24.06  ? 19   VAL A CB  1 
ATOM   37   C CG1 . VAL A 1 18  ? 9.220   -5.168  -14.918 1.00 24.09  ? 19   VAL A CG1 1 
ATOM   38   C CG2 . VAL A 1 18  ? 9.758   -6.010  -17.225 1.00 22.92  ? 19   VAL A CG2 1 
ATOM   39   N N   . ASN A 1 19  ? 8.464   -8.017  -13.110 1.00 23.16  ? 20   ASN A N   1 
ATOM   40   C CA  . ASN A 1 19  ? 7.743   -8.184  -11.865 1.00 22.56  ? 20   ASN A CA  1 
ATOM   41   C C   . ASN A 1 19  ? 8.155   -7.096  -10.913 1.00 26.92  ? 20   ASN A C   1 
ATOM   42   O O   . ASN A 1 19  ? 9.346   -6.903  -10.648 1.00 24.52  ? 20   ASN A O   1 
ATOM   43   C CB  . ASN A 1 19  ? 7.989   -9.573  -11.236 1.00 21.52  ? 20   ASN A CB  1 
ATOM   44   C CG  . ASN A 1 19  ? 7.205   -10.676 -11.889 1.00 31.18  ? 20   ASN A CG  1 
ATOM   45   O OD1 . ASN A 1 19  ? 6.705   -10.552 -13.020 1.00 21.11  ? 20   ASN A OD1 1 
ATOM   46   N ND2 . ASN A 1 19  ? 7.052   -11.768 -11.169 1.00 26.38  ? 20   ASN A ND2 1 
ATOM   47   N N   . THR A 1 20  ? 7.175   -6.380  -10.391 1.00 22.85  ? 21   THR A N   1 
ATOM   48   C CA  . THR A 1 20  ? 7.513   -5.304  -9.479  1.00 23.38  ? 21   THR A CA  1 
ATOM   49   C C   . THR A 1 20  ? 6.531   -5.202  -8.334  1.00 29.00  ? 21   THR A C   1 
ATOM   50   O O   . THR A 1 20  ? 5.421   -5.727  -8.422  1.00 27.62  ? 21   THR A O   1 
ATOM   51   C CB  . THR A 1 20  ? 7.751   -3.969  -10.231 1.00 27.54  ? 21   THR A CB  1 
ATOM   52   O OG1 . THR A 1 20  ? 8.415   -3.087  -9.327  1.00 33.60  ? 21   THR A OG1 1 
ATOM   53   C CG2 . THR A 1 20  ? 6.469   -3.300  -10.684 1.00 23.67  ? 21   THR A CG2 1 
ATOM   54   N N   . THR A 1 21  ? 6.932   -4.473  -7.280  1.00 27.97  ? 22   THR A N   1 
ATOM   55   C CA  . THR A 1 21  ? 6.071   -4.192  -6.141  1.00 28.07  ? 22   THR A CA  1 
ATOM   56   C C   . THR A 1 21  ? 5.710   -2.705  -6.204  1.00 32.63  ? 22   THR A C   1 
ATOM   57   O O   . THR A 1 21  ? 6.573   -1.875  -6.481  1.00 32.48  ? 22   THR A O   1 
ATOM   58   C CB  . THR A 1 21  ? 6.786   -4.573  -4.834  1.00 37.11  ? 22   THR A CB  1 
ATOM   59   O OG1 . THR A 1 21  ? 7.174   -5.939  -4.936  1.00 39.06  ? 22   THR A OG1 1 
ATOM   60   C CG2 . THR A 1 21  ? 5.886   -4.413  -3.609  1.00 38.72  ? 22   THR A CG2 1 
ATOM   61   N N   . VAL A 1 22  ? 4.452   -2.369  -5.931  1.00 29.65  ? 23   VAL A N   1 
ATOM   62   C CA  . VAL A 1 22  ? 4.016   -0.969  -5.915  1.00 29.65  ? 23   VAL A CA  1 
ATOM   63   C C   . VAL A 1 22  ? 3.265   -0.688  -4.596  1.00 32.71  ? 23   VAL A C   1 
ATOM   64   O O   . VAL A 1 22  ? 2.440   -1.496  -4.161  1.00 31.80  ? 23   VAL A O   1 
ATOM   65   C CB  . VAL A 1 22  ? 3.230   -0.556  -7.214  1.00 32.68  ? 23   VAL A CB  1 
ATOM   66   C CG1 . VAL A 1 22  ? 1.997   -1.423  -7.454  1.00 30.98  ? 23   VAL A CG1 1 
ATOM   67   C CG2 . VAL A 1 22  ? 2.873   0.934   -7.247  1.00 32.59  ? 23   VAL A CG2 1 
ATOM   68   N N   . SER A 1 23  ? 3.608   0.419   -3.944  1.00 30.14  ? 24   SER A N   1 
ATOM   69   C CA  . SER A 1 23  ? 2.952   0.812   -2.689  1.00 31.20  ? 24   SER A CA  1 
ATOM   70   C C   . SER A 1 23  ? 2.188   2.092   -2.914  1.00 35.01  ? 24   SER A C   1 
ATOM   71   O O   . SER A 1 23  ? 2.743   3.058   -3.424  1.00 34.69  ? 24   SER A O   1 
ATOM   72   C CB  . SER A 1 23  ? 3.965   0.990   -1.562  1.00 33.44  ? 24   SER A CB  1 
ATOM   73   O OG  . SER A 1 23  ? 4.392   -0.284  -1.119  1.00 39.86  ? 24   SER A OG  1 
ATOM   74   N N   . VAL A 1 24  ? 0.909   2.087   -2.567  1.00 31.98  ? 25   VAL A N   1 
ATOM   75   C CA  . VAL A 1 24  ? 0.036   3.254   -2.746  1.00 31.65  ? 25   VAL A CA  1 
ATOM   76   C C   . VAL A 1 24  ? -0.756  3.489   -1.449  1.00 33.26  ? 25   VAL A C   1 
ATOM   77   O O   . VAL A 1 24  ? -1.272  2.532   -0.880  1.00 28.44  ? 25   VAL A O   1 
ATOM   78   C CB  . VAL A 1 24  ? -0.901  3.115   -4.004  1.00 35.10  ? 25   VAL A CB  1 
ATOM   79   C CG1 . VAL A 1 24  ? -0.116  3.253   -5.309  1.00 35.08  ? 25   VAL A CG1 1 
ATOM   80   C CG2 . VAL A 1 24  ? -1.659  1.802   -4.001  1.00 34.61  ? 25   VAL A CG2 1 
ATOM   81   N N   . GLN A 1 25  ? -0.848  4.751   -0.985  1.00 33.02  ? 26   GLN A N   1 
ATOM   82   C CA  . GLN A 1 25  ? -1.573  5.058   0.244   1.00 34.34  ? 26   GLN A CA  1 
ATOM   83   C C   . GLN A 1 25  ? -3.073  4.901   0.082   1.00 40.79  ? 26   GLN A C   1 
ATOM   84   O O   . GLN A 1 25  ? -3.641  5.335   -0.929  1.00 41.27  ? 26   GLN A O   1 
ATOM   85   C CB  . GLN A 1 25  ? -1.215  6.455   0.785   1.00 36.18  ? 26   GLN A CB  1 
ATOM   86   C CG  . GLN A 1 25  ? -1.586  6.631   2.268   1.00 35.69  ? 26   GLN A CG  1 
ATOM   87   C CD  . GLN A 1 25  ? -1.136  7.939   2.865   1.00 43.29  ? 26   GLN A CD  1 
ATOM   88   O OE1 . GLN A 1 25  ? -0.068  8.457   2.554   1.00 39.88  ? 26   GLN A OE1 1 
ATOM   89   N NE2 . GLN A 1 25  ? -1.921  8.472   3.791   1.00 35.42  ? 26   GLN A NE2 1 
ATOM   90   N N   . ILE A 1 26  ? -3.712  4.241   1.067   1.00 37.81  ? 27   ILE A N   1 
ATOM   91   C CA  . ILE A 1 26  ? -5.169  4.046   1.125   1.00 38.02  ? 27   ILE A CA  1 
ATOM   92   C C   . ILE A 1 26  ? -5.880  5.399   0.838   1.00 42.27  ? 27   ILE A C   1 
ATOM   93   O O   . ILE A 1 26  ? -5.404  6.454   1.276   1.00 39.77  ? 27   ILE A O   1 
ATOM   94   C CB  . ILE A 1 26  ? -5.547  3.420   2.507   1.00 41.35  ? 27   ILE A CB  1 
ATOM   95   C CG1 . ILE A 1 26  ? -6.981  2.889   2.538   1.00 43.02  ? 27   ILE A CG1 1 
ATOM   96   C CG2 . ILE A 1 26  ? -5.253  4.349   3.684   1.00 41.71  ? 27   ILE A CG2 1 
ATOM   97   C CD1 . ILE A 1 26  ? -7.192  1.687   3.511   1.00 55.24  ? 27   ILE A CD1 1 
ATOM   98   N N   . GLY A 1 27  ? -6.941  5.356   0.032   1.00 41.18  ? 28   GLY A N   1 
ATOM   99   C CA  . GLY A 1 27  ? -7.720  6.537   -0.336  1.00 40.82  ? 28   GLY A CA  1 
ATOM   100  C C   . GLY A 1 27  ? -7.155  7.357   -1.481  1.00 45.10  ? 28   GLY A C   1 
ATOM   101  O O   . GLY A 1 27  ? -7.865  8.204   -2.038  1.00 44.57  ? 28   GLY A O   1 
ATOM   102  N N   . THR A 1 28  ? -5.874  7.133   -1.843  1.00 40.45  ? 29   THR A N   1 
ATOM   103  C CA  . THR A 1 28  ? -5.258  7.872   -2.952  1.00 40.17  ? 29   THR A CA  1 
ATOM   104  C C   . THR A 1 28  ? -5.576  7.182   -4.309  1.00 41.36  ? 29   THR A C   1 
ATOM   105  O O   . THR A 1 28  ? -6.168  6.102   -4.335  1.00 40.61  ? 29   THR A O   1 
ATOM   106  C CB  . THR A 1 28  ? -3.739  8.095   -2.744  1.00 47.35  ? 29   THR A CB  1 
ATOM   107  O OG1 . THR A 1 28  ? -3.044  6.858   -2.933  1.00 51.51  ? 29   THR A OG1 1 
ATOM   108  C CG2 . THR A 1 28  ? -3.398  8.726   -1.395  1.00 44.36  ? 29   THR A CG2 1 
ATOM   109  N N   . LYS A 1 29  ? -5.199  7.832   -5.415  1.00 37.43  ? 30   LYS A N   1 
ATOM   110  C CA  . LYS A 1 29  ? -5.375  7.317   -6.764  1.00 37.02  ? 30   LYS A CA  1 
ATOM   111  C C   . LYS A 1 29  ? -4.090  6.639   -7.191  1.00 41.17  ? 30   LYS A C   1 
ATOM   112  O O   . LYS A 1 29  ? -3.013  7.232   -7.057  1.00 40.90  ? 30   LYS A O   1 
ATOM   113  C CB  . LYS A 1 29  ? -5.714  8.443   -7.756  1.00 39.45  ? 30   LYS A CB  1 
ATOM   114  C CG  . LYS A 1 29  ? -5.875  7.974   -9.218  1.00 48.02  ? 30   LYS A CG  1 
ATOM   115  C CD  . LYS A 1 29  ? -6.190  9.126   -10.172 1.00 57.24  ? 30   LYS A CD  1 
ATOM   116  C CE  . LYS A 1 29  ? -4.971  9.776   -10.775 1.00 66.52  ? 30   LYS A CE  1 
ATOM   117  N NZ  . LYS A 1 29  ? -5.344  10.704  -11.883 1.00 80.23  ? 30   LYS A NZ  1 
ATOM   118  N N   . ALA A 1 30  ? -4.217  5.407   -7.731  1.00 36.59  ? 31   ALA A N   1 
ATOM   119  C CA  . ALA A 1 30  ? -3.097  4.631   -8.266  1.00 35.81  ? 31   ALA A CA  1 
ATOM   120  C C   . ALA A 1 30  ? -3.184  4.615   -9.801  1.00 38.06  ? 31   ALA A C   1 
ATOM   121  O O   . ALA A 1 30  ? -4.270  4.402   -10.353 1.00 36.22  ? 31   ALA A O   1 
ATOM   122  C CB  . ALA A 1 30  ? -3.156  3.201   -7.741  1.00 36.17  ? 31   ALA A CB  1 
ATOM   123  N N   . LEU A 1 31  ? -2.032  4.793   -10.467 1.00 33.68  ? 32   LEU A N   1 
ATOM   124  C CA  . LEU A 1 31  ? -1.857  4.692   -11.919 1.00 32.83  ? 32   LEU A CA  1 
ATOM   125  C C   . LEU A 1 31  ? -0.750  3.679   -12.205 1.00 32.14  ? 32   LEU A C   1 
ATOM   126  O O   . LEU A 1 31  ? 0.378   3.867   -11.752 1.00 31.61  ? 32   LEU A O   1 
ATOM   127  C CB  . LEU A 1 31  ? -1.493  6.049   -12.565 1.00 32.98  ? 32   LEU A CB  1 
ATOM   128  C CG  . LEU A 1 31  ? -2.620  7.076   -12.631 1.00 37.94  ? 32   LEU A CG  1 
ATOM   129  C CD1 . LEU A 1 31  ? -2.065  8.455   -12.836 1.00 38.58  ? 32   LEU A CD1 1 
ATOM   130  C CD2 . LEU A 1 31  ? -3.630  6.717   -13.694 1.00 38.84  ? 32   LEU A CD2 1 
ATOM   131  N N   . LEU A 1 32  ? -1.062  2.617   -12.955 1.00 25.12  ? 33   LEU A N   1 
ATOM   132  C CA  . LEU A 1 32  ? -0.075  1.596   -13.298 1.00 24.48  ? 33   LEU A CA  1 
ATOM   133  C C   . LEU A 1 32  ? 0.129   1.544   -14.804 1.00 31.39  ? 33   LEU A C   1 
ATOM   134  O O   . LEU A 1 32  ? -0.852  1.349   -15.530 1.00 29.97  ? 33   LEU A O   1 
ATOM   135  C CB  . LEU A 1 32  ? -0.530  0.199   -12.787 1.00 23.67  ? 33   LEU A CB  1 
ATOM   136  C CG  . LEU A 1 32  ? -0.943  0.063   -11.315 1.00 27.66  ? 33   LEU A CG  1 
ATOM   137  C CD1 . LEU A 1 32  ? -1.438  -1.332  -11.022 1.00 27.38  ? 33   LEU A CD1 1 
ATOM   138  C CD2 . LEU A 1 32  ? 0.206   0.441   -10.352 1.00 29.23  ? 33   LEU A CD2 1 
ATOM   139  N N   . CYS A 1 33  ? 1.392   1.658   -15.273 1.00 31.56  ? 34   CYS A N   1 
ATOM   140  C CA  . CYS A 1 33  ? 1.759   1.520   -16.696 1.00 34.50  ? 34   CYS A CA  1 
ATOM   141  C C   . CYS A 1 33  ? 1.658   0.060   -17.089 1.00 32.19  ? 34   CYS A C   1 
ATOM   142  O O   . CYS A 1 33  ? 2.042   -0.815  -16.316 1.00 30.40  ? 34   CYS A O   1 
ATOM   143  C CB  . CYS A 1 33  ? 3.169   2.041   -16.963 1.00 39.48  ? 34   CYS A CB  1 
ATOM   144  S SG  . CYS A 1 33  ? 3.407   3.800   -16.618 1.00 46.56  ? 34   CYS A SG  1 
ATOM   145  N N   . CYS A 1 34  ? 1.203   -0.214  -18.311 1.00 25.37  ? 35   CYS A N   1 
ATOM   146  C CA  . CYS A 1 34  ? 1.099   -1.578  -18.812 1.00 23.68  ? 35   CYS A CA  1 
ATOM   147  C C   . CYS A 1 34  ? 2.477   -2.292  -18.953 1.00 27.11  ? 35   CYS A C   1 
ATOM   148  O O   . CYS A 1 34  ? 2.570   -3.502  -18.798 1.00 23.85  ? 35   CYS A O   1 
ATOM   149  C CB  . CYS A 1 34  ? 0.331   -1.597  -20.122 1.00 24.32  ? 35   CYS A CB  1 
ATOM   150  S SG  . CYS A 1 34  ? 0.058   -3.253  -20.770 1.00 28.52  ? 35   CYS A SG  1 
ATOM   151  N N   . PHE A 1 35  ? 3.534   -1.538  -19.300 1.00 23.78  ? 36   PHE A N   1 
ATOM   152  C CA  . PHE A 1 35  ? 4.865   -2.109  -19.444 1.00 22.50  ? 36   PHE A CA  1 
ATOM   153  C C   . PHE A 1 35  ? 5.913   -1.061  -19.097 1.00 28.90  ? 36   PHE A C   1 
ATOM   154  O O   . PHE A 1 35  ? 5.568   0.129   -18.938 1.00 27.82  ? 36   PHE A O   1 
ATOM   155  C CB  . PHE A 1 35  ? 5.052   -2.732  -20.848 1.00 23.02  ? 36   PHE A CB  1 
ATOM   156  C CG  . PHE A 1 35  ? 6.151   -3.764  -20.893 1.00 23.28  ? 36   PHE A CG  1 
ATOM   157  C CD1 . PHE A 1 35  ? 6.054   -4.944  -20.156 1.00 23.48  ? 36   PHE A CD1 1 
ATOM   158  C CD2 . PHE A 1 35  ? 7.321   -3.529  -21.621 1.00 21.95  ? 36   PHE A CD2 1 
ATOM   159  C CE1 . PHE A 1 35  ? 7.114   -5.860  -20.132 1.00 24.38  ? 36   PHE A CE1 1 
ATOM   160  C CE2 . PHE A 1 35  ? 8.348   -4.468  -21.643 1.00 24.25  ? 36   PHE A CE2 1 
ATOM   161  C CZ  . PHE A 1 35  ? 8.246   -5.622  -20.892 1.00 23.92  ? 36   PHE A CZ  1 
ATOM   162  N N   . SER A 1 36  ? 7.182   -1.505  -18.929 1.00 27.30  ? 37   SER A N   1 
ATOM   163  C CA  . SER A 1 36  ? 8.356   -0.657  -18.602 1.00 27.63  ? 37   SER A CA  1 
ATOM   164  C C   . SER A 1 36  ? 8.641   0.372   -19.690 1.00 31.82  ? 37   SER A C   1 
ATOM   165  O O   . SER A 1 36  ? 9.215   1.424   -19.402 1.00 31.17  ? 37   SER A O   1 
ATOM   166  C CB  . SER A 1 36  ? 9.604   -1.522  -18.440 1.00 28.66  ? 37   SER A CB  1 
ATOM   167  O OG  . SER A 1 36  ? 9.391   -2.458  -17.407 1.00 38.97  ? 37   SER A OG  1 
ATOM   168  N N   . ILE A 1 37  ? 8.264   0.051   -20.932 1.00 27.28  ? 38   ILE A N   1 
ATOM   169  C CA  . ILE A 1 37  ? 8.422   0.910   -22.106 1.00 27.57  ? 38   ILE A CA  1 
ATOM   170  C C   . ILE A 1 37  ? 7.101   0.921   -22.881 1.00 28.40  ? 38   ILE A C   1 
ATOM   171  O O   . ILE A 1 37  ? 6.381   -0.086  -22.813 1.00 26.68  ? 38   ILE A O   1 
ATOM   172  C CB  . ILE A 1 37  ? 9.625   0.472   -23.027 1.00 30.89  ? 38   ILE A CB  1 
ATOM   173  C CG1 . ILE A 1 37  ? 9.520   -1.004  -23.478 1.00 30.52  ? 38   ILE A CG1 1 
ATOM   174  C CG2 . ILE A 1 37  ? 11.002  0.759   -22.353 1.00 31.75  ? 38   ILE A CG2 1 
ATOM   175  C CD1 . ILE A 1 37  ? 9.970   -1.291  -24.877 1.00 37.15  ? 38   ILE A CD1 1 
ATOM   176  N N   . PRO A 1 38  ? 6.761   2.014   -23.621 1.00 26.11  ? 39   PRO A N   1 
ATOM   177  C CA  . PRO A 1 38  ? 5.541   1.971   -24.460 1.00 26.56  ? 39   PRO A CA  1 
ATOM   178  C C   . PRO A 1 38  ? 5.792   0.952   -25.569 1.00 29.95  ? 39   PRO A C   1 
ATOM   179  O O   . PRO A 1 38  ? 6.916   0.842   -26.045 1.00 31.39  ? 39   PRO A O   1 
ATOM   180  C CB  . PRO A 1 38  ? 5.395   3.415   -25.022 1.00 28.31  ? 39   PRO A CB  1 
ATOM   181  C CG  . PRO A 1 38  ? 6.536   4.181   -24.522 1.00 32.77  ? 39   PRO A CG  1 
ATOM   182  C CD  . PRO A 1 38  ? 7.513   3.275   -23.814 1.00 28.41  ? 39   PRO A CD  1 
ATOM   183  N N   . LEU A 1 39  ? 4.794   0.139   -25.881 1.00 24.09  ? 40   LEU A N   1 
ATOM   184  C CA  . LEU A 1 39  ? 4.894   -0.922  -26.878 1.00 24.04  ? 40   LEU A CA  1 
ATOM   185  C C   . LEU A 1 39  ? 3.997   -0.553  -28.043 1.00 33.96  ? 40   LEU A C   1 
ATOM   186  O O   . LEU A 1 39  ? 2.785   -0.626  -27.929 1.00 36.22  ? 40   LEU A O   1 
ATOM   187  C CB  . LEU A 1 39  ? 4.490   -2.287  -26.252 1.00 22.69  ? 40   LEU A CB  1 
ATOM   188  C CG  . LEU A 1 39  ? 5.371   -2.776  -25.072 1.00 25.81  ? 40   LEU A CG  1 
ATOM   189  C CD1 . LEU A 1 39  ? 4.682   -3.904  -24.286 1.00 25.67  ? 40   LEU A CD1 1 
ATOM   190  C CD2 . LEU A 1 39  ? 6.736   -3.253  -25.554 1.00 27.75  ? 40   LEU A CD2 1 
ATOM   191  N N   . THR A 1 40  ? 4.588   -0.166  -29.160 1.00 34.96  ? 41   THR A N   1 
ATOM   192  C CA  . THR A 1 40  ? 3.868   0.308   -30.360 1.00 37.63  ? 41   THR A CA  1 
ATOM   193  C C   . THR A 1 40  ? 3.010   -0.699  -31.143 1.00 43.30  ? 41   THR A C   1 
ATOM   194  O O   . THR A 1 40  ? 1.878   -0.379  -31.519 1.00 47.06  ? 41   THR A O   1 
ATOM   195  C CB  . THR A 1 40  ? 4.839   0.991   -31.341 1.00 46.87  ? 41   THR A CB  1 
ATOM   196  O OG1 . THR A 1 40  ? 5.936   0.103   -31.627 1.00 46.38  ? 41   THR A OG1 1 
ATOM   197  C CG2 . THR A 1 40  ? 5.347   2.292   -30.814 1.00 48.30  ? 41   THR A CG2 1 
ATOM   198  N N   . LYS A 1 41  ? 3.528   -1.874  -31.420 1.00 35.11  ? 42   LYS A N   1 
ATOM   199  C CA  . LYS A 1 41  ? 2.776   -2.777  -32.308 1.00 34.66  ? 42   LYS A CA  1 
ATOM   200  C C   . LYS A 1 41  ? 1.724   -3.643  -31.584 1.00 33.08  ? 42   LYS A C   1 
ATOM   201  O O   . LYS A 1 41  ? 1.459   -4.757  -32.013 1.00 30.74  ? 42   LYS A O   1 
ATOM   202  C CB  . LYS A 1 41  ? 3.766   -3.636  -33.136 1.00 37.25  ? 42   LYS A CB  1 
ATOM   203  C CG  . LYS A 1 41  ? 4.825   -2.817  -33.889 1.00 48.26  ? 42   LYS A CG  1 
ATOM   204  C CD  . LYS A 1 41  ? 5.754   -3.710  -34.711 1.00 56.54  ? 42   LYS A CD  1 
ATOM   205  C CE  . LYS A 1 41  ? 6.342   -2.958  -35.877 1.00 70.39  ? 42   LYS A CE  1 
ATOM   206  N NZ  . LYS A 1 41  ? 7.111   -3.853  -36.784 1.00 82.97  ? 42   LYS A NZ  1 
ATOM   207  N N   . ALA A 1 42  ? 1.134   -3.142  -30.491 1.00 28.21  ? 43   ALA A N   1 
ATOM   208  C CA  . ALA A 1 42  ? 0.162   -3.941  -29.735 1.00 27.80  ? 43   ALA A CA  1 
ATOM   209  C C   . ALA A 1 42  ? -1.063  -4.297  -30.575 1.00 30.13  ? 43   ALA A C   1 
ATOM   210  O O   . ALA A 1 42  ? -1.644  -3.424  -31.223 1.00 28.38  ? 43   ALA A O   1 
ATOM   211  C CB  . ALA A 1 42  ? -0.264  -3.205  -28.459 1.00 27.86  ? 43   ALA A CB  1 
ATOM   212  N N   . VAL A 1 43  ? -1.453  -5.570  -30.547 1.00 27.51  ? 44   VAL A N   1 
ATOM   213  C CA  . VAL A 1 43  ? -2.666  -6.049  -31.206 1.00 28.25  ? 44   VAL A CA  1 
ATOM   214  C C   . VAL A 1 43  ? -3.752  -6.264  -30.123 1.00 32.30  ? 44   VAL A C   1 
ATOM   215  O O   . VAL A 1 43  ? -4.932  -6.071  -30.394 1.00 30.91  ? 44   VAL A O   1 
ATOM   216  C CB  . VAL A 1 43  ? -2.460  -7.286  -32.127 1.00 33.46  ? 44   VAL A CB  1 
ATOM   217  C CG1 . VAL A 1 43  ? -1.466  -7.000  -33.265 1.00 33.36  ? 44   VAL A CG1 1 
ATOM   218  C CG2 . VAL A 1 43  ? -2.032  -8.504  -31.350 1.00 33.60  ? 44   VAL A CG2 1 
ATOM   219  N N   . LEU A 1 44  ? -3.328  -6.617  -28.878 1.00 27.04  ? 45   LEU A N   1 
ATOM   220  C CA  . LEU A 1 44  ? -4.218  -6.842  -27.731 1.00 24.63  ? 45   LEU A CA  1 
ATOM   221  C C   . LEU A 1 44  ? -3.527  -6.444  -26.421 1.00 26.39  ? 45   LEU A C   1 
ATOM   222  O O   . LEU A 1 44  ? -2.349  -6.753  -26.217 1.00 25.82  ? 45   LEU A O   1 
ATOM   223  C CB  . LEU A 1 44  ? -4.650  -8.318  -27.695 1.00 24.23  ? 45   LEU A CB  1 
ATOM   224  C CG  . LEU A 1 44  ? -5.638  -8.732  -26.606 1.00 29.10  ? 45   LEU A CG  1 
ATOM   225  C CD1 . LEU A 1 44  ? -7.019  -8.097  -26.823 1.00 29.63  ? 45   LEU A CD1 1 
ATOM   226  C CD2 . LEU A 1 44  ? -5.731  -10.268 -26.488 1.00 28.07  ? 45   LEU A CD2 1 
ATOM   227  N N   . ILE A 1 45  ? -4.235  -5.697  -25.571 1.00 23.08  ? 46   ILE A N   1 
ATOM   228  C CA  . ILE A 1 45  ? -3.760  -5.291  -24.237 1.00 22.32  ? 46   ILE A CA  1 
ATOM   229  C C   . ILE A 1 45  ? -4.789  -5.805  -23.216 1.00 28.81  ? 46   ILE A C   1 
ATOM   230  O O   . ILE A 1 45  ? -5.979  -5.526  -23.379 1.00 26.94  ? 46   ILE A O   1 
ATOM   231  C CB  . ILE A 1 45  ? -3.509  -3.776  -24.132 1.00 24.86  ? 46   ILE A CB  1 
ATOM   232  C CG1 . ILE A 1 45  ? -2.517  -3.284  -25.228 1.00 25.71  ? 46   ILE A CG1 1 
ATOM   233  C CG2 . ILE A 1 45  ? -2.986  -3.402  -22.741 1.00 25.49  ? 46   ILE A CG2 1 
ATOM   234  C CD1 . ILE A 1 45  ? -2.718  -1.819  -25.578 1.00 35.74  ? 46   ILE A CD1 1 
ATOM   235  N N   . THR A 1 46  ? -4.347  -6.621  -22.218 1.00 24.09  ? 47   THR A N   1 
ATOM   236  C CA  . THR A 1 46  ? -5.256  -7.169  -21.196 1.00 22.80  ? 47   THR A CA  1 
ATOM   237  C C   . THR A 1 46  ? -4.690  -6.971  -19.792 1.00 23.57  ? 47   THR A C   1 
ATOM   238  O O   . THR A 1 46  ? -3.558  -7.381  -19.531 1.00 22.51  ? 47   THR A O   1 
ATOM   239  C CB  . THR A 1 46  ? -5.512  -8.682  -21.404 1.00 28.83  ? 47   THR A CB  1 
ATOM   240  O OG1 . THR A 1 46  ? -5.884  -8.941  -22.749 1.00 28.97  ? 47   THR A OG1 1 
ATOM   241  C CG2 . THR A 1 46  ? -6.584  -9.262  -20.454 1.00 25.98  ? 47   THR A CG2 1 
ATOM   242  N N   . TRP A 1 47  ? -5.464  -6.349  -18.908 1.00 20.28  ? 48   TRP A N   1 
ATOM   243  C CA  . TRP A 1 47  ? -5.123  -6.270  -17.477 1.00 21.90  ? 48   TRP A CA  1 
ATOM   244  C C   . TRP A 1 47  ? -5.898  -7.380  -16.750 1.00 29.01  ? 48   TRP A C   1 
ATOM   245  O O   . TRP A 1 47  ? -7.119  -7.460  -16.896 1.00 28.76  ? 48   TRP A O   1 
ATOM   246  C CB  . TRP A 1 47  ? -5.493  -4.933  -16.871 1.00 19.55  ? 48   TRP A CB  1 
ATOM   247  C CG  . TRP A 1 47  ? -4.513  -3.829  -17.166 1.00 20.50  ? 48   TRP A CG  1 
ATOM   248  C CD1 . TRP A 1 47  ? -4.661  -2.830  -18.082 1.00 22.89  ? 48   TRP A CD1 1 
ATOM   249  C CD2 . TRP A 1 47  ? -3.346  -3.503  -16.401 1.00 20.38  ? 48   TRP A CD2 1 
ATOM   250  N NE1 . TRP A 1 47  ? -3.641  -1.920  -17.961 1.00 22.50  ? 48   TRP A NE1 1 
ATOM   251  C CE2 . TRP A 1 47  ? -2.798  -2.326  -16.956 1.00 24.06  ? 48   TRP A CE2 1 
ATOM   252  C CE3 . TRP A 1 47  ? -2.696  -4.106  -15.309 1.00 21.48  ? 48   TRP A CE3 1 
ATOM   253  C CZ2 . TRP A 1 47  ? -1.638  -1.737  -16.457 1.00 23.26  ? 48   TRP A CZ2 1 
ATOM   254  C CZ3 . TRP A 1 47  ? -1.534  -3.530  -14.825 1.00 22.92  ? 48   TRP A CZ3 1 
ATOM   255  C CH2 . TRP A 1 47  ? -1.013  -2.365  -15.399 1.00 23.65  ? 48   TRP A CH2 1 
ATOM   256  N N   . ILE A 1 48  ? -5.191  -8.267  -16.029 1.00 26.74  ? 49   ILE A N   1 
ATOM   257  C CA  . ILE A 1 48  ? -5.798  -9.371  -15.259 1.00 25.90  ? 49   ILE A CA  1 
ATOM   258  C C   . ILE A 1 48  ? -5.580  -9.004  -13.815 1.00 29.73  ? 49   ILE A C   1 
ATOM   259  O O   . ILE A 1 48  ? -4.437  -8.875  -13.353 1.00 27.95  ? 49   ILE A O   1 
ATOM   260  C CB  . ILE A 1 48  ? -5.255  -10.795 -15.582 1.00 28.37  ? 49   ILE A CB  1 
ATOM   261  C CG1 . ILE A 1 48  ? -5.355  -11.119 -17.084 1.00 28.93  ? 49   ILE A CG1 1 
ATOM   262  C CG2 . ILE A 1 48  ? -6.025  -11.868 -14.761 1.00 27.33  ? 49   ILE A CG2 1 
ATOM   263  C CD1 . ILE A 1 48  ? -4.059  -11.165 -17.787 1.00 40.31  ? 49   ILE A CD1 1 
ATOM   264  N N   . ILE A 1 49  ? -6.672  -8.769  -13.121 1.00 26.63  ? 50   ILE A N   1 
ATOM   265  C CA  . ILE A 1 49  ? -6.593  -8.314  -11.748 1.00 27.56  ? 50   ILE A CA  1 
ATOM   266  C C   . ILE A 1 49  ? -7.009  -9.461  -10.832 1.00 32.90  ? 50   ILE A C   1 
ATOM   267  O O   . ILE A 1 49  ? -8.114  -9.981  -10.954 1.00 32.16  ? 50   ILE A O   1 
ATOM   268  C CB  . ILE A 1 49  ? -7.435  -7.030  -11.544 1.00 30.28  ? 50   ILE A CB  1 
ATOM   269  C CG1 . ILE A 1 49  ? -7.040  -5.914  -12.532 1.00 30.00  ? 50   ILE A CG1 1 
ATOM   270  C CG2 . ILE A 1 49  ? -7.326  -6.547  -10.117 1.00 31.29  ? 50   ILE A CG2 1 
ATOM   271  C CD1 . ILE A 1 49  ? -7.960  -5.774  -13.686 1.00 32.50  ? 50   ILE A CD1 1 
ATOM   272  N N   . LYS A 1 50  ? -6.106  -9.861  -9.945  1.00 31.59  ? 51   LYS A N   1 
ATOM   273  C CA  . LYS A 1 50  ? -6.350  -10.959 -9.016  1.00 33.71  ? 51   LYS A CA  1 
ATOM   274  C C   . LYS A 1 50  ? -6.310  -10.404 -7.618  1.00 41.62  ? 51   LYS A C   1 
ATOM   275  O O   . LYS A 1 50  ? -5.242  -10.259 -7.017  1.00 40.78  ? 51   LYS A O   1 
ATOM   276  C CB  . LYS A 1 50  ? -5.340  -12.103 -9.225  1.00 36.69  ? 51   LYS A CB  1 
ATOM   277  C CG  . LYS A 1 50  ? -5.282  -12.634 -10.675 1.00 52.01  ? 51   LYS A CG  1 
ATOM   278  C CD  . LYS A 1 50  ? -3.933  -13.327 -10.990 1.00 56.68  ? 51   LYS A CD  1 
ATOM   279  C CE  . LYS A 1 50  ? -3.207  -12.796 -12.213 1.00 52.03  ? 51   LYS A CE  1 
ATOM   280  N NZ  . LYS A 1 50  ? -2.779  -11.370 -12.077 1.00 37.64  ? 51   LYS A NZ  1 
ATOM   281  N N   . LEU A 1 51  ? -7.472  -9.979  -7.139  1.00 42.42  ? 52   LEU A N   1 
ATOM   282  C CA  . LEU A 1 51  ? -7.560  -9.401  -5.803  1.00 43.55  ? 52   LEU A CA  1 
ATOM   283  C C   . LEU A 1 51  ? -7.640  -10.480 -4.739  1.00 47.89  ? 52   LEU A C   1 
ATOM   284  O O   . LEU A 1 51  ? -8.046  -11.617 -5.017  1.00 45.49  ? 52   LEU A O   1 
ATOM   285  C CB  . LEU A 1 51  ? -8.706  -8.386  -5.683  1.00 43.90  ? 52   LEU A CB  1 
ATOM   286  C CG  . LEU A 1 51  ? -8.608  -7.139  -6.568  1.00 49.79  ? 52   LEU A CG  1 
ATOM   287  C CD1 . LEU A 1 51  ? -9.724  -6.166  -6.258  1.00 50.98  ? 52   LEU A CD1 1 
ATOM   288  C CD2 . LEU A 1 51  ? -7.267  -6.439  -6.409  1.00 53.47  ? 52   LEU A CD2 1 
ATOM   289  N N   . ARG A 1 52  ? -7.203  -10.121 -3.520  1.00 47.48  ? 53   ARG A N   1 
ATOM   290  C CA  . ARG A 1 52  ? -7.181  -10.998 -2.346  1.00 47.86  ? 53   ARG A CA  1 
ATOM   291  C C   . ARG A 1 52  ? -8.581  -11.495 -2.001  1.00 49.10  ? 53   ARG A C   1 
ATOM   292  O O   . ARG A 1 52  ? -9.449  -10.694 -1.678  1.00 47.87  ? 53   ARG A O   1 
ATOM   293  C CB  . ARG A 1 52  ? -6.541  -10.273 -1.137  1.00 51.45  ? 53   ARG A CB  1 
ATOM   294  C CG  . ARG A 1 52  ? -5.031  -10.073 -1.263  1.00 64.13  ? 53   ARG A CG  1 
ATOM   295  C CD  . ARG A 1 52  ? -4.344  -9.901  0.086   1.00 73.43  ? 53   ARG A CD  1 
ATOM   296  N NE  . ARG A 1 52  ? -3.048  -9.237  -0.067  1.00 86.71  ? 53   ARG A NE  1 
ATOM   297  C CZ  . ARG A 1 52  ? -1.890  -9.858  -0.281  1.00 102.72 ? 53   ARG A CZ  1 
ATOM   298  N NH1 . ARG A 1 52  ? -1.839  -11.185 -0.344  1.00 90.61  ? 53   ARG A NH1 1 
ATOM   299  N NH2 . ARG A 1 52  ? -0.772  -9.159  -0.426  1.00 89.16  ? 53   ARG A NH2 1 
ATOM   300  N N   . GLY A 1 53  ? -8.781  -12.803 -2.144  1.00 45.98  ? 54   GLY A N   1 
ATOM   301  C CA  . GLY A 1 53  ? -10.030 -13.495 -1.848  1.00 46.34  ? 54   GLY A CA  1 
ATOM   302  C C   . GLY A 1 53  ? -11.192 -13.245 -2.786  1.00 52.04  ? 54   GLY A C   1 
ATOM   303  O O   . GLY A 1 53  ? -12.348 -13.437 -2.396  1.00 53.68  ? 54   GLY A O   1 
ATOM   304  N N   . LEU A 1 54  ? -10.918 -12.830 -4.027  1.00 46.80  ? 55   LEU A N   1 
ATOM   305  C CA  . LEU A 1 54  ? -11.993 -12.545 -4.979  1.00 45.46  ? 55   LEU A CA  1 
ATOM   306  C C   . LEU A 1 54  ? -11.684 -13.154 -6.349  1.00 45.13  ? 55   LEU A C   1 
ATOM   307  O O   . LEU A 1 54  ? -10.503 -13.335 -6.670  1.00 44.74  ? 55   LEU A O   1 
ATOM   308  C CB  . LEU A 1 54  ? -12.203 -11.020 -5.097  1.00 45.98  ? 55   LEU A CB  1 
ATOM   309  C CG  . LEU A 1 54  ? -12.778 -10.286 -3.871  1.00 50.67  ? 55   LEU A CG  1 
ATOM   310  C CD1 . LEU A 1 54  ? -12.533 -8.807  -3.973  1.00 50.75  ? 55   LEU A CD1 1 
ATOM   311  C CD2 . LEU A 1 54  ? -14.280 -10.555 -3.698  1.00 52.04  ? 55   LEU A CD2 1 
ATOM   312  N N   . PRO A 1 55  ? -12.695 -13.486 -7.188  1.00 37.29  ? 56   PRO A N   1 
ATOM   313  C CA  . PRO A 1 55  ? -12.364 -14.001 -8.520  1.00 36.29  ? 56   PRO A CA  1 
ATOM   314  C C   . PRO A 1 55  ? -11.672 -12.922 -9.364  1.00 35.37  ? 56   PRO A C   1 
ATOM   315  O O   . PRO A 1 55  ? -11.871 -11.723 -9.154  1.00 32.95  ? 56   PRO A O   1 
ATOM   316  C CB  . PRO A 1 55  ? -13.722 -14.394 -9.110  1.00 38.95  ? 56   PRO A CB  1 
ATOM   317  C CG  . PRO A 1 55  ? -14.720 -13.579 -8.371  1.00 43.76  ? 56   PRO A CG  1 
ATOM   318  C CD  . PRO A 1 55  ? -14.155 -13.337 -7.006  1.00 39.45  ? 56   PRO A CD  1 
ATOM   319  N N   . SER A 1 56  ? -10.811 -13.353 -10.265 1.00 32.31  ? 57   SER A N   1 
ATOM   320  C CA  . SER A 1 56  ? -10.080 -12.451 -11.148 1.00 31.90  ? 57   SER A CA  1 
ATOM   321  C C   . SER A 1 56  ? -11.032 -11.735 -12.115 1.00 35.63  ? 57   SER A C   1 
ATOM   322  O O   . SER A 1 56  ? -12.084 -12.268 -12.480 1.00 36.66  ? 57   SER A O   1 
ATOM   323  C CB  . SER A 1 56  ? -9.051  -13.238 -11.947 1.00 34.16  ? 57   SER A CB  1 
ATOM   324  O OG  . SER A 1 56  ? -9.724  -14.288 -12.620 1.00 43.29  ? 57   SER A OG  1 
ATOM   325  N N   . CYS A 1 57  ? -10.690 -10.524 -12.496 1.00 30.36  ? 58   CYS A N   1 
ATOM   326  C CA  . CYS A 1 57  ? -11.472 -9.824  -13.501 1.00 29.59  ? 58   CYS A CA  1 
ATOM   327  C C   . CYS A 1 57  ? -10.488 -9.190  -14.491 1.00 30.27  ? 58   CYS A C   1 
ATOM   328  O O   . CYS A 1 57  ? -9.291  -9.264  -14.255 1.00 26.91  ? 58   CYS A O   1 
ATOM   329  C CB  . CYS A 1 57  ? -12.439 -8.820  -12.881 1.00 30.40  ? 58   CYS A CB  1 
ATOM   330  S SG  . CYS A 1 57  ? -11.663 -7.360  -12.157 1.00 35.34  ? 58   CYS A SG  1 
ATOM   331  N N   . THR A 1 58  ? -10.968 -8.740  -15.653 1.00 26.47  ? 59   THR A N   1 
ATOM   332  C CA  . THR A 1 58  ? -10.101 -8.153  -16.678 1.00 26.35  ? 59   THR A CA  1 
ATOM   333  C C   . THR A 1 58  ? -10.683 -6.843  -17.213 1.00 29.36  ? 59   THR A C   1 
ATOM   334  O O   . THR A 1 58  ? -11.897 -6.615  -17.153 1.00 28.62  ? 59   THR A O   1 
ATOM   335  C CB  . THR A 1 58  ? -9.880  -9.116  -17.881 1.00 29.87  ? 59   THR A CB  1 
ATOM   336  O OG1 . THR A 1 58  ? -11.044 -9.105  -18.694 1.00 30.49  ? 59   THR A OG1 1 
ATOM   337  C CG2 . THR A 1 58  ? -9.547  -10.547 -17.489 1.00 29.82  ? 59   THR A CG2 1 
ATOM   338  N N   . ILE A 1 59  ? -9.802  -6.012  -17.751 1.00 26.00  ? 60   ILE A N   1 
ATOM   339  C CA  . ILE A 1 59  ? -10.043 -4.811  -18.550 1.00 25.13  ? 60   ILE A CA  1 
ATOM   340  C C   . ILE A 1 59  ? -9.143  -5.040  -19.773 1.00 28.89  ? 60   ILE A C   1 
ATOM   341  O O   . ILE A 1 59  ? -7.974  -5.424  -19.637 1.00 26.12  ? 60   ILE A O   1 
ATOM   342  C CB  . ILE A 1 59  ? -9.891  -3.417  -17.873 1.00 28.21  ? 60   ILE A CB  1 
ATOM   343  C CG1 . ILE A 1 59  ? -8.471  -3.180  -17.320 1.00 29.28  ? 60   ILE A CG1 1 
ATOM   344  C CG2 . ILE A 1 59  ? -10.971 -3.179  -16.799 1.00 25.57  ? 60   ILE A CG2 1 
ATOM   345  C CD1 . ILE A 1 59  ? -8.114  -1.611  -17.075 1.00 25.24  ? 60   ILE A CD1 1 
ATOM   346  N N   . ALA A 1 60  ? -9.732  -5.000  -20.954 1.00 25.72  ? 61   ALA A N   1 
ATOM   347  C CA  . ALA A 1 60  ? -8.985  -5.309  -22.163 1.00 25.29  ? 61   ALA A CA  1 
ATOM   348  C C   . ALA A 1 60  ? -9.278  -4.355  -23.302 1.00 31.17  ? 61   ALA A C   1 
ATOM   349  O O   . ALA A 1 60  ? -10.267 -3.624  -23.269 1.00 31.72  ? 61   ALA A O   1 
ATOM   350  C CB  . ALA A 1 60  ? -9.230  -6.753  -22.586 1.00 25.11  ? 61   ALA A CB  1 
ATOM   351  N N   . TYR A 1 61  ? -8.395  -4.343  -24.301 1.00 28.00  ? 62   TYR A N   1 
ATOM   352  C CA  . TYR A 1 61  ? -8.544  -3.517  -25.503 1.00 26.53  ? 62   TYR A CA  1 
ATOM   353  C C   . TYR A 1 61  ? -7.954  -4.245  -26.698 1.00 28.88  ? 62   TYR A C   1 
ATOM   354  O O   . TYR A 1 61  ? -6.763  -4.596  -26.693 1.00 26.45  ? 62   TYR A O   1 
ATOM   355  C CB  . TYR A 1 61  ? -7.960  -2.117  -25.294 1.00 27.78  ? 62   TYR A CB  1 
ATOM   356  C CG  . TYR A 1 61  ? -8.203  -1.174  -26.454 1.00 32.36  ? 62   TYR A CG  1 
ATOM   357  C CD1 . TYR A 1 61  ? -9.443  -0.555  -26.628 1.00 34.53  ? 62   TYR A CD1 1 
ATOM   358  C CD2 . TYR A 1 61  ? -7.179  -0.849  -27.344 1.00 33.49  ? 62   TYR A CD2 1 
ATOM   359  C CE1 . TYR A 1 61  ? -9.669  0.329   -27.686 1.00 36.91  ? 62   TYR A CE1 1 
ATOM   360  C CE2 . TYR A 1 61  ? -7.397  0.023   -28.415 1.00 34.58  ? 62   TYR A CE2 1 
ATOM   361  C CZ  . TYR A 1 61  ? -8.646  0.606   -28.584 1.00 44.51  ? 62   TYR A CZ  1 
ATOM   362  O OH  . TYR A 1 61  ? -8.867  1.476   -29.626 1.00 44.31  ? 62   TYR A OH  1 
ATOM   363  N N   . LYS A 1 62  ? -8.801  -4.545  -27.691 1.00 25.67  ? 63   LYS A N   1 
ATOM   364  C CA  . LYS A 1 62  ? -8.364  -5.190  -28.926 1.00 27.05  ? 63   LYS A CA  1 
ATOM   365  C C   . LYS A 1 62  ? -8.198  -4.055  -29.925 1.00 34.77  ? 63   LYS A C   1 
ATOM   366  O O   . LYS A 1 62  ? -9.145  -3.301  -30.179 1.00 34.71  ? 63   LYS A O   1 
ATOM   367  C CB  . LYS A 1 62  ? -9.344  -6.265  -29.407 1.00 30.16  ? 63   LYS A CB  1 
ATOM   368  C CG  . LYS A 1 62  ? -8.766  -7.135  -30.527 1.00 40.93  ? 63   LYS A CG  1 
ATOM   369  C CD  . LYS A 1 62  ? -9.625  -8.354  -30.826 1.00 53.53  ? 63   LYS A CD  1 
ATOM   370  C CE  . LYS A 1 62  ? -9.653  -8.751  -32.294 1.00 64.56  ? 63   LYS A CE  1 
ATOM   371  N NZ  . LYS A 1 62  ? -8.329  -9.216  -32.794 1.00 77.91  ? 63   LYS A NZ  1 
ATOM   372  N N   . VAL A 1 63  ? -6.963  -3.870  -30.408 1.00 33.22  ? 64   VAL A N   1 
ATOM   373  C CA  . VAL A 1 63  ? -6.564  -2.729  -31.242 1.00 33.74  ? 64   VAL A CA  1 
ATOM   374  C C   . VAL A 1 63  ? -7.272  -2.554  -32.612 1.00 40.18  ? 64   VAL A C   1 
ATOM   375  O O   . VAL A 1 63  ? -7.811  -1.474  -32.869 1.00 39.29  ? 64   VAL A O   1 
ATOM   376  C CB  . VAL A 1 63  ? -5.030  -2.524  -31.293 1.00 36.69  ? 64   VAL A CB  1 
ATOM   377  C CG1 . VAL A 1 63  ? -4.664  -1.292  -32.120 1.00 36.94  ? 64   VAL A CG1 1 
ATOM   378  C CG2 . VAL A 1 63  ? -4.453  -2.398  -29.880 1.00 35.78  ? 64   VAL A CG2 1 
ATOM   379  N N   . ASP A 1 64  ? -7.283  -3.600  -33.454 1.00 38.85  ? 65   ASP A N   1 
ATOM   380  C CA  . ASP A 1 64  ? -7.858  -3.546  -34.805 1.00 39.93  ? 65   ASP A CA  1 
ATOM   381  C C   . ASP A 1 64  ? -9.330  -3.127  -34.860 1.00 46.54  ? 65   ASP A C   1 
ATOM   382  O O   . ASP A 1 64  ? -9.695  -2.284  -35.691 1.00 46.72  ? 65   ASP A O   1 
ATOM   383  C CB  . ASP A 1 64  ? -7.597  -4.838  -35.596 1.00 41.16  ? 65   ASP A CB  1 
ATOM   384  C CG  . ASP A 1 64  ? -8.172  -6.104  -35.002 1.00 54.89  ? 65   ASP A CG  1 
ATOM   385  O OD1 . ASP A 1 64  ? -8.503  -6.097  -33.799 1.00 56.32  ? 65   ASP A OD1 1 
ATOM   386  O OD2 . ASP A 1 64  ? -8.241  -7.125  -35.728 1.00 59.32  ? 65   ASP A OD2 1 
ATOM   387  N N   . THR A 1 65  ? -10.154 -3.652  -33.929 1.00 42.25  ? 66   THR A N   1 
ATOM   388  C CA  . THR A 1 65  ? -11.579 -3.334  -33.894 1.00 40.77  ? 66   THR A CA  1 
ATOM   389  C C   . THR A 1 65  ? -11.949 -2.257  -32.890 1.00 43.43  ? 66   THR A C   1 
ATOM   390  O O   . THR A 1 65  ? -13.138 -1.973  -32.717 1.00 44.31  ? 66   THR A O   1 
ATOM   391  C CB  . THR A 1 65  ? -12.375 -4.597  -33.658 1.00 46.62  ? 66   THR A CB  1 
ATOM   392  O OG1 . THR A 1 65  ? -11.926 -5.170  -32.428 1.00 50.83  ? 66   THR A OG1 1 
ATOM   393  C CG2 . THR A 1 65  ? -12.251 -5.578  -34.807 1.00 41.35  ? 66   THR A CG2 1 
ATOM   394  N N   . LYS A 1 66  ? -10.952 -1.681  -32.204 1.00 37.06  ? 67   LYS A N   1 
ATOM   395  C CA  . LYS A 1 66  ? -11.135 -0.688  -31.147 1.00 36.19  ? 67   LYS A CA  1 
ATOM   396  C C   . LYS A 1 66  ? -12.111 -1.225  -30.060 1.00 37.36  ? 67   LYS A C   1 
ATOM   397  O O   . LYS A 1 66  ? -12.893 -0.461  -29.486 1.00 36.13  ? 67   LYS A O   1 
ATOM   398  C CB  . LYS A 1 66  ? -11.582 0.670   -31.722 1.00 40.14  ? 67   LYS A CB  1 
ATOM   399  C CG  . LYS A 1 66  ? -10.556 1.307   -32.659 1.00 54.64  ? 67   LYS A CG  1 
ATOM   400  C CD  . LYS A 1 66  ? -10.959 2.718   -33.069 1.00 59.99  ? 67   LYS A CD  1 
ATOM   401  C CE  . LYS A 1 66  ? -10.357 3.103   -34.395 1.00 71.50  ? 67   LYS A CE  1 
ATOM   402  N NZ  . LYS A 1 66  ? -9.779  4.474   -34.357 1.00 83.03  ? 67   LYS A NZ  1 
ATOM   403  N N   . THR A 1 67  ? -12.093 -2.560  -29.836 1.00 32.87  ? 68   THR A N   1 
ATOM   404  C CA  . THR A 1 67  ? -12.973 -3.230  -28.867 1.00 32.22  ? 68   THR A CA  1 
ATOM   405  C C   . THR A 1 67  ? -12.440 -3.164  -27.444 1.00 33.52  ? 68   THR A C   1 
ATOM   406  O O   . THR A 1 67  ? -11.506 -3.873  -27.078 1.00 32.54  ? 68   THR A O   1 
ATOM   407  C CB  . THR A 1 67  ? -13.332 -4.648  -29.292 1.00 41.54  ? 68   THR A CB  1 
ATOM   408  O OG1 . THR A 1 67  ? -13.747 -4.632  -30.654 1.00 44.32  ? 68   THR A OG1 1 
ATOM   409  C CG2 . THR A 1 67  ? -14.437 -5.262  -28.404 1.00 40.19  ? 68   THR A CG2 1 
ATOM   410  N N   . ASN A 1 68  ? -13.035 -2.293  -26.660 1.00 28.76  ? 69   ASN A N   1 
ATOM   411  C CA  . ASN A 1 68  ? -12.718 -2.129  -25.258 1.00 28.25  ? 69   ASN A CA  1 
ATOM   412  C C   . ASN A 1 68  ? -13.609 -3.119  -24.439 1.00 33.23  ? 69   ASN A C   1 
ATOM   413  O O   . ASN A 1 68  ? -14.726 -3.452  -24.867 1.00 32.84  ? 69   ASN A O   1 
ATOM   414  C CB  . ASN A 1 68  ? -12.998 -0.724  -24.934 1.00 26.14  ? 69   ASN A CB  1 
ATOM   415  C CG  . ASN A 1 68  ? -12.244 -0.128  -23.788 1.00 44.95  ? 69   ASN A CG  1 
ATOM   416  O OD1 . ASN A 1 68  ? -12.031 -0.730  -22.729 1.00 40.81  ? 69   ASN A OD1 1 
ATOM   417  N ND2 . ASN A 1 68  ? -11.921 1.119   -23.979 1.00 32.06  ? 69   ASN A ND2 1 
ATOM   418  N N   . GLU A 1 69  ? -13.088 -3.634  -23.305 1.00 26.49  ? 70   GLU A N   1 
ATOM   419  C CA  . GLU A 1 69  ? -13.776 -4.676  -22.514 1.00 24.55  ? 70   GLU A CA  1 
ATOM   420  C C   . GLU A 1 69  ? -13.555 -4.442  -21.020 1.00 31.35  ? 70   GLU A C   1 
ATOM   421  O O   . GLU A 1 69  ? -12.559 -3.823  -20.621 1.00 30.38  ? 70   GLU A O   1 
ATOM   422  C CB  . GLU A 1 69  ? -13.241 -6.076  -22.943 1.00 24.31  ? 70   GLU A CB  1 
ATOM   423  C CG  . GLU A 1 69  ? -13.669 -7.313  -22.143 1.00 33.60  ? 70   GLU A CG  1 
ATOM   424  C CD  . GLU A 1 69  ? -12.973 -7.685  -20.830 1.00 48.85  ? 70   GLU A CD  1 
ATOM   425  O OE1 . GLU A 1 69  ? -12.006 -7.006  -20.415 1.00 35.19  ? 70   GLU A OE1 1 
ATOM   426  O OE2 . GLU A 1 69  ? -13.419 -8.663  -20.194 1.00 38.37  ? 70   GLU A OE2 1 
ATOM   427  N N   . THR A 1 70  ? -14.487 -4.962  -20.198 1.00 26.75  ? 71   THR A N   1 
ATOM   428  C CA  . THR A 1 70  ? -14.381 -4.984  -18.745 1.00 26.22  ? 71   THR A CA  1 
ATOM   429  C C   . THR A 1 70  ? -15.290 -6.045  -18.148 1.00 32.39  ? 71   THR A C   1 
ATOM   430  O O   . THR A 1 70  ? -16.462 -6.157  -18.534 1.00 30.96  ? 71   THR A O   1 
ATOM   431  C CB  . THR A 1 70  ? -14.559 -3.624  -18.058 1.00 30.68  ? 71   THR A CB  1 
ATOM   432  O OG1 . THR A 1 70  ? -14.438 -3.845  -16.640 1.00 27.05  ? 71   THR A OG1 1 
ATOM   433  C CG2 . THR A 1 70  ? -15.919 -2.959  -18.354 1.00 30.67  ? 71   THR A CG2 1 
ATOM   434  N N   . SER A 1 71  ? -14.736 -6.830  -17.227 1.00 29.44  ? 72   SER A N   1 
ATOM   435  C CA  . SER A 1 71  ? -15.497 -7.792  -16.424 1.00 29.81  ? 72   SER A CA  1 
ATOM   436  C C   . SER A 1 71  ? -15.259 -7.407  -14.930 1.00 34.75  ? 72   SER A C   1 
ATOM   437  O O   . SER A 1 71  ? -15.467 -8.225  -14.039 1.00 35.86  ? 72   SER A O   1 
ATOM   438  C CB  . SER A 1 71  ? -15.115 -9.237  -16.748 1.00 31.31  ? 72   SER A CB  1 
ATOM   439  O OG  . SER A 1 71  ? -13.824 -9.607  -16.296 1.00 42.01  ? 72   SER A OG  1 
ATOM   440  N N   . CYS A 1 72  ? -14.847 -6.133  -14.691 1.00 30.65  ? 73   CYS A N   1 
ATOM   441  C CA  . CYS A 1 72  ? -14.511 -5.565  -13.376 1.00 31.74  ? 73   CYS A CA  1 
ATOM   442  C C   . CYS A 1 72  ? -15.585 -4.652  -12.790 1.00 38.99  ? 73   CYS A C   1 
ATOM   443  O O   . CYS A 1 72  ? -15.244 -3.803  -11.955 1.00 35.84  ? 73   CYS A O   1 
ATOM   444  C CB  . CYS A 1 72  ? -13.154 -4.855  -13.408 1.00 31.69  ? 73   CYS A CB  1 
ATOM   445  S SG  . CYS A 1 72  ? -11.736 -5.952  -13.678 1.00 35.55  ? 73   CYS A SG  1 
ATOM   446  N N   . LEU A 1 73  ? -16.865 -4.774  -13.254 1.00 40.36  ? 74   LEU A N   1 
ATOM   447  C CA  . LEU A 1 73  ? -17.965 -3.959  -12.713 1.00 42.31  ? 74   LEU A CA  1 
ATOM   448  C C   . LEU A 1 73  ? -18.073 -4.185  -11.196 1.00 45.77  ? 74   LEU A C   1 
ATOM   449  O O   . LEU A 1 73  ? -18.017 -5.331  -10.728 1.00 44.65  ? 74   LEU A O   1 
ATOM   450  C CB  . LEU A 1 73  ? -19.327 -4.322  -13.366 1.00 43.02  ? 74   LEU A CB  1 
ATOM   451  C CG  . LEU A 1 73  ? -19.594 -3.852  -14.803 1.00 48.78  ? 74   LEU A CG  1 
ATOM   452  C CD1 . LEU A 1 73  ? -21.001 -4.229  -15.241 1.00 49.25  ? 74   LEU A CD1 1 
ATOM   453  C CD2 . LEU A 1 73  ? -19.455 -2.373  -14.932 1.00 50.92  ? 74   LEU A CD2 1 
ATOM   454  N N   . GLY A 1 74  ? -18.186 -3.095  -10.457 1.00 43.79  ? 75   GLY A N   1 
ATOM   455  C CA  . GLY A 1 74  ? -18.309 -3.137  -9.004  1.00 44.44  ? 75   GLY A CA  1 
ATOM   456  C C   . GLY A 1 74  ? -17.009 -3.418  -8.276  1.00 48.71  ? 75   GLY A C   1 
ATOM   457  O O   . GLY A 1 74  ? -17.042 -3.793  -7.101  1.00 49.03  ? 75   GLY A O   1 
ATOM   458  N N   . ARG A 1 75  ? -15.851 -3.228  -8.967  1.00 43.53  ? 76   ARG A N   1 
ATOM   459  C CA  . ARG A 1 75  ? -14.507 -3.426  -8.402  1.00 42.21  ? 76   ARG A CA  1 
ATOM   460  C C   . ARG A 1 75  ? -13.676 -2.150  -8.339  1.00 45.63  ? 76   ARG A C   1 
ATOM   461  O O   . ARG A 1 75  ? -12.570 -2.200  -7.801  1.00 47.65  ? 76   ARG A O   1 
ATOM   462  C CB  . ARG A 1 75  ? -13.738 -4.518  -9.146  1.00 39.96  ? 76   ARG A CB  1 
ATOM   463  C CG  . ARG A 1 75  ? -14.500 -5.817  -9.267  1.00 47.76  ? 76   ARG A CG  1 
ATOM   464  C CD  . ARG A 1 75  ? -14.418 -6.694  -8.027  1.00 49.93  ? 76   ARG A CD  1 
ATOM   465  N NE  . ARG A 1 75  ? -14.383 -8.079  -8.472  1.00 59.34  ? 76   ARG A NE  1 
ATOM   466  C CZ  . ARG A 1 75  ? -13.265 -8.743  -8.742  1.00 73.53  ? 76   ARG A CZ  1 
ATOM   467  N NH1 . ARG A 1 75  ? -12.079 -8.182  -8.518  1.00 65.59  ? 76   ARG A NH1 1 
ATOM   468  N NH2 . ARG A 1 75  ? -13.320 -9.980  -9.213  1.00 45.85  ? 76   ARG A NH2 1 
ATOM   469  N N   . ASN A 1 76  ? -14.197 -1.012  -8.880  1.00 39.33  ? 77   ASN A N   1 
ATOM   470  C CA  . ASN A 1 76  ? -13.574 0.337   -8.893  1.00 38.34  ? 77   ASN A CA  1 
ATOM   471  C C   . ASN A 1 76  ? -12.187 0.405   -9.591  1.00 40.80  ? 77   ASN A C   1 
ATOM   472  O O   . ASN A 1 76  ? -11.337 1.270   -9.275  1.00 38.61  ? 77   ASN A O   1 
ATOM   473  C CB  . ASN A 1 76  ? -13.560 0.977   -7.493  1.00 42.19  ? 77   ASN A CB  1 
ATOM   474  C CG  . ASN A 1 76  ? -14.885 0.915   -6.742  1.00 77.91  ? 77   ASN A CG  1 
ATOM   475  O OD1 . ASN A 1 76  ? -15.921 1.415   -7.200  1.00 72.25  ? 77   ASN A OD1 1 
ATOM   476  N ND2 . ASN A 1 76  ? -14.873 0.323   -5.550  1.00 74.14  ? 77   ASN A ND2 1 
ATOM   477  N N   . ILE A 1 77  ? -11.999 -0.498  -10.578 1.00 36.35  ? 78   ILE A N   1 
ATOM   478  C CA  . ILE A 1 77  ? -10.804 -0.627  -11.423 1.00 35.45  ? 78   ILE A CA  1 
ATOM   479  C C   . ILE A 1 77  ? -11.250 -0.273  -12.840 1.00 37.80  ? 78   ILE A C   1 
ATOM   480  O O   . ILE A 1 77  ? -12.177 -0.903  -13.369 1.00 35.92  ? 78   ILE A O   1 
ATOM   481  C CB  . ILE A 1 77  ? -10.254 -2.078  -11.360 1.00 38.63  ? 78   ILE A CB  1 
ATOM   482  C CG1 . ILE A 1 77  ? -9.759  -2.438  -9.942  1.00 39.13  ? 78   ILE A CG1 1 
ATOM   483  C CG2 . ILE A 1 77  ? -9.154  -2.324  -12.415 1.00 38.75  ? 78   ILE A CG2 1 
ATOM   484  C CD1 . ILE A 1 77  ? -9.922  -3.925  -9.662  1.00 43.41  ? 78   ILE A CD1 1 
ATOM   485  N N   . THR A 1 78  ? -10.628 0.746   -13.434 1.00 34.02  ? 79   THR A N   1 
ATOM   486  C CA  . THR A 1 78  ? -10.956 1.177   -14.799 1.00 33.89  ? 79   THR A CA  1 
ATOM   487  C C   . THR A 1 78  ? -9.647  1.461   -15.548 1.00 37.11  ? 79   THR A C   1 
ATOM   488  O O   . THR A 1 78  ? -8.599  1.592   -14.911 1.00 34.52  ? 79   THR A O   1 
ATOM   489  C CB  . THR A 1 78  ? -11.811 2.495   -14.798 1.00 42.15  ? 79   THR A CB  1 
ATOM   490  O OG1 . THR A 1 78  ? -11.012 3.621   -14.407 1.00 40.39  ? 79   THR A OG1 1 
ATOM   491  C CG2 . THR A 1 78  ? -13.072 2.427   -13.925 1.00 44.47  ? 79   THR A CG2 1 
ATOM   492  N N   . TRP A 1 79  ? -9.736  1.703   -16.882 1.00 32.44  ? 80   TRP A N   1 
ATOM   493  C CA  . TRP A 1 79  ? -8.606  2.205   -17.661 1.00 31.31  ? 80   TRP A CA  1 
ATOM   494  C C   . TRP A 1 79  ? -8.434  3.615   -17.182 1.00 37.49  ? 80   TRP A C   1 
ATOM   495  O O   . TRP A 1 79  ? -9.413  4.228   -16.747 1.00 38.11  ? 80   TRP A O   1 
ATOM   496  C CB  . TRP A 1 79  ? -8.959  2.295   -19.156 1.00 28.79  ? 80   TRP A CB  1 
ATOM   497  C CG  . TRP A 1 79  ? -8.989  0.976   -19.867 1.00 28.28  ? 80   TRP A CG  1 
ATOM   498  C CD1 . TRP A 1 79  ? -10.092 0.274   -20.245 1.00 30.96  ? 80   TRP A CD1 1 
ATOM   499  C CD2 . TRP A 1 79  ? -7.854  0.190   -20.263 1.00 27.50  ? 80   TRP A CD2 1 
ATOM   500  N NE1 . TRP A 1 79  ? -9.717  -0.872  -20.914 1.00 30.76  ? 80   TRP A NE1 1 
ATOM   501  C CE2 . TRP A 1 79  ? -8.347  -0.950  -20.933 1.00 31.04  ? 80   TRP A CE2 1 
ATOM   502  C CE3 . TRP A 1 79  ? -6.460  0.352   -20.139 1.00 27.88  ? 80   TRP A CE3 1 
ATOM   503  C CZ2 . TRP A 1 79  ? -7.504  -1.941  -21.436 1.00 30.04  ? 80   TRP A CZ2 1 
ATOM   504  C CZ3 . TRP A 1 79  ? -5.628  -0.630  -20.645 1.00 28.71  ? 80   TRP A CZ3 1 
ATOM   505  C CH2 . TRP A 1 79  ? -6.144  -1.757  -21.287 1.00 29.43  ? 80   TRP A CH2 1 
ATOM   506  N N   . ALA A 1 80  ? -7.211  4.166   -17.275 1.00 34.69  ? 81   ALA A N   1 
ATOM   507  C CA  . ALA A 1 80  ? -7.012  5.557   -16.922 1.00 33.72  ? 81   ALA A CA  1 
ATOM   508  C C   . ALA A 1 80  ? -7.683  6.413   -18.035 1.00 40.41  ? 81   ALA A C   1 
ATOM   509  O O   . ALA A 1 80  ? -7.698  6.011   -19.193 1.00 37.45  ? 81   ALA A O   1 
ATOM   510  C CB  . ALA A 1 80  ? -5.526  5.867   -16.836 1.00 33.59  ? 81   ALA A CB  1 
ATOM   511  N N   . SER A 1 81  ? -8.281  7.549   -17.681 1.00 42.46  ? 82   SER A N   1 
ATOM   512  C CA  . SER A 1 81  ? -8.885  8.402   -18.704 1.00 44.38  ? 82   SER A CA  1 
ATOM   513  C C   . SER A 1 81  ? -7.754  9.266   -19.263 1.00 52.54  ? 82   SER A C   1 
ATOM   514  O O   . SER A 1 81  ? -7.095  9.990   -18.514 1.00 51.75  ? 82   SER A O   1 
ATOM   515  C CB  . SER A 1 81  ? -10.019 9.249   -18.132 1.00 47.75  ? 82   SER A CB  1 
ATOM   516  O OG  . SER A 1 81  ? -10.497 10.151  -19.115 1.00 55.84  ? 82   SER A OG  1 
ATOM   517  N N   . THR A 1 82  ? -7.472  9.104   -20.558 1.00 53.11  ? 83   THR A N   1 
ATOM   518  C CA  . THR A 1 82  ? -6.378  9.812   -21.227 1.00 55.27  ? 83   THR A CA  1 
ATOM   519  C C   . THR A 1 82  ? -6.722  10.133  -22.702 1.00 63.61  ? 83   THR A C   1 
ATOM   520  O O   . THR A 1 82  ? -7.465  9.358   -23.324 1.00 63.90  ? 83   THR A O   1 
ATOM   521  C CB  . THR A 1 82  ? -5.040  9.054   -21.007 1.00 65.12  ? 83   THR A CB  1 
ATOM   522  O OG1 . THR A 1 82  ? -3.933  9.845   -21.431 1.00 70.94  ? 83   THR A OG1 1 
ATOM   523  C CG2 . THR A 1 82  ? -5.009  7.704   -21.669 1.00 60.16  ? 83   THR A CG2 1 
ATOM   524  N N   . PRO A 1 83  ? -6.214  11.262  -23.277 1.00 62.31  ? 84   PRO A N   1 
ATOM   525  C CA  . PRO A 1 83  ? -6.541  11.577  -24.684 1.00 62.27  ? 84   PRO A CA  1 
ATOM   526  C C   . PRO A 1 83  ? -5.964  10.601  -25.727 1.00 63.45  ? 84   PRO A C   1 
ATOM   527  O O   . PRO A 1 83  ? -6.618  10.356  -26.751 1.00 63.02  ? 84   PRO A O   1 
ATOM   528  C CB  . PRO A 1 83  ? -5.964  12.988  -24.871 1.00 64.48  ? 84   PRO A CB  1 
ATOM   529  C CG  . PRO A 1 83  ? -4.869  13.091  -23.860 1.00 69.22  ? 84   PRO A CG  1 
ATOM   530  C CD  . PRO A 1 83  ? -5.364  12.316  -22.675 1.00 64.38  ? 84   PRO A CD  1 
ATOM   531  N N   . ASP A 1 84  ? -4.744  10.058  -25.450 1.00 57.00  ? 85   ASP A N   1 
ATOM   532  C CA  A ASP A 1 84  ? -4.056  9.139   -26.353 0.50 55.86  ? 85   ASP A CA  1 
ATOM   533  C CA  B ASP A 1 84  ? -3.987  9.130   -26.297 0.50 55.91  ? 85   ASP A CA  1 
ATOM   534  C C   . ASP A 1 84  ? -4.392  7.654   -26.126 1.00 58.54  ? 85   ASP A C   1 
ATOM   535  O O   . ASP A 1 84  ? -3.866  6.779   -26.831 1.00 57.17  ? 85   ASP A O   1 
ATOM   536  C CB  A ASP A 1 84  ? -2.547  9.432   -26.387 0.50 57.46  ? 85   ASP A CB  1 
ATOM   537  C CB  B ASP A 1 84  ? -2.475  9.313   -26.056 0.50 57.60  ? 85   ASP A CB  1 
ATOM   538  C CG  A ASP A 1 84  ? -2.222  10.834  -26.885 0.50 63.67  ? 85   ASP A CG  1 
ATOM   539  C CG  B ASP A 1 84  ? -2.005  9.027   -24.639 0.50 65.17  ? 85   ASP A CG  1 
ATOM   540  O OD1 A ASP A 1 84  ? -2.565  11.148  -28.055 0.50 62.72  ? 85   ASP A OD1 1 
ATOM   541  O OD1 B ASP A 1 84  ? -2.443  9.742   -23.711 0.50 69.52  ? 85   ASP A OD1 1 
ATOM   542  O OD2 A ASP A 1 84  ? -1.622  11.615  -26.113 0.50 65.68  ? 85   ASP A OD2 1 
ATOM   543  O OD2 B ASP A 1 84  ? -1.166  8.120   -24.465 0.50 64.95  ? 85   ASP A OD2 1 
ATOM   544  N N   . HIS A 1 85  ? -5.328  7.371   -25.194 1.00 54.07  ? 86   HIS A N   1 
ATOM   545  C CA  . HIS A 1 85  ? -5.814  6.018   -24.887 1.00 53.20  ? 86   HIS A CA  1 
ATOM   546  C C   . HIS A 1 85  ? -4.682  5.021   -24.542 1.00 51.66  ? 86   HIS A C   1 
ATOM   547  O O   . HIS A 1 85  ? -4.611  3.889   -25.039 1.00 51.35  ? 86   HIS A O   1 
ATOM   548  C CB  . HIS A 1 85  ? -6.823  5.534   -25.943 1.00 55.16  ? 86   HIS A CB  1 
ATOM   549  C CG  . HIS A 1 85  ? -7.940  6.517   -26.131 1.00 59.85  ? 86   HIS A CG  1 
ATOM   550  N ND1 . HIS A 1 85  ? -8.998  6.592   -25.233 1.00 62.28  ? 86   HIS A ND1 1 
ATOM   551  C CD2 . HIS A 1 85  ? -8.076  7.504   -27.051 1.00 62.50  ? 86   HIS A CD2 1 
ATOM   552  C CE1 . HIS A 1 85  ? -9.769  7.578   -25.665 1.00 62.12  ? 86   HIS A CE1 1 
ATOM   553  N NE2 . HIS A 1 85  ? -9.253  8.161   -26.756 1.00 62.62  ? 86   HIS A NE2 1 
ATOM   554  N N   . SER A 1 86  ? -3.775  5.516   -23.692 1.00 43.91  ? 87   SER A N   1 
ATOM   555  C CA  . SER A 1 86  ? -2.629  4.845   -23.102 1.00 42.21  ? 87   SER A CA  1 
ATOM   556  C C   . SER A 1 86  ? -3.168  3.643   -22.306 1.00 39.44  ? 87   SER A C   1 
ATOM   557  O O   . SER A 1 86  ? -4.219  3.749   -21.660 1.00 37.58  ? 87   SER A O   1 
ATOM   558  C CB  . SER A 1 86  ? -1.891  5.803   -22.166 1.00 46.85  ? 87   SER A CB  1 
ATOM   559  O OG  . SER A 1 86  ? -0.678  5.234   -21.695 1.00 62.67  ? 87   SER A OG  1 
ATOM   560  N N   . PRO A 1 87  ? -2.474  2.492   -22.338 1.00 32.09  ? 88   PRO A N   1 
ATOM   561  C CA  . PRO A 1 87  ? -3.000  1.311   -21.639 1.00 30.22  ? 88   PRO A CA  1 
ATOM   562  C C   . PRO A 1 87  ? -2.760  1.271   -20.120 1.00 34.87  ? 88   PRO A C   1 
ATOM   563  O O   . PRO A 1 87  ? -2.652  0.187   -19.529 1.00 36.30  ? 88   PRO A O   1 
ATOM   564  C CB  . PRO A 1 87  ? -2.345  0.154   -22.379 1.00 31.54  ? 88   PRO A CB  1 
ATOM   565  C CG  . PRO A 1 87  ? -1.103  0.709   -22.978 1.00 36.17  ? 88   PRO A CG  1 
ATOM   566  C CD  . PRO A 1 87  ? -1.210  2.193   -23.051 1.00 32.43  ? 88   PRO A CD  1 
ATOM   567  N N   . GLU A 1 88  ? -2.692  2.446   -19.490 1.00 29.38  ? 89   GLU A N   1 
ATOM   568  C CA  . GLU A 1 88  ? -2.519  2.636   -18.050 1.00 29.99  ? 89   GLU A CA  1 
ATOM   569  C C   . GLU A 1 88  ? -3.829  2.255   -17.267 1.00 32.32  ? 89   GLU A C   1 
ATOM   570  O O   . GLU A 1 88  ? -4.938  2.595   -17.693 1.00 31.74  ? 89   GLU A O   1 
ATOM   571  C CB  . GLU A 1 88  ? -2.136  4.106   -17.828 1.00 31.69  ? 89   GLU A CB  1 
ATOM   572  C CG  . GLU A 1 88  ? -1.471  4.460   -16.512 1.00 44.67  ? 89   GLU A CG  1 
ATOM   573  C CD  . GLU A 1 88  ? -0.964  5.893   -16.433 1.00 73.17  ? 89   GLU A CD  1 
ATOM   574  O OE1 . GLU A 1 88  ? -1.597  6.794   -17.032 1.00 66.95  ? 89   GLU A OE1 1 
ATOM   575  O OE2 . GLU A 1 88  ? 0.060   6.122   -15.750 1.00 73.77  ? 89   GLU A OE2 1 
ATOM   576  N N   . LEU A 1 89  ? -3.693  1.512   -16.168 1.00 26.27  ? 90   LEU A N   1 
ATOM   577  C CA  . LEU A 1 89  ? -4.816  1.111   -15.307 1.00 24.99  ? 90   LEU A CA  1 
ATOM   578  C C   . LEU A 1 89  ? -4.933  2.191   -14.192 1.00 30.88  ? 90   LEU A C   1 
ATOM   579  O O   . LEU A 1 89  ? -3.923  2.784   -13.784 1.00 29.33  ? 90   LEU A O   1 
ATOM   580  C CB  . LEU A 1 89  ? -4.606  -0.310  -14.724 1.00 23.78  ? 90   LEU A CB  1 
ATOM   581  C CG  . LEU A 1 89  ? -5.708  -0.950  -13.811 1.00 28.14  ? 90   LEU A CG  1 
ATOM   582  C CD1 . LEU A 1 89  ? -5.723  -2.449  -13.923 1.00 27.93  ? 90   LEU A CD1 1 
ATOM   583  C CD2 . LEU A 1 89  ? -5.431  -0.706  -12.331 1.00 28.42  ? 90   LEU A CD2 1 
ATOM   584  N N   . GLN A 1 90  ? -6.169  2.451   -13.737 1.00 28.39  ? 91   GLN A N   1 
ATOM   585  C CA  . GLN A 1 90  ? -6.449  3.415   -12.682 1.00 29.94  ? 91   GLN A CA  1 
ATOM   586  C C   . GLN A 1 90  ? -7.293  2.825   -11.555 1.00 33.48  ? 91   GLN A C   1 
ATOM   587  O O   . GLN A 1 90  ? -8.247  2.078   -11.810 1.00 33.69  ? 91   GLN A O   1 
ATOM   588  C CB  . GLN A 1 90  ? -7.183  4.638   -13.247 1.00 32.23  ? 91   GLN A CB  1 
ATOM   589  C CG  . GLN A 1 90  ? -7.110  5.846   -12.314 1.00 47.70  ? 91   GLN A CG  1 
ATOM   590  C CD  . GLN A 1 90  ? -7.883  7.005   -12.842 1.00 60.73  ? 91   GLN A CD  1 
ATOM   591  O OE1 . GLN A 1 90  ? -7.322  7.925   -13.449 1.00 56.44  ? 91   GLN A OE1 1 
ATOM   592  N NE2 . GLN A 1 90  ? -9.192  6.980   -12.621 1.00 52.26  ? 91   GLN A NE2 1 
ATOM   593  N N   . ILE A 1 91  ? -6.921  3.157   -10.306 1.00 29.18  ? 92   ILE A N   1 
ATOM   594  C CA  . ILE A 1 91  ? -7.698  2.855   -9.107  1.00 29.03  ? 92   ILE A CA  1 
ATOM   595  C C   . ILE A 1 91  ? -7.924  4.240   -8.537  1.00 34.66  ? 92   ILE A C   1 
ATOM   596  O O   . ILE A 1 91  ? -6.961  4.882   -8.106  1.00 32.84  ? 92   ILE A O   1 
ATOM   597  C CB  . ILE A 1 91  ? -7.057  1.881   -8.098  1.00 32.67  ? 92   ILE A CB  1 
ATOM   598  C CG1 . ILE A 1 91  ? -6.611  0.567   -8.769  1.00 33.80  ? 92   ILE A CG1 1 
ATOM   599  C CG2 . ILE A 1 91  ? -8.072  1.574   -6.968  1.00 33.83  ? 92   ILE A CG2 1 
ATOM   600  C CD1 . ILE A 1 91  ? -5.498  -0.167  -8.002  1.00 39.28  ? 92   ILE A CD1 1 
ATOM   601  N N   . SER A 1 92  ? -9.163  4.767   -8.667  1.00 35.55  ? 93   SER A N   1 
ATOM   602  C CA  . SER A 1 92  ? -9.470  6.161   -8.284  1.00 37.74  ? 93   SER A CA  1 
ATOM   603  C C   . SER A 1 92  ? -9.284  6.477   -6.802  1.00 42.19  ? 93   SER A C   1 
ATOM   604  O O   . SER A 1 92  ? -8.797  7.563   -6.475  1.00 42.46  ? 93   SER A O   1 
ATOM   605  C CB  . SER A 1 92  ? -10.864 6.564   -8.753  1.00 43.63  ? 93   SER A CB  1 
ATOM   606  O OG  . SER A 1 92  ? -10.982 6.360   -10.151 1.00 58.57  ? 93   SER A OG  1 
ATOM   607  N N   . ALA A 1 93  ? -9.692  5.535   -5.915  1.00 37.52  ? 94   ALA A N   1 
ATOM   608  C CA  . ALA A 1 93  ? -9.552  5.652   -4.460  1.00 37.77  ? 94   ALA A CA  1 
ATOM   609  C C   . ALA A 1 93  ? -9.242  4.250   -3.890  1.00 40.31  ? 94   ALA A C   1 
ATOM   610  O O   . ALA A 1 93  ? -10.118 3.386   -3.772  1.00 39.08  ? 94   ALA A O   1 
ATOM   611  C CB  . ALA A 1 93  ? -10.815 6.250   -3.838  1.00 38.71  ? 94   ALA A CB  1 
ATOM   612  N N   . VAL A 1 94  ? -7.945  4.023   -3.639  1.00 35.97  ? 95   VAL A N   1 
ATOM   613  C CA  . VAL A 1 94  ? -7.343  2.777   -3.165  1.00 35.03  ? 95   VAL A CA  1 
ATOM   614  C C   . VAL A 1 94  ? -7.920  2.323   -1.815  1.00 38.56  ? 95   VAL A C   1 
ATOM   615  O O   . VAL A 1 94  ? -7.857  3.070   -0.837  1.00 37.39  ? 95   VAL A O   1 
ATOM   616  C CB  . VAL A 1 94  ? -5.785  2.982   -3.139  1.00 39.08  ? 95   VAL A CB  1 
ATOM   617  C CG1 . VAL A 1 94  ? -5.059  1.967   -2.278  1.00 38.65  ? 95   VAL A CG1 1 
ATOM   618  C CG2 . VAL A 1 94  ? -5.206  3.007   -4.548  1.00 39.01  ? 95   VAL A CG2 1 
ATOM   619  N N   . THR A 1 95  ? -8.484  1.098   -1.768  1.00 36.30  ? 96   THR A N   1 
ATOM   620  C CA  . THR A 1 95  ? -8.958  0.484   -0.520  1.00 36.23  ? 96   THR A CA  1 
ATOM   621  C C   . THR A 1 95  ? -8.011  -0.671  -0.190  1.00 40.49  ? 96   THR A C   1 
ATOM   622  O O   . THR A 1 95  ? -7.358  -1.192  -1.098  1.00 38.68  ? 96   THR A O   1 
ATOM   623  C CB  . THR A 1 95  ? -10.383 -0.049  -0.602  1.00 42.39  ? 96   THR A CB  1 
ATOM   624  O OG1 . THR A 1 95  ? -10.372 -1.273  -1.311  1.00 42.65  ? 96   THR A OG1 1 
ATOM   625  C CG2 . THR A 1 95  ? -11.387 0.964   -1.185  1.00 42.03  ? 96   THR A CG2 1 
ATOM   626  N N   . LEU A 1 96  ? -7.974  -1.113  1.090   1.00 36.36  ? 97   LEU A N   1 
ATOM   627  C CA  . LEU A 1 96  ? -7.140  -2.245  1.505   1.00 36.41  ? 97   LEU A CA  1 
ATOM   628  C C   . LEU A 1 96  ? -7.429  -3.468  0.640   1.00 38.00  ? 97   LEU A C   1 
ATOM   629  O O   . LEU A 1 96  ? -6.528  -4.251  0.345   1.00 37.33  ? 97   LEU A O   1 
ATOM   630  C CB  . LEU A 1 96  ? -7.364  -2.566  3.011   1.00 36.93  ? 97   LEU A CB  1 
ATOM   631  C CG  . LEU A 1 96  ? -6.345  -3.487  3.711   1.00 41.60  ? 97   LEU A CG  1 
ATOM   632  C CD1 . LEU A 1 96  ? -4.899  -3.080  3.439   1.00 40.23  ? 97   LEU A CD1 1 
ATOM   633  C CD2 . LEU A 1 96  ? -6.587  -3.510  5.216   1.00 46.66  ? 97   LEU A CD2 1 
ATOM   634  N N   . GLN A 1 97  ? -8.684  -3.591  0.204   1.00 34.83  ? 98   GLN A N   1 
ATOM   635  C CA  . GLN A 1 97  ? -9.238  -4.661  -0.632  1.00 34.80  ? 98   GLN A CA  1 
ATOM   636  C C   . GLN A 1 97  ? -8.632  -4.678  -2.050  1.00 37.74  ? 98   GLN A C   1 
ATOM   637  O O   . GLN A 1 97  ? -8.773  -5.684  -2.749  1.00 37.93  ? 98   GLN A O   1 
ATOM   638  C CB  . GLN A 1 97  ? -10.766 -4.524  -0.709  1.00 36.29  ? 98   GLN A CB  1 
ATOM   639  C CG  . GLN A 1 97  ? -11.491 -4.849  0.611   1.00 59.00  ? 98   GLN A CG  1 
ATOM   640  C CD  . GLN A 1 97  ? -11.375 -3.760  1.663   1.00 60.89  ? 98   GLN A CD  1 
ATOM   641  O OE1 . GLN A 1 97  ? -11.816 -2.617  1.483   1.00 51.13  ? 98   GLN A OE1 1 
ATOM   642  N NE2 . GLN A 1 97  ? -10.758 -4.094  2.782   1.00 52.67  ? 98   GLN A NE2 1 
ATOM   643  N N   . HIS A 1 98  ? -7.943  -3.580  -2.449  1.00 33.90  ? 99   HIS A N   1 
ATOM   644  C CA  . HIS A 1 98  ? -7.278  -3.451  -3.746  1.00 34.53  ? 99   HIS A CA  1 
ATOM   645  C C   . HIS A 1 98  ? -5.939  -4.184  -3.794  1.00 37.23  ? 99   HIS A C   1 
ATOM   646  O O   . HIS A 1 98  ? -5.318  -4.263  -4.861  1.00 36.04  ? 99   HIS A O   1 
ATOM   647  C CB  . HIS A 1 98  ? -7.129  -1.988  -4.173  1.00 36.46  ? 99   HIS A CB  1 
ATOM   648  C CG  . HIS A 1 98  ? -8.386  -1.432  -4.769  1.00 41.91  ? 99   HIS A CG  1 
ATOM   649  N ND1 . HIS A 1 98  ? -9.089  -0.414  -4.148  1.00 44.73  ? 99   HIS A ND1 1 
ATOM   650  C CD2 . HIS A 1 98  ? -9.054  -1.808  -5.888  1.00 44.42  ? 99   HIS A CD2 1 
ATOM   651  C CE1 . HIS A 1 98  ? -10.157 -0.200  -4.906  1.00 44.56  ? 99   HIS A CE1 1 
ATOM   652  N NE2 . HIS A 1 98  ? -10.174 -1.010  -5.969  1.00 44.71  ? 99   HIS A NE2 1 
ATOM   653  N N   . GLU A 1 99  ? -5.475  -4.706  -2.643  1.00 31.42  ? 100  GLU A N   1 
ATOM   654  C CA  . GLU A 1 99  ? -4.216  -5.450  -2.623  1.00 30.80  ? 100  GLU A CA  1 
ATOM   655  C C   . GLU A 1 99  ? -4.356  -6.730  -3.442  1.00 33.05  ? 100  GLU A C   1 
ATOM   656  O O   . GLU A 1 99  ? -5.360  -7.434  -3.359  1.00 33.46  ? 100  GLU A O   1 
ATOM   657  C CB  . GLU A 1 99  ? -3.762  -5.776  -1.191  1.00 31.97  ? 100  GLU A CB  1 
ATOM   658  C CG  . GLU A 1 99  ? -3.173  -4.581  -0.465  1.00 35.19  ? 100  GLU A CG  1 
ATOM   659  C CD  . GLU A 1 99  ? -2.290  -4.918  0.722   1.00 48.71  ? 100  GLU A CD  1 
ATOM   660  O OE1 . GLU A 1 99  ? -2.523  -5.969  1.355   1.00 36.02  ? 100  GLU A OE1 1 
ATOM   661  O OE2 . GLU A 1 99  ? -1.363  -4.133  1.020   1.00 37.94  ? 100  GLU A OE2 1 
ATOM   662  N N   . GLY A 1 100 ? -3.357  -6.999  -4.257  1.00 29.18  ? 101  GLY A N   1 
ATOM   663  C CA  . GLY A 1 100 ? -3.339  -8.186  -5.094  1.00 27.80  ? 101  GLY A CA  1 
ATOM   664  C C   . GLY A 1 100 ? -2.390  -8.024  -6.249  1.00 29.52  ? 101  GLY A C   1 
ATOM   665  O O   . GLY A 1 100 ? -1.528  -7.151  -6.224  1.00 27.86  ? 101  GLY A O   1 
ATOM   666  N N   . THR A 1 101 ? -2.557  -8.880  -7.262  1.00 25.94  ? 102  THR A N   1 
ATOM   667  C CA  . THR A 1 101 ? -1.736  -8.878  -8.454  1.00 24.99  ? 102  THR A CA  1 
ATOM   668  C C   . THR A 1 101 ? -2.472  -8.195  -9.599  1.00 25.74  ? 102  THR A C   1 
ATOM   669  O O   . THR A 1 101 ? -3.618  -8.531  -9.861  1.00 25.17  ? 102  THR A O   1 
ATOM   670  C CB  . THR A 1 101 ? -1.320  -10.309 -8.793  1.00 31.19  ? 102  THR A CB  1 
ATOM   671  O OG1 . THR A 1 101 ? -0.813  -10.912 -7.607  1.00 32.73  ? 102  THR A OG1 1 
ATOM   672  C CG2 . THR A 1 101 ? -0.265  -10.361 -9.884  1.00 26.45  ? 102  THR A CG2 1 
ATOM   673  N N   . TYR A 1 102 ? -1.791  -7.266  -10.283 1.00 22.31  ? 103  TYR A N   1 
ATOM   674  C CA  . TYR A 1 102 ? -2.283  -6.507  -11.443 1.00 22.26  ? 103  TYR A CA  1 
ATOM   675  C C   . TYR A 1 102 ? -1.306  -6.822  -12.555 1.00 23.98  ? 103  TYR A C   1 
ATOM   676  O O   . TYR A 1 102 ? -0.135  -6.442  -12.490 1.00 22.06  ? 103  TYR A O   1 
ATOM   677  C CB  . TYR A 1 102 ? -2.288  -5.002  -11.148 1.00 23.20  ? 103  TYR A CB  1 
ATOM   678  C CG  . TYR A 1 102 ? -3.322  -4.607  -10.119 1.00 24.50  ? 103  TYR A CG  1 
ATOM   679  C CD1 . TYR A 1 102 ? -3.106  -4.831  -8.759  1.00 25.42  ? 103  TYR A CD1 1 
ATOM   680  C CD2 . TYR A 1 102 ? -4.522  -4.016  -10.501 1.00 26.31  ? 103  TYR A CD2 1 
ATOM   681  C CE1 . TYR A 1 102 ? -4.094  -4.543  -7.812  1.00 26.28  ? 103  TYR A CE1 1 
ATOM   682  C CE2 . TYR A 1 102 ? -5.476  -3.642  -9.560  1.00 30.35  ? 103  TYR A CE2 1 
ATOM   683  C CZ  . TYR A 1 102 ? -5.271  -3.927  -8.214  1.00 35.26  ? 103  TYR A CZ  1 
ATOM   684  O OH  . TYR A 1 102 ? -6.217  -3.529  -7.289  1.00 29.46  ? 103  TYR A OH  1 
ATOM   685  N N   . THR A 1 103 ? -1.762  -7.617  -13.501 1.00 20.20  ? 104  THR A N   1 
ATOM   686  C CA  . THR A 1 103 ? -0.932  -8.125  -14.587 1.00 20.38  ? 104  THR A CA  1 
ATOM   687  C C   . THR A 1 103 ? -1.379  -7.537  -15.901 1.00 25.71  ? 104  THR A C   1 
ATOM   688  O O   . THR A 1 103 ? -2.555  -7.694  -16.274 1.00 24.23  ? 104  THR A O   1 
ATOM   689  C CB  . THR A 1 103 ? -1.065  -9.667  -14.645 1.00 24.29  ? 104  THR A CB  1 
ATOM   690  O OG1 . THR A 1 103 ? -0.521  -10.219 -13.439 1.00 25.22  ? 104  THR A OG1 1 
ATOM   691  C CG2 . THR A 1 103 ? -0.354  -10.276 -15.870 1.00 23.04  ? 104  THR A CG2 1 
ATOM   692  N N   . CYS A 1 104 ? -0.453  -6.854  -16.606 1.00 22.35  ? 105  CYS A N   1 
ATOM   693  C CA  . CYS A 1 104 ? -0.761  -6.340  -17.932 1.00 21.06  ? 105  CYS A CA  1 
ATOM   694  C C   . CYS A 1 104 ? -0.075  -7.195  -18.980 1.00 23.09  ? 105  CYS A C   1 
ATOM   695  O O   . CYS A 1 104 ? 1.146   -7.355  -18.942 1.00 21.38  ? 105  CYS A O   1 
ATOM   696  C CB  . CYS A 1 104 ? -0.417  -4.873  -18.113 1.00 21.99  ? 105  CYS A CB  1 
ATOM   697  S SG  . CYS A 1 104 ? -1.271  -4.153  -19.538 1.00 27.19  ? 105  CYS A SG  1 
ATOM   698  N N   . GLU A 1 105 ? -0.858  -7.731  -19.908 1.00 19.59  ? 106  GLU A N   1 
ATOM   699  C CA  . GLU A 1 105 ? -0.356  -8.591  -20.985 1.00 20.60  ? 106  GLU A CA  1 
ATOM   700  C C   . GLU A 1 105 ? -0.533  -7.838  -22.291 1.00 23.69  ? 106  GLU A C   1 
ATOM   701  O O   . GLU A 1 105 ? -1.658  -7.426  -22.618 1.00 22.47  ? 106  GLU A O   1 
ATOM   702  C CB  . GLU A 1 105 ? -1.176  -9.908  -21.066 1.00 22.53  ? 106  GLU A CB  1 
ATOM   703  C CG  . GLU A 1 105 ? -1.066  -10.797 -19.855 1.00 36.05  ? 106  GLU A CG  1 
ATOM   704  C CD  . GLU A 1 105 ? 0.015   -11.853 -19.942 1.00 67.00  ? 106  GLU A CD  1 
ATOM   705  O OE1 . GLU A 1 105 ? 1.025   -11.640 -20.656 1.00 51.09  ? 106  GLU A OE1 1 
ATOM   706  O OE2 . GLU A 1 105 ? -0.168  -12.914 -19.305 1.00 75.64  ? 106  GLU A OE2 1 
ATOM   707  N N   . THR A 1 106 ? 0.561   -7.643  -23.013 1.00 20.73  ? 107  THR A N   1 
ATOM   708  C CA  . THR A 1 106 ? 0.519   -6.973  -24.310 1.00 22.18  ? 107  THR A CA  1 
ATOM   709  C C   . THR A 1 106 ? 0.928   -8.000  -25.366 1.00 26.93  ? 107  THR A C   1 
ATOM   710  O O   . THR A 1 106 ? 1.998   -8.580  -25.272 1.00 24.91  ? 107  THR A O   1 
ATOM   711  C CB  . THR A 1 106 ? 1.426   -5.731  -24.358 1.00 28.27  ? 107  THR A CB  1 
ATOM   712  O OG1 . THR A 1 106 ? 1.143   -4.807  -23.294 1.00 27.79  ? 107  THR A OG1 1 
ATOM   713  C CG2 . THR A 1 106 ? 1.350   -5.021  -25.689 1.00 20.71  ? 107  THR A CG2 1 
ATOM   714  N N   . VAL A 1 107 ? 0.074   -8.216  -26.367 1.00 24.57  ? 108  VAL A N   1 
ATOM   715  C CA  . VAL A 1 107 ? 0.381   -9.120  -27.461 1.00 23.77  ? 108  VAL A CA  1 
ATOM   716  C C   . VAL A 1 107 ? 0.831   -8.233  -28.605 1.00 28.20  ? 108  VAL A C   1 
ATOM   717  O O   . VAL A 1 107 ? 0.156   -7.255  -28.916 1.00 25.89  ? 108  VAL A O   1 
ATOM   718  C CB  . VAL A 1 107 ? -0.848  -9.986  -27.853 1.00 28.42  ? 108  VAL A CB  1 
ATOM   719  C CG1 . VAL A 1 107 ? -0.526  -10.914 -29.033 1.00 28.48  ? 108  VAL A CG1 1 
ATOM   720  C CG2 . VAL A 1 107 ? -1.356  -10.797 -26.660 1.00 28.40  ? 108  VAL A CG2 1 
ATOM   721  N N   . THR A 1 108 ? 2.021   -8.523  -29.169 1.00 28.41  ? 109  THR A N   1 
ATOM   722  C CA  . THR A 1 108 ? 2.591   -7.851  -30.348 1.00 29.19  ? 109  THR A CA  1 
ATOM   723  C C   . THR A 1 108 ? 2.835   -8.990  -31.356 1.00 36.25  ? 109  THR A C   1 
ATOM   724  O O   . THR A 1 108 ? 2.901   -10.134 -30.914 1.00 35.89  ? 109  THR A O   1 
ATOM   725  C CB  . THR A 1 108 ? 3.858   -7.020  -30.039 1.00 32.07  ? 109  THR A CB  1 
ATOM   726  O OG1 . THR A 1 108 ? 4.946   -7.913  -29.814 1.00 35.78  ? 109  THR A OG1 1 
ATOM   727  C CG2 . THR A 1 108 ? 3.667   -6.022  -28.885 1.00 25.28  ? 109  THR A CG2 1 
ATOM   728  N N   . PRO A 1 109 ? 2.898   -8.741  -32.695 1.00 37.71  ? 110  PRO A N   1 
ATOM   729  C CA  . PRO A 1 109 ? 3.025   -9.871  -33.666 1.00 38.25  ? 110  PRO A CA  1 
ATOM   730  C C   . PRO A 1 109 ? 4.223   -10.801 -33.466 1.00 45.77  ? 110  PRO A C   1 
ATOM   731  O O   . PRO A 1 109 ? 4.220   -11.978 -33.840 1.00 46.52  ? 110  PRO A O   1 
ATOM   732  C CB  . PRO A 1 109 ? 3.155   -9.166  -35.024 1.00 39.92  ? 110  PRO A CB  1 
ATOM   733  C CG  . PRO A 1 109 ? 2.622   -7.787  -34.821 1.00 44.57  ? 110  PRO A CG  1 
ATOM   734  C CD  . PRO A 1 109 ? 2.860   -7.430  -33.383 1.00 39.66  ? 110  PRO A CD  1 
ATOM   735  N N   . GLU A 1 110 ? 5.238   -10.227 -32.858 1.00 43.11  ? 111  GLU A N   1 
ATOM   736  C CA  . GLU A 1 110 ? 6.562   -10.712 -32.584 1.00 43.84  ? 111  GLU A CA  1 
ATOM   737  C C   . GLU A 1 110 ? 6.763   -11.207 -31.150 1.00 46.83  ? 111  GLU A C   1 
ATOM   738  O O   . GLU A 1 110 ? 7.880   -11.599 -30.806 1.00 47.91  ? 111  GLU A O   1 
ATOM   739  C CB  . GLU A 1 110 ? 7.483   -9.531  -32.821 1.00 45.88  ? 111  GLU A CB  1 
ATOM   740  C CG  . GLU A 1 110 ? 6.714   -8.209  -32.743 1.00 58.83  ? 111  GLU A CG  1 
ATOM   741  C CD  . GLU A 1 110 ? 7.181   -7.179  -31.735 1.00 79.99  ? 111  GLU A CD  1 
ATOM   742  O OE1 . GLU A 1 110 ? 7.631   -7.567  -30.632 1.00 63.01  ? 111  GLU A OE1 1 
ATOM   743  O OE2 . GLU A 1 110 ? 7.066   -5.973  -32.047 1.00 90.69  ? 111  GLU A OE2 1 
ATOM   744  N N   . GLY A 1 111 ? 5.727   -11.157 -30.316 1.00 39.90  ? 112  GLY A N   1 
ATOM   745  C CA  . GLY A 1 111 ? 5.864   -11.646 -28.945 1.00 37.69  ? 112  GLY A CA  1 
ATOM   746  C C   . GLY A 1 111 ? 4.997   -11.038 -27.868 1.00 36.53  ? 112  GLY A C   1 
ATOM   747  O O   . GLY A 1 111 ? 4.344   -10.007 -28.064 1.00 34.13  ? 112  GLY A O   1 
ATOM   748  N N   . ASN A 1 112 ? 5.014   -11.693 -26.708 1.00 31.36  ? 113  ASN A N   1 
ATOM   749  C CA  . ASN A 1 112 ? 4.217   -11.310 -25.563 1.00 30.07  ? 113  ASN A CA  1 
ATOM   750  C C   . ASN A 1 112 ? 5.021   -10.581 -24.543 1.00 31.98  ? 113  ASN A C   1 
ATOM   751  O O   . ASN A 1 112 ? 6.165   -10.954 -24.276 1.00 31.13  ? 113  ASN A O   1 
ATOM   752  C CB  . ASN A 1 112 ? 3.535   -12.531 -24.965 1.00 30.03  ? 113  ASN A CB  1 
ATOM   753  C CG  . ASN A 1 112 ? 2.157   -12.762 -25.538 1.00 56.98  ? 113  ASN A CG  1 
ATOM   754  O OD1 . ASN A 1 112 ? 1.187   -13.036 -24.813 1.00 58.63  ? 113  ASN A OD1 1 
ATOM   755  N ND2 . ASN A 1 112 ? 2.024   -12.606 -26.843 1.00 44.21  ? 113  ASN A ND2 1 
ATOM   756  N N   . PHE A 1 113 ? 4.445   -9.509  -23.994 1.00 27.62  ? 114  PHE A N   1 
ATOM   757  C CA  . PHE A 1 113 ? 5.102   -8.736  -22.945 1.00 26.51  ? 114  PHE A CA  1 
ATOM   758  C C   . PHE A 1 113 ? 4.202   -8.786  -21.743 1.00 28.49  ? 114  PHE A C   1 
ATOM   759  O O   . PHE A 1 113 ? 2.988   -8.687  -21.895 1.00 25.72  ? 114  PHE A O   1 
ATOM   760  C CB  . PHE A 1 113 ? 5.381   -7.297  -23.393 1.00 27.39  ? 114  PHE A CB  1 
ATOM   761  C CG  . PHE A 1 113 ? 6.377   -7.234  -24.525 1.00 28.08  ? 114  PHE A CG  1 
ATOM   762  C CD1 . PHE A 1 113 ? 5.961   -7.366  -25.851 1.00 28.60  ? 114  PHE A CD1 1 
ATOM   763  C CD2 . PHE A 1 113 ? 7.738   -7.103  -24.268 1.00 30.25  ? 114  PHE A CD2 1 
ATOM   764  C CE1 . PHE A 1 113 ? 6.887   -7.350  -26.900 1.00 31.02  ? 114  PHE A CE1 1 
ATOM   765  C CE2 . PHE A 1 113 ? 8.668   -7.083  -25.322 1.00 31.42  ? 114  PHE A CE2 1 
ATOM   766  C CZ  . PHE A 1 113 ? 8.239   -7.224  -26.627 1.00 29.18  ? 114  PHE A CZ  1 
ATOM   767  N N   . GLU A 1 114 ? 4.782   -8.956  -20.546 1.00 23.82  ? 115  GLU A N   1 
ATOM   768  C CA  . GLU A 1 114 ? 3.990   -9.057  -19.313 1.00 22.99  ? 115  GLU A CA  1 
ATOM   769  C C   . GLU A 1 114 ? 4.593   -8.243  -18.177 1.00 25.94  ? 115  GLU A C   1 
ATOM   770  O O   . GLU A 1 114 ? 5.806   -8.285  -17.958 1.00 25.01  ? 115  GLU A O   1 
ATOM   771  C CB  . GLU A 1 114 ? 3.873   -10.544 -18.916 1.00 24.49  ? 115  GLU A CB  1 
ATOM   772  C CG  . GLU A 1 114 ? 3.019   -10.833 -17.694 1.00 30.07  ? 115  GLU A CG  1 
ATOM   773  C CD  . GLU A 1 114 ? 2.988   -12.314 -17.385 1.00 36.02  ? 115  GLU A CD  1 
ATOM   774  O OE1 . GLU A 1 114 ? 2.326   -13.056 -18.139 1.00 29.31  ? 115  GLU A OE1 1 
ATOM   775  O OE2 . GLU A 1 114 ? 3.682   -12.748 -16.440 1.00 24.96  ? 115  GLU A OE2 1 
ATOM   776  N N   . LYS A 1 115 ? 3.756   -7.472  -17.476 1.00 22.14  ? 116  LYS A N   1 
ATOM   777  C CA  . LYS A 1 115 ? 4.201   -6.743  -16.287 1.00 20.87  ? 116  LYS A CA  1 
ATOM   778  C C   . LYS A 1 115 ? 3.282   -7.096  -15.145 1.00 22.94  ? 116  LYS A C   1 
ATOM   779  O O   . LYS A 1 115 ? 2.067   -6.878  -15.226 1.00 20.71  ? 116  LYS A O   1 
ATOM   780  C CB  . LYS A 1 115 ? 4.302   -5.236  -16.487 1.00 24.29  ? 116  LYS A CB  1 
ATOM   781  C CG  . LYS A 1 115 ? 4.937   -4.580  -15.257 1.00 25.82  ? 116  LYS A CG  1 
ATOM   782  C CD  . LYS A 1 115 ? 5.419   -3.216  -15.526 1.00 25.49  ? 116  LYS A CD  1 
ATOM   783  C CE  . LYS A 1 115 ? 6.233   -2.759  -14.355 1.00 27.41  ? 116  LYS A CE  1 
ATOM   784  N NZ  . LYS A 1 115 ? 6.428   -1.286  -14.424 1.00 35.06  ? 116  LYS A NZ  1 
ATOM   785  N N   . ASN A 1 116 ? 3.855   -7.677  -14.092 1.00 21.38  ? 117  ASN A N   1 
ATOM   786  C CA  . ASN A 1 116 ? 3.100   -8.086  -12.918 1.00 20.81  ? 117  ASN A CA  1 
ATOM   787  C C   . ASN A 1 116 ? 3.414   -7.136  -11.787 1.00 24.91  ? 117  ASN A C   1 
ATOM   788  O O   . ASN A 1 116 ? 4.585   -6.998  -11.396 1.00 23.05  ? 117  ASN A O   1 
ATOM   789  C CB  . ASN A 1 116 ? 3.439   -9.528  -12.500 1.00 18.20  ? 117  ASN A CB  1 
ATOM   790  C CG  . ASN A 1 116 ? 3.113   -10.550 -13.507 1.00 28.82  ? 117  ASN A CG  1 
ATOM   791  O OD1 . ASN A 1 116 ? 1.949   -10.790 -13.786 1.00 25.33  ? 117  ASN A OD1 1 
ATOM   792  N ND2 . ASN A 1 116 ? 4.136   -11.157 -14.101 1.00 17.79  ? 117  ASN A ND2 1 
ATOM   793  N N   . TYR A 1 117 ? 2.368   -6.499  -11.249 1.00 20.84  ? 118  TYR A N   1 
ATOM   794  C CA  . TYR A 1 117 ? 2.482   -5.617  -10.093 1.00 20.27  ? 118  TYR A CA  1 
ATOM   795  C C   . TYR A 1 117 ? 1.941   -6.307  -8.863  1.00 27.54  ? 118  TYR A C   1 
ATOM   796  O O   . TYR A 1 117 ? 0.780   -6.714  -8.839  1.00 25.44  ? 118  TYR A O   1 
ATOM   797  C CB  . TYR A 1 117 ? 1.681   -4.305  -10.252 1.00 19.96  ? 118  TYR A CB  1 
ATOM   798  C CG  . TYR A 1 117 ? 2.203   -3.342  -11.290 1.00 20.68  ? 118  TYR A CG  1 
ATOM   799  C CD1 . TYR A 1 117 ? 1.874   -3.489  -12.633 1.00 20.24  ? 118  TYR A CD1 1 
ATOM   800  C CD2 . TYR A 1 117 ? 2.988   -2.254  -10.927 1.00 23.26  ? 118  TYR A CD2 1 
ATOM   801  C CE1 . TYR A 1 117 ? 2.340   -2.597  -13.595 1.00 20.05  ? 118  TYR A CE1 1 
ATOM   802  C CE2 . TYR A 1 117 ? 3.458   -1.349  -11.883 1.00 24.40  ? 118  TYR A CE2 1 
ATOM   803  C CZ  . TYR A 1 117 ? 3.109   -1.515  -13.215 1.00 26.60  ? 118  TYR A CZ  1 
ATOM   804  O OH  . TYR A 1 117 ? 3.557   -0.635  -14.178 1.00 26.74  ? 118  TYR A OH  1 
ATOM   805  N N   . ASP A 1 118 ? 2.764   -6.372  -7.805  1.00 26.40  ? 119  ASP A N   1 
ATOM   806  C CA  . ASP A 1 118 ? 2.320   -6.809  -6.501  1.00 25.14  ? 119  ASP A CA  1 
ATOM   807  C C   . ASP A 1 118 ? 1.906   -5.481  -5.865  1.00 28.02  ? 119  ASP A C   1 
ATOM   808  O O   . ASP A 1 118 ? 2.771   -4.683  -5.497  1.00 26.24  ? 119  ASP A O   1 
ATOM   809  C CB  . ASP A 1 118 ? 3.482   -7.445  -5.699  1.00 28.18  ? 119  ASP A CB  1 
ATOM   810  C CG  . ASP A 1 118 ? 3.097   -7.755  -4.250  1.00 41.68  ? 119  ASP A CG  1 
ATOM   811  O OD1 . ASP A 1 118 ? 1.893   -8.026  -3.991  1.00 39.94  ? 119  ASP A OD1 1 
ATOM   812  O OD2 . ASP A 1 118 ? 3.983   -7.697  -3.381  1.00 57.84  ? 119  ASP A OD2 1 
ATOM   813  N N   . LEU A 1 119 ? 0.588   -5.186  -5.829  1.00 25.32  ? 120  LEU A N   1 
ATOM   814  C CA  . LEU A 1 119 ? 0.154   -3.900  -5.290  1.00 25.19  ? 120  LEU A CA  1 
ATOM   815  C C   . LEU A 1 119 ? -0.065  -3.991  -3.797  1.00 29.22  ? 120  LEU A C   1 
ATOM   816  O O   . LEU A 1 119 ? -0.841  -4.823  -3.318  1.00 28.34  ? 120  LEU A O   1 
ATOM   817  C CB  . LEU A 1 119 ? -1.084  -3.335  -6.014  1.00 25.68  ? 120  LEU A CB  1 
ATOM   818  C CG  . LEU A 1 119 ? -1.529  -1.915  -5.601  1.00 31.95  ? 120  LEU A CG  1 
ATOM   819  C CD1 . LEU A 1 119 ? -1.926  -1.101  -6.806  1.00 33.69  ? 120  LEU A CD1 1 
ATOM   820  C CD2 . LEU A 1 119 ? -2.705  -1.970  -4.634  1.00 33.75  ? 120  LEU A CD2 1 
ATOM   821  N N   . GLN A 1 120 ? 0.628   -3.120  -3.071  1.00 28.63  ? 121  GLN A N   1 
ATOM   822  C CA  . GLN A 1 120 ? 0.544   -3.044  -1.616  1.00 29.75  ? 121  GLN A CA  1 
ATOM   823  C C   . GLN A 1 120 ? -0.045  -1.716  -1.200  1.00 33.10  ? 121  GLN A C   1 
ATOM   824  O O   . GLN A 1 120 ? 0.285   -0.678  -1.762  1.00 31.19  ? 121  GLN A O   1 
ATOM   825  C CB  . GLN A 1 120 ? 1.929   -3.267  -0.992  1.00 31.18  ? 121  GLN A CB  1 
ATOM   826  C CG  . GLN A 1 120 ? 2.393   -4.704  -1.166  1.00 41.53  ? 121  GLN A CG  1 
ATOM   827  C CD  . GLN A 1 120 ? 3.803   -4.960  -0.703  1.00 69.53  ? 121  GLN A CD  1 
ATOM   828  O OE1 . GLN A 1 120 ? 4.542   -4.054  -0.295  1.00 65.87  ? 121  GLN A OE1 1 
ATOM   829  N NE2 . GLN A 1 120 ? 4.223   -6.212  -0.796  1.00 67.85  ? 121  GLN A NE2 1 
ATOM   830  N N   . VAL A 1 121 ? -0.949  -1.759  -0.238  1.00 32.37  ? 122  VAL A N   1 
ATOM   831  C CA  . VAL A 1 121 ? -1.613  -0.565  0.268   1.00 31.79  ? 122  VAL A CA  1 
ATOM   832  C C   . VAL A 1 121 ? -0.929  -0.068  1.558   1.00 34.31  ? 122  VAL A C   1 
ATOM   833  O O   . VAL A 1 121 ? -0.682  -0.865  2.474   1.00 32.17  ? 122  VAL A O   1 
ATOM   834  C CB  . VAL A 1 121 ? -3.132  -0.808  0.405   1.00 35.15  ? 122  VAL A CB  1 
ATOM   835  C CG1 . VAL A 1 121 ? -3.836  0.393   1.044   1.00 34.94  ? 122  VAL A CG1 1 
ATOM   836  C CG2 . VAL A 1 121 ? -3.746  -1.109  -0.965  1.00 34.74  ? 122  VAL A CG2 1 
ATOM   837  N N   . LEU A 1 122 ? -0.590  1.237   1.590   1.00 30.78  ? 123  LEU A N   1 
ATOM   838  C CA  . LEU A 1 122 ? -0.015  1.941   2.756   1.00 30.84  ? 123  LEU A CA  1 
ATOM   839  C C   . LEU A 1 122 ? -1.204  2.435   3.600   1.00 35.88  ? 123  LEU A C   1 
ATOM   840  O O   . LEU A 1 122 ? -2.148  3.019   3.053   1.00 34.64  ? 123  LEU A O   1 
ATOM   841  C CB  . LEU A 1 122 ? 0.869   3.150   2.352   1.00 30.75  ? 123  LEU A CB  1 
ATOM   842  C CG  . LEU A 1 122 ? 2.115   2.891   1.481   1.00 35.24  ? 123  LEU A CG  1 
ATOM   843  C CD1 . LEU A 1 122 ? 2.841   4.179   1.197   1.00 35.21  ? 123  LEU A CD1 1 
ATOM   844  C CD2 . LEU A 1 122 ? 3.083   1.910   2.149   1.00 35.69  ? 123  LEU A CD2 1 
ATOM   845  N N   . VAL A 1 123 ? -1.194  2.123   4.911   1.00 33.13  ? 124  VAL A N   1 
ATOM   846  C CA  . VAL A 1 123 ? -2.279  2.464   5.857   1.00 31.03  ? 124  VAL A CA  1 
ATOM   847  C C   . VAL A 1 123 ? -1.675  3.241   7.025   1.00 34.57  ? 124  VAL A C   1 
ATOM   848  O O   . VAL A 1 123 ? -0.843  2.685   7.751   1.00 32.19  ? 124  VAL A O   1 
ATOM   849  C CB  . VAL A 1 123 ? -3.040  1.225   6.367   1.00 33.68  ? 124  VAL A CB  1 
ATOM   850  C CG1 . VAL A 1 123 ? -4.225  1.627   7.252   1.00 32.53  ? 124  VAL A CG1 1 
ATOM   851  C CG2 . VAL A 1 123 ? -3.508  0.336   5.213   1.00 34.07  ? 124  VAL A CG2 1 
ATOM   852  N N   . PRO A 1 124 ? -2.079  4.518   7.228   1.00 31.19  ? 125  PRO A N   1 
ATOM   853  C CA  . PRO A 1 124 ? -1.553  5.267   8.373   1.00 30.14  ? 125  PRO A CA  1 
ATOM   854  C C   . PRO A 1 124 ? -2.007  4.616   9.675   1.00 28.33  ? 125  PRO A C   1 
ATOM   855  O O   . PRO A 1 124 ? -3.156  4.244   9.786   1.00 26.15  ? 125  PRO A O   1 
ATOM   856  C CB  . PRO A 1 124 ? -2.160  6.680   8.197   1.00 31.96  ? 125  PRO A CB  1 
ATOM   857  C CG  . PRO A 1 124 ? -2.655  6.733   6.766   1.00 35.38  ? 125  PRO A CG  1 
ATOM   858  C CD  . PRO A 1 124 ? -3.080  5.319   6.488   1.00 31.55  ? 125  PRO A CD  1 
ATOM   859  N N   . PRO A 1 125 ? -1.112  4.365   10.638  1.00 26.56  ? 126  PRO A N   1 
ATOM   860  C CA  . PRO A 1 125 ? -1.579  3.767   11.917  1.00 25.70  ? 126  PRO A CA  1 
ATOM   861  C C   . PRO A 1 125 ? -2.461  4.725   12.722  1.00 29.66  ? 126  PRO A C   1 
ATOM   862  O O   . PRO A 1 125 ? -2.362  5.930   12.565  1.00 29.44  ? 126  PRO A O   1 
ATOM   863  C CB  . PRO A 1 125 ? -0.285  3.498   12.680  1.00 26.76  ? 126  PRO A CB  1 
ATOM   864  C CG  . PRO A 1 125 ? 0.668   4.528   12.171  1.00 33.07  ? 126  PRO A CG  1 
ATOM   865  C CD  . PRO A 1 125 ? 0.324   4.718   10.690  1.00 28.78  ? 126  PRO A CD  1 
ATOM   866  N N   . GLU A 1 126 ? -3.308  4.173   13.580  1.00 26.95  ? 127  GLU A N   1 
ATOM   867  C CA  . GLU A 1 126 ? -4.111  4.898   14.550  1.00 27.56  ? 127  GLU A CA  1 
ATOM   868  C C   . GLU A 1 126 ? -3.212  4.952   15.803  1.00 31.58  ? 127  GLU A C   1 
ATOM   869  O O   . GLU A 1 126 ? -2.935  3.923   16.424  1.00 31.37  ? 127  GLU A O   1 
ATOM   870  C CB  . GLU A 1 126 ? -5.420  4.134   14.813  1.00 29.30  ? 127  GLU A CB  1 
ATOM   871  C CG  . GLU A 1 126 ? -6.125  4.446   16.117  1.00 43.03  ? 127  GLU A CG  1 
ATOM   872  C CD  . GLU A 1 126 ? -7.154  5.547   16.076  1.00 62.25  ? 127  GLU A CD  1 
ATOM   873  O OE1 . GLU A 1 126 ? -7.314  6.179   15.010  1.00 67.17  ? 127  GLU A OE1 1 
ATOM   874  O OE2 . GLU A 1 126 ? -7.833  5.750   17.106  1.00 65.78  ? 127  GLU A OE2 1 
ATOM   875  N N   . VAL A 1 127 ? -2.724  6.137   16.138  1.00 27.80  ? 128  VAL A N   1 
ATOM   876  C CA  . VAL A 1 127 ? -1.827  6.310   17.276  1.00 26.74  ? 128  VAL A CA  1 
ATOM   877  C C   . VAL A 1 127 ? -2.507  6.716   18.585  1.00 32.51  ? 128  VAL A C   1 
ATOM   878  O O   . VAL A 1 127 ? -3.163  7.750   18.628  1.00 32.80  ? 128  VAL A O   1 
ATOM   879  C CB  . VAL A 1 127 ? -0.598  7.206   16.946  1.00 28.46  ? 128  VAL A CB  1 
ATOM   880  C CG1 . VAL A 1 127 ? 0.384   7.217   18.122  1.00 27.54  ? 128  VAL A CG1 1 
ATOM   881  C CG2 . VAL A 1 127 ? 0.109   6.723   15.681  1.00 27.33  ? 128  VAL A CG2 1 
ATOM   882  N N   . THR A 1 128 ? -2.337  5.907   19.658  1.00 29.06  ? 129  THR A N   1 
ATOM   883  C CA  . THR A 1 128 ? -2.849  6.226   21.007  1.00 28.03  ? 129  THR A CA  1 
ATOM   884  C C   . THR A 1 128 ? -1.671  6.269   21.954  1.00 32.40  ? 129  THR A C   1 
ATOM   885  O O   . THR A 1 128 ? -0.743  5.483   21.781  1.00 30.65  ? 129  THR A O   1 
ATOM   886  C CB  . THR A 1 128 ? -4.011  5.322   21.485  1.00 35.58  ? 129  THR A CB  1 
ATOM   887  O OG1 . THR A 1 128 ? -3.591  3.970   21.624  1.00 43.06  ? 129  THR A OG1 1 
ATOM   888  C CG2 . THR A 1 128 ? -5.248  5.417   20.609  1.00 31.83  ? 129  THR A CG2 1 
ATOM   889  N N   . TYR A 1 129 ? -1.655  7.236   22.893  1.00 27.50  ? 130  TYR A N   1 
ATOM   890  C CA  . TYR A 1 129 ? -0.566  7.426   23.850  1.00 26.91  ? 130  TYR A CA  1 
ATOM   891  C C   . TYR A 1 129 ? -1.097  7.985   25.177  1.00 34.50  ? 130  TYR A C   1 
ATOM   892  O O   . TYR A 1 129 ? -2.004  8.832   25.190  1.00 31.82  ? 130  TYR A O   1 
ATOM   893  C CB  . TYR A 1 129 ? 0.565   8.285   23.291  1.00 27.37  ? 130  TYR A CB  1 
ATOM   894  C CG  . TYR A 1 129 ? 0.137   9.641   22.774  1.00 29.79  ? 130  TYR A CG  1 
ATOM   895  C CD1 . TYR A 1 129 ? -0.551  9.765   21.567  1.00 30.39  ? 130  TYR A CD1 1 
ATOM   896  C CD2 . TYR A 1 129 ? 0.488   10.809  23.452  1.00 30.89  ? 130  TYR A CD2 1 
ATOM   897  C CE1 . TYR A 1 129 ? -0.930  11.014  21.078  1.00 31.28  ? 130  TYR A CE1 1 
ATOM   898  C CE2 . TYR A 1 129 ? 0.168   12.065  22.940  1.00 33.04  ? 130  TYR A CE2 1 
ATOM   899  C CZ  . TYR A 1 129 ? -0.562  12.161  21.761  1.00 40.21  ? 130  TYR A CZ  1 
ATOM   900  O OH  . TYR A 1 129 ? -0.889  13.392  21.253  1.00 40.35  ? 130  TYR A OH  1 
ATOM   901  N N   . PHE A 1 130 ? -0.570  7.450   26.295  1.00 32.15  ? 131  PHE A N   1 
ATOM   902  C CA  . PHE A 1 130 ? -1.109  7.732   27.618  1.00 31.66  ? 131  PHE A CA  1 
ATOM   903  C C   . PHE A 1 130 ? -0.172  7.366   28.769  1.00 40.19  ? 131  PHE A C   1 
ATOM   904  O O   . PHE A 1 130 ? 0.599   6.402   28.656  1.00 38.26  ? 131  PHE A O   1 
ATOM   905  C CB  . PHE A 1 130 ? -2.424  6.948   27.791  1.00 31.93  ? 131  PHE A CB  1 
ATOM   906  C CG  . PHE A 1 130 ? -2.417  5.452   27.545  1.00 33.16  ? 131  PHE A CG  1 
ATOM   907  C CD1 . PHE A 1 130 ? -2.601  4.939   26.264  1.00 34.51  ? 131  PHE A CD1 1 
ATOM   908  C CD2 . PHE A 1 130 ? -2.404  4.552   28.615  1.00 33.89  ? 131  PHE A CD2 1 
ATOM   909  C CE1 . PHE A 1 130 ? -2.689  3.553   26.045  1.00 37.09  ? 131  PHE A CE1 1 
ATOM   910  C CE2 . PHE A 1 130 ? -2.499  3.178   28.399  1.00 33.76  ? 131  PHE A CE2 1 
ATOM   911  C CZ  . PHE A 1 130 ? -2.649  2.683   27.117  1.00 34.99  ? 131  PHE A CZ  1 
ATOM   912  N N   . PRO A 1 131 ? -0.289  8.076   29.919  1.00 39.97  ? 132  PRO A N   1 
ATOM   913  C CA  . PRO A 1 131 ? 0.492   7.668   31.100  1.00 39.48  ? 132  PRO A CA  1 
ATOM   914  C C   . PRO A 1 131 ? -0.141  6.425   31.727  1.00 42.19  ? 132  PRO A C   1 
ATOM   915  O O   . PRO A 1 131 ? -1.350  6.182   31.589  1.00 41.01  ? 132  PRO A O   1 
ATOM   916  C CB  . PRO A 1 131 ? 0.366   8.872   32.037  1.00 41.73  ? 132  PRO A CB  1 
ATOM   917  C CG  . PRO A 1 131 ? -1.009  9.446   31.718  1.00 46.44  ? 132  PRO A CG  1 
ATOM   918  C CD  . PRO A 1 131 ? -1.204  9.203   30.229  1.00 41.96  ? 132  PRO A CD  1 
ATOM   919  N N   . GLU A 1 132 ? 0.686   5.617   32.389  1.00 39.09  ? 133  GLU A N   1 
ATOM   920  C CA  . GLU A 1 132 ? 0.246   4.424   33.099  1.00 39.06  ? 133  GLU A CA  1 
ATOM   921  C C   . GLU A 1 132 ? 0.767   4.522   34.545  1.00 45.44  ? 133  GLU A C   1 
ATOM   922  O O   . GLU A 1 132 ? 1.636   5.358   34.847  1.00 43.14  ? 133  GLU A O   1 
ATOM   923  C CB  . GLU A 1 132 ? 0.734   3.137   32.404  1.00 40.39  ? 133  GLU A CB  1 
ATOM   924  C CG  . GLU A 1 132 ? -0.323  2.467   31.549  1.00 52.51  ? 133  GLU A CG  1 
ATOM   925  C CD  . GLU A 1 132 ? -0.137  0.987   31.266  1.00 75.45  ? 133  GLU A CD  1 
ATOM   926  O OE1 . GLU A 1 132 ? 0.975   0.462   31.504  1.00 78.19  ? 133  GLU A OE1 1 
ATOM   927  O OE2 . GLU A 1 132 ? -1.094  0.365   30.746  1.00 64.00  ? 133  GLU A OE2 1 
ATOM   928  N N   . LYS A 1 133 ? 0.204   3.683   35.430  1.00 46.10  ? 134  LYS A N   1 
ATOM   929  C CA  . LYS A 1 133 ? 0.519   3.616   36.855  1.00 47.59  ? 134  LYS A CA  1 
ATOM   930  C C   . LYS A 1 133 ? 1.968   3.186   37.067  1.00 54.61  ? 134  LYS A C   1 
ATOM   931  O O   . LYS A 1 133 ? 2.447   2.240   36.410  1.00 53.60  ? 134  LYS A O   1 
ATOM   932  C CB  . LYS A 1 133 ? -0.461  2.667   37.588  1.00 51.35  ? 134  LYS A CB  1 
ATOM   933  C CG  . LYS A 1 133 ? -1.940  3.024   37.400  1.00 74.25  ? 134  LYS A CG  1 
ATOM   934  C CD  . LYS A 1 133 ? -2.778  2.773   38.649  1.00 87.64  ? 134  LYS A CD  1 
ATOM   935  C CE  . LYS A 1 133 ? -4.153  3.385   38.512  1.00 98.41  ? 134  LYS A CE  1 
ATOM   936  N NZ  . LYS A 1 133 ? -4.957  3.232   39.751  1.00 106.45 ? 134  LYS A NZ  1 
ATOM   937  N N   . ASN A 1 134 ? 2.669   3.938   37.953  1.00 52.42  ? 135  ASN A N   1 
ATOM   938  C CA  . ASN A 1 134 ? 4.067   3.781   38.366  1.00 52.34  ? 135  ASN A CA  1 
ATOM   939  C C   . ASN A 1 134 ? 5.052   4.346   37.340  1.00 53.80  ? 135  ASN A C   1 
ATOM   940  O O   . ASN A 1 134 ? 5.877   3.609   36.801  1.00 53.97  ? 135  ASN A O   1 
ATOM   941  C CB  . ASN A 1 134 ? 4.394   2.322   38.840  1.00 57.23  ? 135  ASN A CB  1 
ATOM   942  C CG  . ASN A 1 134 ? 5.747   2.100   39.514  1.00 89.68  ? 135  ASN A CG  1 
ATOM   943  O OD1 . ASN A 1 134 ? 6.330   2.998   40.145  1.00 88.57  ? 135  ASN A OD1 1 
ATOM   944  N ND2 . ASN A 1 134 ? 6.263   0.873   39.421  1.00 78.17  ? 135  ASN A ND2 1 
ATOM   945  N N   . ARG A 1 135 ? 4.954   5.675   37.073  1.00 47.84  ? 136  ARG A N   1 
ATOM   946  C CA  . ARG A 1 135 ? 5.819   6.448   36.155  1.00 46.37  ? 136  ARG A CA  1 
ATOM   947  C C   . ARG A 1 135 ? 6.054   5.777   34.766  1.00 46.26  ? 136  ARG A C   1 
ATOM   948  O O   . ARG A 1 135 ? 7.161   5.793   34.208  1.00 44.90  ? 136  ARG A O   1 
ATOM   949  C CB  . ARG A 1 135 ? 7.147   6.778   36.842  1.00 48.74  ? 136  ARG A CB  1 
ATOM   950  C CG  . ARG A 1 135 ? 7.049   7.937   37.830  1.00 61.96  ? 136  ARG A CG  1 
ATOM   951  C CD  . ARG A 1 135 ? 8.390   8.243   38.483  1.00 64.95  ? 136  ARG A CD  1 
ATOM   952  N NE  . ARG A 1 135 ? 9.469   8.433   37.509  1.00 66.98  ? 136  ARG A NE  1 
ATOM   953  C CZ  . ARG A 1 135 ? 9.700   9.564   36.852  1.00 81.15  ? 136  ARG A CZ  1 
ATOM   954  N NH1 . ARG A 1 135 ? 8.922   10.622  37.044  1.00 71.73  ? 136  ARG A NH1 1 
ATOM   955  N NH2 . ARG A 1 135 ? 10.699  9.641   35.986  1.00 70.59  ? 136  ARG A NH2 1 
ATOM   956  N N   . SER A 1 136 ? 4.998   5.164   34.250  1.00 40.00  ? 137  SER A N   1 
ATOM   957  C CA  . SER A 1 136 ? 5.006   4.437   32.993  1.00 38.11  ? 137  SER A CA  1 
ATOM   958  C C   . SER A 1 136 ? 4.255   5.202   31.896  1.00 37.82  ? 137  SER A C   1 
ATOM   959  O O   . SER A 1 136 ? 3.560   6.177   32.181  1.00 35.27  ? 137  SER A O   1 
ATOM   960  C CB  . SER A 1 136 ? 4.396   3.054   33.193  1.00 39.86  ? 137  SER A CB  1 
ATOM   961  O OG  . SER A 1 136 ? 5.336   2.224   33.852  1.00 51.48  ? 137  SER A OG  1 
ATOM   962  N N   . ALA A 1 137 ? 4.412   4.756   30.643  1.00 31.33  ? 138  ALA A N   1 
ATOM   963  C CA  . ALA A 1 137 ? 3.738   5.345   29.491  1.00 29.53  ? 138  ALA A CA  1 
ATOM   964  C C   . ALA A 1 137 ? 3.612   4.291   28.405  1.00 32.09  ? 138  ALA A C   1 
ATOM   965  O O   . ALA A 1 137 ? 4.478   3.408   28.261  1.00 29.14  ? 138  ALA A O   1 
ATOM   966  C CB  . ALA A 1 137 ? 4.498   6.558   28.974  1.00 29.51  ? 138  ALA A CB  1 
ATOM   967  N N   . VAL A 1 138 ? 2.488   4.362   27.693  1.00 26.83  ? 139  VAL A N   1 
ATOM   968  C CA  . VAL A 1 138 ? 2.169   3.503   26.582  1.00 25.74  ? 139  VAL A CA  1 
ATOM   969  C C   . VAL A 1 138 ? 2.057   4.372   25.348  1.00 31.83  ? 139  VAL A C   1 
ATOM   970  O O   . VAL A 1 138 ? 1.521   5.490   25.402  1.00 29.02  ? 139  VAL A O   1 
ATOM   971  C CB  . VAL A 1 138 ? 0.907   2.646   26.807  1.00 29.03  ? 139  VAL A CB  1 
ATOM   972  C CG1 . VAL A 1 138 ? 0.552   1.809   25.555  1.00 28.71  ? 139  VAL A CG1 1 
ATOM   973  C CG2 . VAL A 1 138 ? 1.065   1.731   28.031  1.00 28.32  ? 139  VAL A CG2 1 
ATOM   974  N N   . CYS A 1 139 ? 2.614   3.864   24.234  1.00 29.22  ? 140  CYS A N   1 
ATOM   975  C CA  . CYS A 1 139 ? 2.457   4.470   22.927  1.00 29.03  ? 140  CYS A CA  1 
ATOM   976  C C   . CYS A 1 139 ? 2.218   3.351   21.962  1.00 28.73  ? 140  CYS A C   1 
ATOM   977  O O   . CYS A 1 139 ? 2.980   2.372   21.925  1.00 25.52  ? 140  CYS A O   1 
ATOM   978  C CB  . CYS A 1 139 ? 3.648   5.315   22.535  1.00 31.12  ? 140  CYS A CB  1 
ATOM   979  S SG  . CYS A 1 139 ? 3.420   6.207   20.981  1.00 36.94  ? 140  CYS A SG  1 
ATOM   980  N N   . GLU A 1 140 ? 1.116   3.439   21.249  1.00 24.41  ? 141  GLU A N   1 
ATOM   981  C CA  . GLU A 1 140 ? 0.691   2.393   20.343  1.00 25.34  ? 141  GLU A CA  1 
ATOM   982  C C   . GLU A 1 140 ? 0.336   2.961   18.965  1.00 31.00  ? 141  GLU A C   1 
ATOM   983  O O   . GLU A 1 140 ? -0.428  3.925   18.877  1.00 29.94  ? 141  GLU A O   1 
ATOM   984  C CB  . GLU A 1 140 ? -0.505  1.650   20.975  1.00 26.35  ? 141  GLU A CB  1 
ATOM   985  C CG  . GLU A 1 140 ? -1.059  0.513   20.144  1.00 38.45  ? 141  GLU A CG  1 
ATOM   986  C CD  . GLU A 1 140 ? -2.265  -0.191  20.745  1.00 56.36  ? 141  GLU A CD  1 
ATOM   987  O OE1 . GLU A 1 140 ? -2.140  -0.746  21.856  1.00 46.57  ? 141  GLU A OE1 1 
ATOM   988  O OE2 . GLU A 1 140 ? -3.319  -0.246  20.075  1.00 57.09  ? 141  GLU A OE2 1 
ATOM   989  N N   . ALA A 1 141 ? 0.856   2.323   17.905  1.00 26.00  ? 142  ALA A N   1 
ATOM   990  C CA  . ALA A 1 141 ? 0.550   2.640   16.502  1.00 25.61  ? 142  ALA A CA  1 
ATOM   991  C C   . ALA A 1 141 ? -0.242  1.451   15.981  1.00 27.79  ? 142  ALA A C   1 
ATOM   992  O O   . ALA A 1 141 ? 0.327   0.407   15.626  1.00 25.78  ? 142  ALA A O   1 
ATOM   993  C CB  . ALA A 1 141 ? 1.830   2.854   15.703  1.00 25.77  ? 142  ALA A CB  1 
ATOM   994  N N   . MET A 1 142 ? -1.569  1.568   16.057  1.00 25.01  ? 143  MET A N   1 
ATOM   995  C CA  . MET A 1 142 ? -2.473  0.478   15.734  1.00 27.08  ? 143  MET A CA  1 
ATOM   996  C C   . MET A 1 142 ? -2.801  0.397   14.281  1.00 30.81  ? 143  MET A C   1 
ATOM   997  O O   . MET A 1 142 ? -3.120  1.409   13.671  1.00 30.06  ? 143  MET A O   1 
ATOM   998  C CB  . MET A 1 142 ? -3.755  0.574   16.572  1.00 31.11  ? 143  MET A CB  1 
ATOM   999  C CG  . MET A 1 142 ? -4.751  -0.563  16.368  1.00 38.73  ? 143  MET A CG  1 
ATOM   1000 S SD  . MET A 1 142 ? -6.236  -0.380  17.411  1.00 47.30  ? 143  MET A SD  1 
ATOM   1001 C CE  . MET A 1 142 ? -7.219  -1.778  16.821  1.00 44.26  ? 143  MET A CE  1 
ATOM   1002 N N   . ALA A 1 143 ? -2.748  -0.836  13.748  1.00 28.42  ? 144  ALA A N   1 
ATOM   1003 C CA  . ALA A 1 143 ? -3.155  -1.225  12.403  1.00 28.53  ? 144  ALA A CA  1 
ATOM   1004 C C   . ALA A 1 143 ? -2.591  -0.352  11.287  1.00 30.79  ? 144  ALA A C   1 
ATOM   1005 O O   . ALA A 1 143 ? -3.303  0.123   10.401  1.00 29.90  ? 144  ALA A O   1 
ATOM   1006 C CB  . ALA A 1 143 ? -4.686  -1.342  12.328  1.00 29.38  ? 144  ALA A CB  1 
ATOM   1007 N N   . GLY A 1 144 ? -1.290  -0.171  11.354  1.00 28.50  ? 145  GLY A N   1 
ATOM   1008 C CA  . GLY A 1 144 ? -0.505  0.493   10.335  1.00 28.58  ? 145  GLY A CA  1 
ATOM   1009 C C   . GLY A 1 144 ? -0.107  -0.529  9.285   1.00 30.55  ? 145  GLY A C   1 
ATOM   1010 O O   . GLY A 1 144 ? -0.119  -1.734  9.541   1.00 27.81  ? 145  GLY A O   1 
ATOM   1011 N N   . LYS A 1 145 ? 0.227   -0.057  8.094   1.00 27.82  ? 146  LYS A N   1 
ATOM   1012 C CA  . LYS A 1 145 ? 0.711   -0.908  7.015   1.00 27.27  ? 146  LYS A CA  1 
ATOM   1013 C C   . LYS A 1 145 ? 1.711   -0.126  6.156   1.00 29.84  ? 146  LYS A C   1 
ATOM   1014 O O   . LYS A 1 145 ? 1.344   0.889   5.578   1.00 29.37  ? 146  LYS A O   1 
ATOM   1015 C CB  . LYS A 1 145 ? -0.408  -1.601  6.212   1.00 28.08  ? 146  LYS A CB  1 
ATOM   1016 C CG  . LYS A 1 145 ? 0.125   -2.834  5.470   1.00 28.29  ? 146  LYS A CG  1 
ATOM   1017 C CD  . LYS A 1 145 ? -1.014  -3.682  4.830   1.00 31.32  ? 146  LYS A CD  1 
ATOM   1018 C CE  . LYS A 1 145 ? -0.524  -4.946  4.151   1.00 31.39  ? 146  LYS A CE  1 
ATOM   1019 N NZ  . LYS A 1 145 ? 0.491   -4.655  3.103   1.00 35.50  ? 146  LYS A NZ  1 
ATOM   1020 N N   . PRO A 1 146 ? 3.011   -0.511  6.177   1.00 27.68  ? 147  PRO A N   1 
ATOM   1021 C CA  . PRO A 1 146 ? 3.622   -1.605  6.975   1.00 28.59  ? 147  PRO A CA  1 
ATOM   1022 C C   . PRO A 1 146 ? 3.697   -1.200  8.480   1.00 32.82  ? 147  PRO A C   1 
ATOM   1023 O O   . PRO A 1 146 ? 3.122   -0.168  8.852   1.00 30.61  ? 147  PRO A O   1 
ATOM   1024 C CB  . PRO A 1 146 ? 5.022   -1.723  6.347   1.00 30.41  ? 147  PRO A CB  1 
ATOM   1025 C CG  . PRO A 1 146 ? 5.330   -0.315  5.915   1.00 33.64  ? 147  PRO A CG  1 
ATOM   1026 C CD  . PRO A 1 146 ? 4.029   0.240   5.420   1.00 28.32  ? 147  PRO A CD  1 
ATOM   1027 N N   . ALA A 1 147 ? 4.404   -1.972  9.342   1.00 29.00  ? 148  ALA A N   1 
ATOM   1028 C CA  . ALA A 1 147 ? 4.520   -1.608  10.762  1.00 28.00  ? 148  ALA A CA  1 
ATOM   1029 C C   . ALA A 1 147 ? 5.125   -0.224  10.943  1.00 30.30  ? 148  ALA A C   1 
ATOM   1030 O O   . ALA A 1 147 ? 6.068   0.145   10.234  1.00 30.36  ? 148  ALA A O   1 
ATOM   1031 C CB  . ALA A 1 147 ? 5.386   -2.629  11.503  1.00 28.30  ? 148  ALA A CB  1 
ATOM   1032 N N   . ALA A 1 148 ? 4.626   0.537   11.922  1.00 25.80  ? 149  ALA A N   1 
ATOM   1033 C CA  . ALA A 1 148 ? 5.299   1.795   12.279  1.00 24.06  ? 149  ALA A CA  1 
ATOM   1034 C C   . ALA A 1 148 ? 6.509   1.438   13.143  1.00 26.23  ? 149  ALA A C   1 
ATOM   1035 O O   . ALA A 1 148 ? 6.565   0.326   13.661  1.00 26.44  ? 149  ALA A O   1 
ATOM   1036 C CB  . ALA A 1 148 ? 4.362   2.681   13.091  1.00 24.85  ? 149  ALA A CB  1 
ATOM   1037 N N   . GLN A 1 149 ? 7.442   2.370   13.346  1.00 25.13  ? 150  GLN A N   1 
ATOM   1038 C CA  . GLN A 1 149 ? 8.538   2.194   14.316  1.00 26.50  ? 150  GLN A CA  1 
ATOM   1039 C C   . GLN A 1 149 ? 8.244   3.145   15.466  1.00 29.76  ? 150  GLN A C   1 
ATOM   1040 O O   . GLN A 1 149 ? 7.699   4.226   15.245  1.00 29.40  ? 150  GLN A O   1 
ATOM   1041 C CB  . GLN A 1 149 ? 9.941   2.515   13.739  1.00 28.66  ? 150  GLN A CB  1 
ATOM   1042 C CG  . GLN A 1 149 ? 10.396  1.549   12.628  1.00 46.71  ? 150  GLN A CG  1 
ATOM   1043 C CD  . GLN A 1 149 ? 9.845   1.930   11.260  1.00 68.21  ? 150  GLN A CD  1 
ATOM   1044 O OE1 . GLN A 1 149 ? 10.015  3.058   10.767  1.00 60.95  ? 150  GLN A OE1 1 
ATOM   1045 N NE2 . GLN A 1 149 ? 9.161   0.997   10.617  1.00 64.85  ? 150  GLN A NE2 1 
ATOM   1046 N N   . ILE A 1 150 ? 8.532   2.718   16.687  1.00 26.18  ? 151  ILE A N   1 
ATOM   1047 C CA  . ILE A 1 150 ? 8.341   3.532   17.878  1.00 25.18  ? 151  ILE A CA  1 
ATOM   1048 C C   . ILE A 1 150 ? 9.647   3.627   18.618  1.00 29.85  ? 151  ILE A C   1 
ATOM   1049 O O   . ILE A 1 150 ? 10.282  2.601   18.892  1.00 28.19  ? 151  ILE A O   1 
ATOM   1050 C CB  . ILE A 1 150 ? 7.188   3.044   18.797  1.00 27.52  ? 151  ILE A CB  1 
ATOM   1051 C CG1 . ILE A 1 150 ? 5.803   3.207   18.112  1.00 27.27  ? 151  ILE A CG1 1 
ATOM   1052 C CG2 . ILE A 1 150 ? 7.236   3.759   20.165  1.00 28.32  ? 151  ILE A CG2 1 
ATOM   1053 C CD1 . ILE A 1 150 ? 4.591   2.610   18.938  1.00 28.17  ? 151  ILE A CD1 1 
ATOM   1054 N N   . SER A 1 151 ? 10.057  4.872   18.904  1.00 26.45  ? 152  SER A N   1 
ATOM   1055 C CA  . SER A 1 151 ? 11.204  5.198   19.733  1.00 26.20  ? 152  SER A CA  1 
ATOM   1056 C C   . SER A 1 151 ? 10.727  6.206   20.789  1.00 31.48  ? 152  SER A C   1 
ATOM   1057 O O   . SER A 1 151 ? 9.577   6.682   20.734  1.00 28.52  ? 152  SER A O   1 
ATOM   1058 C CB  . SER A 1 151 ? 12.380  5.718   18.920  1.00 27.62  ? 152  SER A CB  1 
ATOM   1059 O OG  . SER A 1 151 ? 12.004  6.851   18.158  1.00 41.70  ? 152  SER A OG  1 
ATOM   1060 N N   . TRP A 1 152 ? 11.576  6.464   21.791  1.00 29.48  ? 153  TRP A N   1 
ATOM   1061 C CA  . TRP A 1 152 ? 11.223  7.341   22.893  1.00 29.87  ? 153  TRP A CA  1 
ATOM   1062 C C   . TRP A 1 152 ? 12.308  8.361   23.173  1.00 37.80  ? 153  TRP A C   1 
ATOM   1063 O O   . TRP A 1 152 ? 13.485  8.096   22.916  1.00 37.70  ? 153  TRP A O   1 
ATOM   1064 C CB  . TRP A 1 152 ? 10.979  6.505   24.146  1.00 27.81  ? 153  TRP A CB  1 
ATOM   1065 C CG  . TRP A 1 152 ? 9.761   5.622   24.121  1.00 28.20  ? 153  TRP A CG  1 
ATOM   1066 C CD1 . TRP A 1 152 ? 9.679   4.333   23.662  1.00 30.93  ? 153  TRP A CD1 1 
ATOM   1067 C CD2 . TRP A 1 152 ? 8.449   5.968   24.591  1.00 27.30  ? 153  TRP A CD2 1 
ATOM   1068 N NE1 . TRP A 1 152 ? 8.399   3.855   23.824  1.00 29.88  ? 153  TRP A NE1 1 
ATOM   1069 C CE2 . TRP A 1 152 ? 7.619   4.842   24.387  1.00 30.87  ? 153  TRP A CE2 1 
ATOM   1070 C CE3 . TRP A 1 152 ? 7.883   7.141   25.136  1.00 27.84  ? 153  TRP A CE3 1 
ATOM   1071 C CZ2 . TRP A 1 152 ? 6.288   4.808   24.829  1.00 29.54  ? 153  TRP A CZ2 1 
ATOM   1072 C CZ3 . TRP A 1 152 ? 6.550   7.114   25.533  1.00 28.82  ? 153  TRP A CZ3 1 
ATOM   1073 C CH2 . TRP A 1 152 ? 5.769   5.962   25.378  1.00 28.86  ? 153  TRP A CH2 1 
ATOM   1074 N N   . SER A 1 153 ? 11.913  9.516   23.744  1.00 36.20  ? 154  SER A N   1 
ATOM   1075 C CA  . SER A 1 153 ? 12.833  10.561  24.204  1.00 36.23  ? 154  SER A CA  1 
ATOM   1076 C C   . SER A 1 153 ? 12.341  11.063  25.571  1.00 40.67  ? 154  SER A C   1 
ATOM   1077 O O   . SER A 1 153 ? 11.232  11.576  25.650  1.00 42.67  ? 154  SER A O   1 
ATOM   1078 C CB  . SER A 1 153 ? 12.954  11.700  23.198  1.00 40.00  ? 154  SER A CB  1 
ATOM   1079 O OG  . SER A 1 153 ? 14.013  12.557  23.589  1.00 49.50  ? 154  SER A OG  1 
ATOM   1080 N N   . PRO A 1 154 ? 13.083  10.848  26.680  1.00 36.89  ? 155  PRO A N   1 
ATOM   1081 C CA  . PRO A 1 154 ? 14.385  10.167  26.766  1.00 35.13  ? 155  PRO A CA  1 
ATOM   1082 C C   . PRO A 1 154 ? 14.196  8.647   26.724  1.00 36.21  ? 155  PRO A C   1 
ATOM   1083 O O   . PRO A 1 154 ? 13.081  8.159   26.960  1.00 34.52  ? 155  PRO A O   1 
ATOM   1084 C CB  . PRO A 1 154 ? 14.919  10.638  28.120  1.00 36.69  ? 155  PRO A CB  1 
ATOM   1085 C CG  . PRO A 1 154 ? 13.667  10.804  28.967  1.00 41.73  ? 155  PRO A CG  1 
ATOM   1086 C CD  . PRO A 1 154 ? 12.588  11.250  28.017  1.00 38.07  ? 155  PRO A CD  1 
ATOM   1087 N N   . ASP A 1 155 ? 15.290  7.908   26.449  1.00 33.37  ? 156  ASP A N   1 
ATOM   1088 C CA  . ASP A 1 155 ? 15.293  6.440   26.402  1.00 33.98  ? 156  ASP A CA  1 
ATOM   1089 C C   . ASP A 1 155 ? 14.852  5.866   27.733  1.00 39.35  ? 156  ASP A C   1 
ATOM   1090 O O   . ASP A 1 155 ? 15.210  6.389   28.791  1.00 42.72  ? 156  ASP A O   1 
ATOM   1091 C CB  . ASP A 1 155 ? 16.687  5.910   25.985  1.00 35.83  ? 156  ASP A CB  1 
ATOM   1092 C CG  . ASP A 1 155 ? 17.073  6.267   24.544  1.00 49.45  ? 156  ASP A CG  1 
ATOM   1093 O OD1 . ASP A 1 155 ? 16.160  6.456   23.708  1.00 50.64  ? 156  ASP A OD1 1 
ATOM   1094 O OD2 . ASP A 1 155 ? 18.286  6.310   24.246  1.00 59.38  ? 156  ASP A OD2 1 
ATOM   1095 N N   . GLY A 1 156 ? 14.007  4.860   27.686  1.00 33.37  ? 157  GLY A N   1 
ATOM   1096 C CA  . GLY A 1 156 ? 13.522  4.233   28.905  1.00 32.53  ? 157  GLY A CA  1 
ATOM   1097 C C   . GLY A 1 156 ? 13.689  2.731   28.916  1.00 33.87  ? 157  GLY A C   1 
ATOM   1098 O O   . GLY A 1 156 ? 14.328  2.162   28.023  1.00 33.84  ? 157  GLY A O   1 
ATOM   1099 N N   . ASP A 1 157 ? 13.121  2.084   29.935  1.00 29.58  ? 158  ASP A N   1 
ATOM   1100 C CA  . ASP A 1 157 ? 13.108  0.634   30.009  1.00 29.01  ? 158  ASP A CA  1 
ATOM   1101 C C   . ASP A 1 157 ? 11.762  0.257   29.423  1.00 31.21  ? 158  ASP A C   1 
ATOM   1102 O O   . ASP A 1 157 ? 10.715  0.547   30.014  1.00 30.89  ? 158  ASP A O   1 
ATOM   1103 C CB  . ASP A 1 157 ? 13.314  0.103   31.441  1.00 31.19  ? 158  ASP A CB  1 
ATOM   1104 C CG  . ASP A 1 157 ? 14.696  0.343   32.067  1.00 43.26  ? 158  ASP A CG  1 
ATOM   1105 O OD1 . ASP A 1 157 ? 15.638  0.759   31.329  1.00 39.93  ? 158  ASP A OD1 1 
ATOM   1106 O OD2 . ASP A 1 157 ? 14.834  0.132   33.295  1.00 54.55  ? 158  ASP A OD2 1 
ATOM   1107 N N   . CYS A 1 158 ? 11.792  -0.337  28.223  1.00 27.17  ? 159  CYS A N   1 
ATOM   1108 C CA  . CYS A 1 158 ? 10.607  -0.624  27.408  1.00 27.63  ? 159  CYS A CA  1 
ATOM   1109 C C   . CYS A 1 158 ? 10.418  -2.055  27.054  1.00 26.11  ? 159  CYS A C   1 
ATOM   1110 O O   . CYS A 1 158 ? 11.392  -2.773  26.870  1.00 23.25  ? 159  CYS A O   1 
ATOM   1111 C CB  . CYS A 1 158 ? 10.650  0.200   26.126  1.00 30.65  ? 159  CYS A CB  1 
ATOM   1112 S SG  . CYS A 1 158 ? 10.990  1.949   26.375  1.00 36.84  ? 159  CYS A SG  1 
ATOM   1113 N N   . VAL A 1 159 ? 9.161   -2.388  26.724  1.00 21.32  ? 160  VAL A N   1 
ATOM   1114 C CA  . VAL A 1 159 ? 8.753   -3.656  26.133  1.00 21.37  ? 160  VAL A CA  1 
ATOM   1115 C C   . VAL A 1 159 ? 7.894   -3.267  24.927  1.00 24.84  ? 160  VAL A C   1 
ATOM   1116 O O   . VAL A 1 159 ? 6.872   -2.596  25.098  1.00 23.61  ? 160  VAL A O   1 
ATOM   1117 C CB  . VAL A 1 159 ? 7.996   -4.579  27.097  1.00 23.84  ? 160  VAL A CB  1 
ATOM   1118 C CG1 . VAL A 1 159 ? 7.589   -5.872  26.379  1.00 23.16  ? 160  VAL A CG1 1 
ATOM   1119 C CG2 . VAL A 1 159 ? 8.860   -4.891  28.323  1.00 23.78  ? 160  VAL A CG2 1 
ATOM   1120 N N   . THR A 1 160 ? 8.324   -3.652  23.719  1.00 19.85  ? 161  THR A N   1 
ATOM   1121 C CA  . THR A 1 160 ? 7.604   -3.282  22.486  1.00 20.32  ? 161  THR A CA  1 
ATOM   1122 C C   . THR A 1 160 ? 7.257   -4.517  21.727  1.00 23.89  ? 161  THR A C   1 
ATOM   1123 O O   . THR A 1 160 ? 8.129   -5.352  21.466  1.00 23.31  ? 161  THR A O   1 
ATOM   1124 C CB  . THR A 1 160 ? 8.438   -2.307  21.625  1.00 23.15  ? 161  THR A CB  1 
ATOM   1125 O OG1 . THR A 1 160 ? 8.895   -1.267  22.462  1.00 21.02  ? 161  THR A OG1 1 
ATOM   1126 C CG2 . THR A 1 160 ? 7.646   -1.683  20.460  1.00 20.93  ? 161  THR A CG2 1 
ATOM   1127 N N   . THR A 1 161 ? 5.996   -4.631  21.348  1.00 21.89  ? 162  THR A N   1 
ATOM   1128 C CA  . THR A 1 161 ? 5.543   -5.768  20.552  1.00 22.38  ? 162  THR A CA  1 
ATOM   1129 C C   . THR A 1 161 ? 5.026   -5.319  19.205  1.00 27.58  ? 162  THR A C   1 
ATOM   1130 O O   . THR A 1 161 ? 4.535   -4.199  19.062  1.00 24.24  ? 162  THR A O   1 
ATOM   1131 C CB  . THR A 1 161 ? 4.463   -6.582  21.279  1.00 29.68  ? 162  THR A CB  1 
ATOM   1132 O OG1 . THR A 1 161 ? 3.288   -5.782  21.443  1.00 32.61  ? 162  THR A OG1 1 
ATOM   1133 C CG2 . THR A 1 161 ? 4.935   -7.104  22.631  1.00 25.45  ? 162  THR A CG2 1 
ATOM   1134 N N   . SER A 1 162 ? 5.068   -6.237  18.254  1.00 28.84  ? 163  SER A N   1 
ATOM   1135 C CA  . SER A 1 162 ? 4.507   -6.100  16.923  1.00 32.14  ? 163  SER A CA  1 
ATOM   1136 C C   . SER A 1 162 ? 3.533   -7.253  16.708  1.00 41.15  ? 163  SER A C   1 
ATOM   1137 O O   . SER A 1 162 ? 3.919   -8.413  16.846  1.00 42.22  ? 163  SER A O   1 
ATOM   1138 C CB  . SER A 1 162 ? 5.605   -6.096  15.875  1.00 35.75  ? 163  SER A CB  1 
ATOM   1139 O OG  . SER A 1 162 ? 6.254   -4.839  15.947  1.00 47.95  ? 163  SER A OG  1 
ATOM   1140 N N   . GLU A 1 163 ? 2.259   -6.926  16.471  1.00 38.77  ? 164  GLU A N   1 
ATOM   1141 C CA  . GLU A 1 163 ? 1.199   -7.902  16.244  1.00 38.44  ? 164  GLU A CA  1 
ATOM   1142 C C   . GLU A 1 163 ? 0.600   -7.685  14.839  1.00 43.07  ? 164  GLU A C   1 
ATOM   1143 O O   . GLU A 1 163 ? -0.009  -6.650  14.589  1.00 40.20  ? 164  GLU A O   1 
ATOM   1144 C CB  . GLU A 1 163 ? 0.113   -7.761  17.328  1.00 39.65  ? 164  GLU A CB  1 
ATOM   1145 C CG  . GLU A 1 163 ? -0.897  -8.898  17.356  1.00 56.38  ? 164  GLU A CG  1 
ATOM   1146 C CD  . GLU A 1 163 ? -2.335  -8.543  17.711  1.00 89.04  ? 164  GLU A CD  1 
ATOM   1147 O OE1 . GLU A 1 163 ? -2.614  -7.367  18.044  1.00 75.63  ? 164  GLU A OE1 1 
ATOM   1148 O OE2 . GLU A 1 163 ? -3.190  -9.457  17.647  1.00 92.46  ? 164  GLU A OE2 1 
ATOM   1149 N N   . SER A 1 164 ? 0.782   -8.646  13.915  1.00 42.78  ? 165  SER A N   1 
ATOM   1150 C CA  . SER A 1 164 ? 0.166   -8.503  12.593  1.00 43.02  ? 165  SER A CA  1 
ATOM   1151 C C   . SER A 1 164 ? -1.269  -9.044  12.652  1.00 45.67  ? 165  SER A C   1 
ATOM   1152 O O   . SER A 1 164 ? -1.541  -10.004 13.368  1.00 44.28  ? 165  SER A O   1 
ATOM   1153 C CB  . SER A 1 164 ? 0.972   -9.220  11.521  1.00 47.92  ? 165  SER A CB  1 
ATOM   1154 O OG  . SER A 1 164 ? 1.125   -10.589 11.855  1.00 62.50  ? 165  SER A OG  1 
ATOM   1155 N N   . HIS A 1 165 ? -2.193  -8.393  11.943  1.00 42.23  ? 166  HIS A N   1 
ATOM   1156 C CA  . HIS A 1 165 ? -3.597  -8.812  11.895  1.00 41.40  ? 166  HIS A CA  1 
ATOM   1157 C C   . HIS A 1 165 ? -3.893  -9.515  10.551  1.00 45.51  ? 166  HIS A C   1 
ATOM   1158 O O   . HIS A 1 165 ? -3.035  -9.510  9.658   1.00 44.17  ? 166  HIS A O   1 
ATOM   1159 C CB  . HIS A 1 165 ? -4.516  -7.612  12.145  1.00 41.72  ? 166  HIS A CB  1 
ATOM   1160 C CG  . HIS A 1 165 ? -4.017  -6.711  13.235  1.00 44.61  ? 166  HIS A CG  1 
ATOM   1161 N ND1 . HIS A 1 165 ? -4.181  -7.031  14.568  1.00 46.12  ? 166  HIS A ND1 1 
ATOM   1162 C CD2 . HIS A 1 165 ? -3.371  -5.528  13.145  1.00 46.06  ? 166  HIS A CD2 1 
ATOM   1163 C CE1 . HIS A 1 165 ? -3.636  -6.035  15.242  1.00 45.55  ? 166  HIS A CE1 1 
ATOM   1164 N NE2 . HIS A 1 165 ? -3.139  -5.107  14.426  1.00 45.91  ? 166  HIS A NE2 1 
ATOM   1165 N N   . SER A 1 166 ? -5.070  -10.161 10.432  1.00 43.13  ? 167  SER A N   1 
ATOM   1166 C CA  . SER A 1 166 ? -5.507  -10.903 9.232   1.00 43.53  ? 167  SER A CA  1 
ATOM   1167 C C   . SER A 1 166 ? -5.518  -10.022 7.981   1.00 47.01  ? 167  SER A C   1 
ATOM   1168 O O   . SER A 1 166 ? -5.025  -10.469 6.946   1.00 46.92  ? 167  SER A O   1 
ATOM   1169 C CB  . SER A 1 166 ? -6.895  -11.505 9.442   1.00 48.46  ? 167  SER A CB  1 
ATOM   1170 O OG  . SER A 1 166 ? -6.906  -12.408 10.533  1.00 63.26  ? 167  SER A OG  1 
ATOM   1171 N N   . ASN A 1 167 ? -6.039  -8.759  8.105   1.00 42.20  ? 168  ASN A N   1 
ATOM   1172 C CA  . ASN A 1 167 ? -6.135  -7.704  7.066   1.00 41.27  ? 168  ASN A CA  1 
ATOM   1173 C C   . ASN A 1 167 ? -4.748  -7.328  6.474   1.00 42.07  ? 168  ASN A C   1 
ATOM   1174 O O   . ASN A 1 167 ? -4.687  -6.551  5.523   1.00 41.73  ? 168  ASN A O   1 
ATOM   1175 C CB  . ASN A 1 167 ? -6.786  -6.414  7.691   1.00 44.22  ? 168  ASN A CB  1 
ATOM   1176 C CG  . ASN A 1 167 ? -5.932  -5.853  8.828   1.00 66.89  ? 168  ASN A CG  1 
ATOM   1177 O OD1 . ASN A 1 167 ? -4.755  -6.141  8.886   1.00 60.66  ? 168  ASN A OD1 1 
ATOM   1178 N ND2 . ASN A 1 167 ? -6.355  -5.097  9.845   1.00 60.89  ? 168  ASN A ND2 1 
ATOM   1179 N N   . GLY A 1 168 ? -3.665  -7.770  7.127   1.00 37.01  ? 169  GLY A N   1 
ATOM   1180 C CA  . GLY A 1 168 ? -2.295  -7.426  6.753   1.00 35.08  ? 169  GLY A CA  1 
ATOM   1181 C C   . GLY A 1 168 ? -1.706  -6.228  7.490   1.00 35.77  ? 169  GLY A C   1 
ATOM   1182 O O   . GLY A 1 168 ? -0.521  -5.921  7.316   1.00 34.92  ? 169  GLY A O   1 
ATOM   1183 N N   . THR A 1 169 ? -2.512  -5.515  8.306   1.00 31.03  ? 170  THR A N   1 
ATOM   1184 C CA  . THR A 1 169 ? -2.018  -4.343  9.071   1.00 30.58  ? 170  THR A CA  1 
ATOM   1185 C C   . THR A 1 169 ? -1.248  -4.842  10.309  1.00 33.63  ? 170  THR A C   1 
ATOM   1186 O O   . THR A 1 169 ? -1.374  -6.006  10.666  1.00 32.02  ? 170  THR A O   1 
ATOM   1187 C CB  . THR A 1 169 ? -3.127  -3.363  9.442   1.00 33.67  ? 170  THR A CB  1 
ATOM   1188 O OG1 . THR A 1 169 ? -4.025  -3.964  10.384  1.00 33.60  ? 170  THR A OG1 1 
ATOM   1189 C CG2 . THR A 1 169 ? -3.872  -2.792  8.234   1.00 31.96  ? 170  THR A CG2 1 
ATOM   1190 N N   . VAL A 1 170 ? -0.416  -3.980  10.920  1.00 29.73  ? 171  VAL A N   1 
ATOM   1191 C CA  . VAL A 1 170 ? 0.436   -4.361  12.058  1.00 27.27  ? 171  VAL A CA  1 
ATOM   1192 C C   . VAL A 1 170 ? 0.269   -3.377  13.213  1.00 29.78  ? 171  VAL A C   1 
ATOM   1193 O O   . VAL A 1 170 ? 0.435   -2.167  13.002  1.00 30.17  ? 171  VAL A O   1 
ATOM   1194 C CB  . VAL A 1 170 ? 1.927   -4.474  11.620  1.00 28.36  ? 171  VAL A CB  1 
ATOM   1195 C CG1 . VAL A 1 170 ? 2.824   -4.880  12.787  1.00 27.47  ? 171  VAL A CG1 1 
ATOM   1196 C CG2 . VAL A 1 170 ? 2.106   -5.459  10.466  1.00 27.86  ? 171  VAL A CG2 1 
ATOM   1197 N N   . THR A 1 171 ? -0.022  -3.880  14.424  1.00 24.22  ? 172  THR A N   1 
ATOM   1198 C CA  . THR A 1 171 ? -0.098  -3.045  15.631  1.00 24.10  ? 172  THR A CA  1 
ATOM   1199 C C   . THR A 1 171 ? 1.245   -3.153  16.366  1.00 28.10  ? 172  THR A C   1 
ATOM   1200 O O   . THR A 1 171 ? 1.685   -4.257  16.705  1.00 28.21  ? 172  THR A O   1 
ATOM   1201 C CB  . THR A 1 171 ? -1.297  -3.432  16.550  1.00 32.30  ? 172  THR A CB  1 
ATOM   1202 O OG1 . THR A 1 171 ? -2.511  -3.058  15.903  1.00 33.32  ? 172  THR A OG1 1 
ATOM   1203 C CG2 . THR A 1 171 ? -1.266  -2.714  17.921  1.00 31.67  ? 172  THR A CG2 1 
ATOM   1204 N N   . VAL A 1 172 ? 1.882   -2.000  16.595  1.00 24.02  ? 173  VAL A N   1 
ATOM   1205 C CA  . VAL A 1 172 ? 3.130   -1.870  17.338  1.00 22.99  ? 173  VAL A CA  1 
ATOM   1206 C C   . VAL A 1 172 ? 2.752   -1.150  18.645  1.00 27.15  ? 173  VAL A C   1 
ATOM   1207 O O   . VAL A 1 172 ? 2.192   -0.051  18.608  1.00 27.92  ? 173  VAL A O   1 
ATOM   1208 C CB  . VAL A 1 172 ? 4.235   -1.152  16.524  1.00 26.36  ? 173  VAL A CB  1 
ATOM   1209 C CG1 . VAL A 1 172 ? 5.547   -1.042  17.324  1.00 25.33  ? 173  VAL A CG1 1 
ATOM   1210 C CG2 . VAL A 1 172 ? 4.474   -1.849  15.177  1.00 25.85  ? 173  VAL A CG2 1 
ATOM   1211 N N   . ARG A 1 173 ? 2.992   -1.807  19.778  1.00 23.24  ? 174  ARG A N   1 
ATOM   1212 C CA  . ARG A 1 173 ? 2.677   -1.288  21.108  1.00 23.47  ? 174  ARG A CA  1 
ATOM   1213 C C   . ARG A 1 173 ? 3.938   -1.223  21.960  1.00 24.85  ? 174  ARG A C   1 
ATOM   1214 O O   . ARG A 1 173 ? 4.578   -2.244  22.166  1.00 21.81  ? 174  ARG A O   1 
ATOM   1215 C CB  . ARG A 1 173 ? 1.611   -2.171  21.788  1.00 26.17  ? 174  ARG A CB  1 
ATOM   1216 C CG  . ARG A 1 173 ? 1.051   -1.593  23.089  1.00 35.06  ? 174  ARG A CG  1 
ATOM   1217 C CD  . ARG A 1 173 ? 0.026   -2.540  23.710  1.00 42.09  ? 174  ARG A CD  1 
ATOM   1218 N NE  . ARG A 1 173 ? -0.905  -1.828  24.586  1.00 55.11  ? 174  ARG A NE  1 
ATOM   1219 C CZ  . ARG A 1 173 ? -0.714  -1.617  25.883  1.00 68.06  ? 174  ARG A CZ  1 
ATOM   1220 N NH1 . ARG A 1 173 ? 0.386   -2.064  26.481  1.00 61.85  ? 174  ARG A NH1 1 
ATOM   1221 N NH2 . ARG A 1 173 ? -1.613  -0.943  26.592  1.00 48.71  ? 174  ARG A NH2 1 
ATOM   1222 N N   . SER A 1 174 ? 4.293   -0.013  22.442  1.00 20.87  ? 175  SER A N   1 
ATOM   1223 C CA  . SER A 1 174 ? 5.473   0.193   23.274  1.00 22.30  ? 175  SER A CA  1 
ATOM   1224 C C   . SER A 1 174 ? 5.088   0.718   24.679  1.00 27.59  ? 175  SER A C   1 
ATOM   1225 O O   . SER A 1 174 ? 4.405   1.737   24.774  1.00 23.60  ? 175  SER A O   1 
ATOM   1226 C CB  . SER A 1 174 ? 6.441   1.149   22.602  1.00 24.78  ? 175  SER A CB  1 
ATOM   1227 O OG  . SER A 1 174 ? 7.634   1.217   23.362  1.00 26.83  ? 175  SER A OG  1 
ATOM   1228 N N   . THR A 1 175 ? 5.472   -0.039  25.748  1.00 26.54  ? 176  THR A N   1 
ATOM   1229 C CA  . THR A 1 175 ? 5.237   0.289   27.172  1.00 26.47  ? 176  THR A CA  1 
ATOM   1230 C C   . THR A 1 175 ? 6.611   0.476   27.825  1.00 31.79  ? 176  THR A C   1 
ATOM   1231 O O   . THR A 1 175 ? 7.391   -0.480  27.824  1.00 27.83  ? 176  THR A O   1 
ATOM   1232 C CB  . THR A 1 175 ? 4.433   -0.840  27.864  1.00 33.74  ? 176  THR A CB  1 
ATOM   1233 O OG1 . THR A 1 175 ? 3.272   -1.128  27.090  1.00 35.28  ? 176  THR A OG1 1 
ATOM   1234 C CG2 . THR A 1 175 ? 4.031   -0.492  29.300  1.00 35.11  ? 176  THR A CG2 1 
ATOM   1235 N N   . CYS A 1 176 ? 6.893   1.696   28.368  1.00 29.92  ? 177  CYS A N   1 
ATOM   1236 C CA  . CYS A 1 176 ? 8.149   2.075   29.001  1.00 31.53  ? 177  CYS A CA  1 
ATOM   1237 C C   . CYS A 1 176 ? 7.962   2.582   30.397  1.00 36.65  ? 177  CYS A C   1 
ATOM   1238 O O   . CYS A 1 176 ? 6.885   3.055   30.750  1.00 34.64  ? 177  CYS A O   1 
ATOM   1239 C CB  . CYS A 1 176 ? 8.890   3.136   28.189  1.00 32.87  ? 177  CYS A CB  1 
ATOM   1240 S SG  . CYS A 1 176 ? 9.114   2.739   26.454  1.00 37.63  ? 177  CYS A SG  1 
ATOM   1241 N N   . HIS A 1 177 ? 9.071   2.554   31.146  1.00 35.00  ? 178  HIS A N   1 
ATOM   1242 C CA  A HIS A 1 177 ? 9.176   3.104   32.487  0.50 36.20  ? 178  HIS A CA  1 
ATOM   1243 C CA  B HIS A 1 177 ? 9.189   3.058   32.517  0.50 35.88  ? 178  HIS A CA  1 
ATOM   1244 C C   . HIS A 1 177 ? 10.497  3.848   32.591  1.00 40.35  ? 178  HIS A C   1 
ATOM   1245 O O   . HIS A 1 177 ? 11.467  3.490   31.904  1.00 38.21  ? 178  HIS A O   1 
ATOM   1246 C CB  A HIS A 1 177 ? 8.960   2.052   33.601  0.50 37.68  ? 178  HIS A CB  1 
ATOM   1247 C CB  B HIS A 1 177 ? 9.194   1.893   33.536  0.50 37.05  ? 178  HIS A CB  1 
ATOM   1248 C CG  A HIS A 1 177 ? 10.101  1.111   33.872  0.50 41.50  ? 178  HIS A CG  1 
ATOM   1249 C CG  B HIS A 1 177 ? 9.357   2.314   34.970  0.50 40.55  ? 178  HIS A CG  1 
ATOM   1250 N ND1 A HIS A 1 177 ? 11.162  1.472   34.696  0.50 43.50  ? 178  HIS A ND1 1 
ATOM   1251 N ND1 B HIS A 1 177 ? 8.267   2.475   35.808  0.50 42.06  ? 178  HIS A ND1 1 
ATOM   1252 C CD2 A HIS A 1 177 ? 10.240  -0.192  33.531  0.50 43.54  ? 178  HIS A CD2 1 
ATOM   1253 C CD2 B HIS A 1 177 ? 10.487  2.556   35.677  0.50 42.47  ? 178  HIS A CD2 1 
ATOM   1254 C CE1 A HIS A 1 177 ? 11.940  0.403   34.771  0.50 43.07  ? 178  HIS A CE1 1 
ATOM   1255 C CE1 B HIS A 1 177 ? 8.765   2.841   36.978  0.50 41.48  ? 178  HIS A CE1 1 
ATOM   1256 N NE2 A HIS A 1 177 ? 11.419  -0.629  34.101  0.50 43.43  ? 178  HIS A NE2 1 
ATOM   1257 N NE2 B HIS A 1 177 ? 10.092  2.914   36.946  0.50 41.96  ? 178  HIS A NE2 1 
ATOM   1258 N N   . TRP A 1 178 ? 10.523  4.924   33.390  1.00 38.40  ? 179  TRP A N   1 
ATOM   1259 C CA  . TRP A 1 178 ? 11.734  5.721   33.547  1.00 40.05  ? 179  TRP A CA  1 
ATOM   1260 C C   . TRP A 1 178 ? 12.161  5.736   35.021  1.00 53.85  ? 179  TRP A C   1 
ATOM   1261 O O   . TRP A 1 178 ? 11.362  6.107   35.883  1.00 54.72  ? 179  TRP A O   1 
ATOM   1262 C CB  . TRP A 1 178 ? 11.574  7.137   32.968  1.00 37.50  ? 179  TRP A CB  1 
ATOM   1263 C CG  . TRP A 1 178 ? 11.416  7.181   31.477  1.00 36.74  ? 179  TRP A CG  1 
ATOM   1264 C CD1 . TRP A 1 178 ? 12.377  7.479   30.559  1.00 38.92  ? 179  TRP A CD1 1 
ATOM   1265 C CD2 . TRP A 1 178 ? 10.214  6.921   30.734  1.00 35.84  ? 179  TRP A CD2 1 
ATOM   1266 N NE1 . TRP A 1 178 ? 11.856  7.403   29.287  1.00 37.31  ? 179  TRP A NE1 1 
ATOM   1267 C CE2 . TRP A 1 178 ? 10.537  7.035   29.364  1.00 38.59  ? 179  TRP A CE2 1 
ATOM   1268 C CE3 . TRP A 1 178 ? 8.893   6.592   31.095  1.00 36.44  ? 179  TRP A CE3 1 
ATOM   1269 C CZ2 . TRP A 1 178 ? 9.582   6.855   28.352  1.00 37.24  ? 179  TRP A CZ2 1 
ATOM   1270 C CZ3 . TRP A 1 178 ? 7.951   6.406   30.089  1.00 37.07  ? 179  TRP A CZ3 1 
ATOM   1271 C CH2 . TRP A 1 178 ? 8.301   6.537   28.739  1.00 37.05  ? 179  TRP A CH2 1 
ATOM   1272 N N   . GLU A 1 179 ? 13.382  5.242   35.307  1.00 57.22  ? 180  GLU A N   1 
ATOM   1273 C CA  . GLU A 1 179 ? 13.965  5.185   36.658  1.00 60.53  ? 180  GLU A CA  1 
ATOM   1274 C C   . GLU A 1 179 ? 14.976  6.327   36.887  1.00 70.55  ? 180  GLU A C   1 
ATOM   1275 O O   . GLU A 1 179 ? 16.113  6.119   37.331  1.00 70.85  ? 180  GLU A O   1 
ATOM   1276 C CB  . GLU A 1 179 ? 14.561  3.795   36.979  1.00 62.41  ? 180  GLU A CB  1 
ATOM   1277 C CG  . GLU A 1 179 ? 13.556  2.778   37.510  1.00 77.69  ? 180  GLU A CG  1 
ATOM   1278 C CD  . GLU A 1 179 ? 12.786  3.104   38.782  1.00 105.26 ? 180  GLU A CD  1 
ATOM   1279 O OE1 . GLU A 1 179 ? 13.221  3.990   39.556  1.00 99.91  ? 180  GLU A OE1 1 
ATOM   1280 O OE2 . GLU A 1 179 ? 11.736  2.459   39.007  1.00 104.69 ? 180  GLU A OE2 1 
ATOM   1281 N N   . GLN A 1 180 ? 14.538  7.537   36.530  1.00 70.69  ? 181  GLN A N   1 
ATOM   1282 C CA  . GLN A 1 180 ? 15.224  8.812   36.693  1.00 71.73  ? 181  GLN A CA  1 
ATOM   1283 C C   . GLN A 1 180 ? 14.077  9.728   37.108  1.00 78.12  ? 181  GLN A C   1 
ATOM   1284 O O   . GLN A 1 180 ? 13.326  10.201  36.248  1.00 77.80  ? 181  GLN A O   1 
ATOM   1285 C CB  . GLN A 1 180 ? 15.857  9.285   35.372  1.00 73.19  ? 181  GLN A CB  1 
ATOM   1286 C CG  . GLN A 1 180 ? 17.166  8.609   35.000  1.00 95.31  ? 181  GLN A CG  1 
ATOM   1287 C CD  . GLN A 1 180 ? 17.692  9.142   33.684  1.00 124.19 ? 181  GLN A CD  1 
ATOM   1288 O OE1 . GLN A 1 180 ? 17.004  9.134   32.651  1.00 120.67 ? 181  GLN A OE1 1 
ATOM   1289 N NE2 . GLN A 1 180 ? 18.929  9.618   33.692  1.00 119.51 ? 181  GLN A NE2 1 
ATOM   1290 N N   . ASN A 1 181 ? 13.887  9.898   38.437  1.00 75.86  ? 182  ASN A N   1 
ATOM   1291 C CA  . ASN A 1 181 ? 12.800  10.685  39.037  1.00 75.58  ? 182  ASN A CA  1 
ATOM   1292 C C   . ASN A 1 181 ? 12.733  12.164  38.605  1.00 77.22  ? 182  ASN A C   1 
ATOM   1293 O O   . ASN A 1 181 ? 11.698  12.816  38.796  1.00 76.70  ? 182  ASN A O   1 
ATOM   1294 C CB  . ASN A 1 181 ? 12.753  10.488  40.552  1.00 79.35  ? 182  ASN A CB  1 
ATOM   1295 C CG  . ASN A 1 181 ? 12.367  9.077   40.942  1.00 107.86 ? 182  ASN A CG  1 
ATOM   1296 O OD1 . ASN A 1 181 ? 13.177  8.138   40.885  1.00 103.09 ? 182  ASN A OD1 1 
ATOM   1297 N ND2 . ASN A 1 181 ? 11.107  8.888   41.312  1.00 99.64  ? 182  ASN A ND2 1 
ATOM   1298 N N   . ASN A 1 182 ? 13.820  12.657  37.964  1.00 71.74  ? 183  ASN A N   1 
ATOM   1299 C CA  . ASN A 1 182 ? 13.957  14.002  37.396  1.00 70.75  ? 183  ASN A CA  1 
ATOM   1300 C C   . ASN A 1 182 ? 13.155  14.137  36.087  1.00 71.82  ? 183  ASN A C   1 
ATOM   1301 O O   . ASN A 1 182 ? 12.903  15.259  35.637  1.00 72.30  ? 183  ASN A O   1 
ATOM   1302 C CB  . ASN A 1 182 ? 15.436  14.331  37.146  1.00 72.42  ? 183  ASN A CB  1 
ATOM   1303 C CG  . ASN A 1 182 ? 16.177  13.275  36.358  1.00 102.39 ? 183  ASN A CG  1 
ATOM   1304 O OD1 . ASN A 1 182 ? 16.535  12.215  36.887  1.00 100.86 ? 183  ASN A OD1 1 
ATOM   1305 N ND2 . ASN A 1 182 ? 16.419  13.537  35.077  1.00 92.71  ? 183  ASN A ND2 1 
ATOM   1306 N N   . VAL A 1 183 ? 12.784  12.995  35.467  1.00 64.85  ? 184  VAL A N   1 
ATOM   1307 C CA  . VAL A 1 183 ? 12.018  12.942  34.216  1.00 63.00  ? 184  VAL A CA  1 
ATOM   1308 C C   . VAL A 1 183 ? 10.526  13.028  34.547  1.00 63.64  ? 184  VAL A C   1 
ATOM   1309 O O   . VAL A 1 183 ? 10.000  12.191  35.279  1.00 62.54  ? 184  VAL A O   1 
ATOM   1310 C CB  . VAL A 1 183 ? 12.384  11.705  33.328  1.00 66.38  ? 184  VAL A CB  1 
ATOM   1311 C CG1 . VAL A 1 183 ? 11.451  11.574  32.122  1.00 65.65  ? 184  VAL A CG1 1 
ATOM   1312 C CG2 . VAL A 1 183 ? 13.843  11.762  32.869  1.00 66.15  ? 184  VAL A CG2 1 
ATOM   1313 N N   . SER A 1 184 ? 9.862   14.061  34.023  1.00 59.32  ? 185  SER A N   1 
ATOM   1314 C CA  . SER A 1 184 ? 8.426   14.307  34.230  1.00 58.85  ? 185  SER A CA  1 
ATOM   1315 C C   . SER A 1 184 ? 7.647   14.224  32.910  1.00 59.22  ? 185  SER A C   1 
ATOM   1316 O O   . SER A 1 184 ? 6.500   13.768  32.904  1.00 58.78  ? 185  SER A O   1 
ATOM   1317 C CB  . SER A 1 184 ? 8.194   15.654  34.919  1.00 63.42  ? 185  SER A CB  1 
ATOM   1318 O OG  . SER A 1 184 ? 8.883   16.712  34.269  1.00 73.02  ? 185  SER A OG  1 
ATOM   1319 N N   . ASP A 1 185 ? 8.276   14.662  31.802  1.00 53.10  ? 186  ASP A N   1 
ATOM   1320 C CA  . ASP A 1 185 ? 7.680   14.615  30.468  1.00 52.25  ? 186  ASP A CA  1 
ATOM   1321 C C   . ASP A 1 185 ? 8.489   13.703  29.529  1.00 51.30  ? 186  ASP A C   1 
ATOM   1322 O O   . ASP A 1 185 ? 9.716   13.773  29.515  1.00 50.58  ? 186  ASP A O   1 
ATOM   1323 C CB  . ASP A 1 185 ? 7.516   16.033  29.877  1.00 54.52  ? 186  ASP A CB  1 
ATOM   1324 C CG  . ASP A 1 185 ? 6.153   16.653  30.158  1.00 68.16  ? 186  ASP A CG  1 
ATOM   1325 O OD1 . ASP A 1 185 ? 5.921   17.080  31.313  1.00 74.22  ? 186  ASP A OD1 1 
ATOM   1326 O OD2 . ASP A 1 185 ? 5.307   16.692  29.225  1.00 68.51  ? 186  ASP A OD2 1 
ATOM   1327 N N   . VAL A 1 186 ? 7.802   12.840  28.768  1.00 44.19  ? 187  VAL A N   1 
ATOM   1328 C CA  . VAL A 1 186 ? 8.450   11.924  27.808  1.00 42.40  ? 187  VAL A CA  1 
ATOM   1329 C C   . VAL A 1 186 ? 7.827   12.083  26.421  1.00 46.11  ? 187  VAL A C   1 
ATOM   1330 O O   . VAL A 1 186 ? 6.655   12.456  26.316  1.00 45.72  ? 187  VAL A O   1 
ATOM   1331 C CB  . VAL A 1 186 ? 8.436   10.432  28.262  1.00 44.06  ? 187  VAL A CB  1 
ATOM   1332 C CG1 . VAL A 1 186 ? 9.165   10.249  29.582  1.00 43.38  ? 187  VAL A CG1 1 
ATOM   1333 C CG2 . VAL A 1 186 ? 7.022   9.877   28.350  1.00 43.47  ? 187  VAL A CG2 1 
ATOM   1334 N N   . SER A 1 187 ? 8.589   11.771  25.368  1.00 40.46  ? 188  SER A N   1 
ATOM   1335 C CA  . SER A 1 187 ? 8.032   11.846  24.023  1.00 40.06  ? 188  SER A CA  1 
ATOM   1336 C C   . SER A 1 187 ? 8.103   10.502  23.305  1.00 41.07  ? 188  SER A C   1 
ATOM   1337 O O   . SER A 1 187 ? 9.159   9.855   23.313  1.00 38.57  ? 188  SER A O   1 
ATOM   1338 C CB  . SER A 1 187 ? 8.721   12.929  23.202  1.00 44.39  ? 188  SER A CB  1 
ATOM   1339 O OG  . SER A 1 187 ? 8.395   14.197  23.746  1.00 58.06  ? 188  SER A OG  1 
ATOM   1340 N N   . CYS A 1 188 ? 6.964   10.086  22.700  1.00 35.36  ? 189  CYS A N   1 
ATOM   1341 C CA  . CYS A 1 188 ? 6.871   8.898   21.863  1.00 34.83  ? 189  CYS A CA  1 
ATOM   1342 C C   . CYS A 1 188 ? 7.078   9.347   20.426  1.00 38.30  ? 189  CYS A C   1 
ATOM   1343 O O   . CYS A 1 188 ? 6.307   10.172  19.935  1.00 37.46  ? 189  CYS A O   1 
ATOM   1344 C CB  . CYS A 1 188 ? 5.522   8.203   22.007  1.00 34.69  ? 189  CYS A CB  1 
ATOM   1345 S SG  . CYS A 1 188 ? 5.263   6.942   20.741  1.00 37.92  ? 189  CYS A SG  1 
ATOM   1346 N N   . ILE A 1 189 ? 8.057   8.772   19.728  1.00 35.49  ? 190  ILE A N   1 
ATOM   1347 C CA  . ILE A 1 189 ? 8.325   9.121   18.331  1.00 34.56  ? 190  ILE A CA  1 
ATOM   1348 C C   . ILE A 1 189 ? 7.854   7.970   17.428  1.00 34.02  ? 190  ILE A C   1 
ATOM   1349 O O   . ILE A 1 189 ? 8.374   6.852   17.514  1.00 30.25  ? 190  ILE A O   1 
ATOM   1350 C CB  . ILE A 1 189 ? 9.814   9.491   18.122  1.00 39.03  ? 190  ILE A CB  1 
ATOM   1351 C CG1 . ILE A 1 189 ? 10.321  10.482  19.208  1.00 39.96  ? 190  ILE A CG1 1 
ATOM   1352 C CG2 . ILE A 1 189 ? 10.095  9.962   16.687  1.00 39.15  ? 190  ILE A CG2 1 
ATOM   1353 C CD1 . ILE A 1 189 ? 11.595  10.022  19.862  1.00 46.95  ? 190  ILE A CD1 1 
ATOM   1354 N N   . VAL A 1 190 ? 6.828   8.251   16.595  1.00 28.38  ? 191  VAL A N   1 
ATOM   1355 C CA  . VAL A 1 190 ? 6.251   7.273   15.680  1.00 27.30  ? 191  VAL A CA  1 
ATOM   1356 C C   . VAL A 1 190 ? 6.781   7.584   14.274  1.00 33.03  ? 191  VAL A C   1 
ATOM   1357 O O   . VAL A 1 190 ? 6.734   8.746   13.847  1.00 31.87  ? 191  VAL A O   1 
ATOM   1358 C CB  . VAL A 1 190 ? 4.695   7.250   15.754  1.00 29.71  ? 191  VAL A CB  1 
ATOM   1359 C CG1 . VAL A 1 190 ? 4.089   6.305   14.707  1.00 29.32  ? 191  VAL A CG1 1 
ATOM   1360 C CG2 . VAL A 1 190 ? 4.209   6.863   17.151  1.00 29.13  ? 191  VAL A CG2 1 
ATOM   1361 N N   . SER A 1 191 ? 7.361   6.565   13.597  1.00 28.80  ? 192  SER A N   1 
ATOM   1362 C CA  . SER A 1 191 ? 7.862   6.700   12.221  1.00 28.43  ? 192  SER A CA  1 
ATOM   1363 C C   . SER A 1 191 ? 7.085   5.748   11.372  1.00 32.02  ? 192  SER A C   1 
ATOM   1364 O O   . SER A 1 191 ? 6.907   4.577   11.729  1.00 32.42  ? 192  SER A O   1 
ATOM   1365 C CB  . SER A 1 191 ? 9.358   6.376   12.120  1.00 31.45  ? 192  SER A CB  1 
ATOM   1366 O OG  . SER A 1 191 ? 10.081  7.135   13.075  1.00 44.86  ? 192  SER A OG  1 
ATOM   1367 N N   . HIS A 1 192 ? 6.595   6.243   10.263  1.00 27.97  ? 193  HIS A N   1 
ATOM   1368 C CA  . HIS A 1 192 ? 5.824   5.440   9.332   1.00 27.31  ? 193  HIS A CA  1 
ATOM   1369 C C   . HIS A 1 192 ? 5.994   6.060   7.962   1.00 36.34  ? 193  HIS A C   1 
ATOM   1370 O O   . HIS A 1 192 ? 6.243   7.266   7.873   1.00 34.37  ? 193  HIS A O   1 
ATOM   1371 C CB  . HIS A 1 192 ? 4.342   5.416   9.737   1.00 26.99  ? 193  HIS A CB  1 
ATOM   1372 C CG  . HIS A 1 192 ? 3.564   4.331   9.048   1.00 30.27  ? 193  HIS A CG  1 
ATOM   1373 N ND1 . HIS A 1 192 ? 2.741   4.603   7.961   1.00 31.51  ? 193  HIS A ND1 1 
ATOM   1374 C CD2 . HIS A 1 192 ? 3.536   2.999   9.293   1.00 31.05  ? 193  HIS A CD2 1 
ATOM   1375 C CE1 . HIS A 1 192 ? 2.231   3.440   7.600   1.00 30.80  ? 193  HIS A CE1 1 
ATOM   1376 N NE2 . HIS A 1 192 ? 2.688   2.446   8.367   1.00 31.04  ? 193  HIS A NE2 1 
ATOM   1377 N N   . LEU A 1 193 ? 5.835   5.249   6.891   1.00 37.95  ? 194  LEU A N   1 
ATOM   1378 C CA  . LEU A 1 193 ? 5.940   5.716   5.505   1.00 39.45  ? 194  LEU A CA  1 
ATOM   1379 C C   . LEU A 1 193 ? 4.937   6.830   5.201   1.00 44.51  ? 194  LEU A C   1 
ATOM   1380 O O   . LEU A 1 193 ? 5.292   7.769   4.506   1.00 45.53  ? 194  LEU A O   1 
ATOM   1381 C CB  . LEU A 1 193 ? 5.786   4.559   4.509   1.00 40.20  ? 194  LEU A CB  1 
ATOM   1382 C CG  . LEU A 1 193 ? 6.854   3.454   4.548   1.00 45.88  ? 194  LEU A CG  1 
ATOM   1383 C CD1 . LEU A 1 193 ? 6.522   2.349   3.560   1.00 46.31  ? 194  LEU A CD1 1 
ATOM   1384 C CD2 . LEU A 1 193 ? 8.232   3.995   4.218   1.00 49.75  ? 194  LEU A CD2 1 
ATOM   1385 N N   . THR A 1 194 ? 3.727   6.774   5.792   1.00 40.77  ? 195  THR A N   1 
ATOM   1386 C CA  . THR A 1 194 ? 2.669   7.782   5.614   1.00 39.63  ? 195  THR A CA  1 
ATOM   1387 C C   . THR A 1 194 ? 2.889   9.060   6.454   1.00 44.94  ? 195  THR A C   1 
ATOM   1388 O O   . THR A 1 194 ? 2.223   10.060  6.204   1.00 45.08  ? 195  THR A O   1 
ATOM   1389 C CB  . THR A 1 194 ? 1.290   7.184   5.886   1.00 43.91  ? 195  THR A CB  1 
ATOM   1390 O OG1 . THR A 1 194 ? 1.199   6.862   7.272   1.00 39.32  ? 195  THR A OG1 1 
ATOM   1391 C CG2 . THR A 1 194 ? 0.975   5.952   5.011   1.00 39.70  ? 195  THR A CG2 1 
ATOM   1392 N N   . GLY A 1 195 ? 3.772   9.014   7.455   1.00 41.37  ? 196  GLY A N   1 
ATOM   1393 C CA  . GLY A 1 195 ? 4.012   10.170  8.319   1.00 40.63  ? 196  GLY A CA  1 
ATOM   1394 C C   . GLY A 1 195 ? 4.694   9.864   9.636   1.00 42.37  ? 196  GLY A C   1 
ATOM   1395 O O   . GLY A 1 195 ? 4.647   8.739   10.132  1.00 41.93  ? 196  GLY A O   1 
ATOM   1396 N N   . ASN A 1 196 ? 5.328   10.883  10.213  1.00 38.41  ? 197  ASN A N   1 
ATOM   1397 C CA  . ASN A 1 196 ? 6.100   10.800  11.452  1.00 37.35  ? 197  ASN A CA  1 
ATOM   1398 C C   . ASN A 1 196 ? 5.637   11.866  12.403  1.00 40.61  ? 197  ASN A C   1 
ATOM   1399 O O   . ASN A 1 196 ? 5.246   12.946  11.957  1.00 41.33  ? 197  ASN A O   1 
ATOM   1400 C CB  . ASN A 1 196 ? 7.611   11.017  11.175  1.00 36.92  ? 197  ASN A CB  1 
ATOM   1401 C CG  . ASN A 1 196 ? 8.313   10.010  10.294  1.00 56.63  ? 197  ASN A CG  1 
ATOM   1402 O OD1 . ASN A 1 196 ? 7.719   9.077   9.747   1.00 56.85  ? 197  ASN A OD1 1 
ATOM   1403 N ND2 . ASN A 1 196 ? 9.621   10.170  10.141  1.00 52.64  ? 197  ASN A ND2 1 
ATOM   1404 N N   . GLN A 1 197 ? 5.665   11.580  13.713  1.00 34.74  ? 198  GLN A N   1 
ATOM   1405 C CA  . GLN A 1 197 ? 5.281   12.566  14.716  1.00 34.01  ? 198  GLN A CA  1 
ATOM   1406 C C   . GLN A 1 197 ? 5.876   12.256  16.082  1.00 38.79  ? 198  GLN A C   1 
ATOM   1407 O O   . GLN A 1 197 ? 6.031   11.089  16.446  1.00 38.79  ? 198  GLN A O   1 
ATOM   1408 C CB  . GLN A 1 197 ? 3.754   12.684  14.820  1.00 34.69  ? 198  GLN A CB  1 
ATOM   1409 C CG  . GLN A 1 197 ? 3.270   14.114  15.046  1.00 45.28  ? 198  GLN A CG  1 
ATOM   1410 C CD  . GLN A 1 197 ? 1.766   14.241  15.103  1.00 60.52  ? 198  GLN A CD  1 
ATOM   1411 O OE1 . GLN A 1 197 ? 1.024   13.670  14.295  1.00 51.35  ? 198  GLN A OE1 1 
ATOM   1412 N NE2 . GLN A 1 197 ? 1.281   15.009  16.063  1.00 58.40  ? 198  GLN A NE2 1 
ATOM   1413 N N   . SER A 1 198 ? 6.177   13.311  16.837  1.00 35.60  ? 199  SER A N   1 
ATOM   1414 C CA  . SER A 1 198 ? 6.666   13.270  18.210  1.00 35.46  ? 199  SER A CA  1 
ATOM   1415 C C   . SER A 1 198 ? 5.461   13.603  19.125  1.00 38.27  ? 199  SER A C   1 
ATOM   1416 O O   . SER A 1 198 ? 4.807   14.642  18.951  1.00 37.69  ? 199  SER A O   1 
ATOM   1417 C CB  . SER A 1 198 ? 7.802   14.268  18.392  1.00 39.02  ? 199  SER A CB  1 
ATOM   1418 O OG  . SER A 1 198 ? 8.211   14.271  19.751  1.00 51.62  ? 199  SER A OG  1 
ATOM   1419 N N   . LEU A 1 199 ? 5.119   12.684  20.032  1.00 33.56  ? 200  LEU A N   1 
ATOM   1420 C CA  . LEU A 1 199 ? 3.953   12.805  20.902  1.00 32.90  ? 200  LEU A CA  1 
ATOM   1421 C C   . LEU A 1 199 ? 4.279   12.823  22.397  1.00 40.46  ? 200  LEU A C   1 
ATOM   1422 O O   . LEU A 1 199 ? 4.806   11.834  22.929  1.00 40.85  ? 200  LEU A O   1 
ATOM   1423 C CB  . LEU A 1 199 ? 2.952   11.707  20.555  1.00 32.21  ? 200  LEU A CB  1 
ATOM   1424 C CG  . LEU A 1 199 ? 2.582   11.584  19.070  1.00 35.34  ? 200  LEU A CG  1 
ATOM   1425 C CD1 . LEU A 1 199 ? 2.103   10.219  18.770  1.00 35.56  ? 200  LEU A CD1 1 
ATOM   1426 C CD2 . LEU A 1 199 ? 1.574   12.676  18.623  1.00 31.41  ? 200  LEU A CD2 1 
ATOM   1427 N N   . SER A 1 200 ? 3.949   13.948  23.078  1.00 36.13  ? 201  SER A N   1 
ATOM   1428 C CA  . SER A 1 200 ? 4.262   14.182  24.499  1.00 35.75  ? 201  SER A CA  1 
ATOM   1429 C C   . SER A 1 200 ? 3.321   13.552  25.490  1.00 38.84  ? 201  SER A C   1 
ATOM   1430 O O   . SER A 1 200 ? 2.101   13.606  25.325  1.00 37.06  ? 201  SER A O   1 
ATOM   1431 C CB  . SER A 1 200 ? 4.383   15.674  24.793  1.00 39.91  ? 201  SER A CB  1 
ATOM   1432 O OG  . SER A 1 200 ? 5.488   16.220  24.091  1.00 53.44  ? 201  SER A OG  1 
ATOM   1433 N N   . ILE A 1 201 ? 3.905   13.005  26.568  1.00 36.34  ? 202  ILE A N   1 
ATOM   1434 C CA  . ILE A 1 201 ? 3.188   12.365  27.677  1.00 36.77  ? 202  ILE A CA  1 
ATOM   1435 C C   . ILE A 1 201 ? 3.758   12.915  29.003  1.00 44.31  ? 202  ILE A C   1 
ATOM   1436 O O   . ILE A 1 201 ? 4.972   12.984  29.162  1.00 43.76  ? 202  ILE A O   1 
ATOM   1437 C CB  . ILE A 1 201 ? 3.267   10.808  27.628  1.00 38.99  ? 202  ILE A CB  1 
ATOM   1438 C CG1 . ILE A 1 201 ? 2.882   10.237  26.244  1.00 39.54  ? 202  ILE A CG1 1 
ATOM   1439 C CG2 . ILE A 1 201 ? 2.407   10.176  28.725  1.00 40.87  ? 202  ILE A CG2 1 
ATOM   1440 C CD1 . ILE A 1 201 ? 3.293   8.751   26.011  1.00 44.29  ? 202  ILE A CD1 1 
ATOM   1441 N N   . GLU A 1 202 ? 2.873   13.314  29.932  1.00 43.13  ? 203  GLU A N   1 
ATOM   1442 C CA  . GLU A 1 202 ? 3.224   13.791  31.269  1.00 42.72  ? 203  GLU A CA  1 
ATOM   1443 C C   . GLU A 1 202 ? 3.138   12.589  32.203  1.00 44.23  ? 203  GLU A C   1 
ATOM   1444 O O   . GLU A 1 202 ? 2.091   11.929  32.265  1.00 43.14  ? 203  GLU A O   1 
ATOM   1445 C CB  . GLU A 1 202 ? 2.254   14.894  31.730  1.00 44.45  ? 203  GLU A CB  1 
ATOM   1446 C CG  . GLU A 1 202 ? 2.636   16.283  31.243  1.00 59.18  ? 203  GLU A CG  1 
ATOM   1447 C CD  . GLU A 1 202 ? 2.256   17.450  32.142  1.00 92.08  ? 203  GLU A CD  1 
ATOM   1448 O OE1 . GLU A 1 202 ? 1.242   17.351  32.873  1.00 90.44  ? 203  GLU A OE1 1 
ATOM   1449 O OE2 . GLU A 1 202 ? 2.972   18.476  32.099  1.00 88.88  ? 203  GLU A OE2 1 
ATOM   1450 N N   . LEU A 1 203 ? 4.238   12.278  32.909  1.00 40.01  ? 204  LEU A N   1 
ATOM   1451 C CA  . LEU A 1 203 ? 4.259   11.111  33.804  1.00 47.56  ? 204  LEU A CA  1 
ATOM   1452 C C   . LEU A 1 203 ? 3.533   11.328  35.128  1.00 76.83  ? 204  LEU A C   1 
ATOM   1453 O O   . LEU A 1 203 ? 3.403   12.463  35.577  1.00 44.66  ? 204  LEU A O   1 
ATOM   1454 C CB  . LEU A 1 203 ? 5.693   10.577  34.020  1.00 47.03  ? 204  LEU A CB  1 
ATOM   1455 C CG  . LEU A 1 203 ? 6.532   10.266  32.759  1.00 49.81  ? 204  LEU A CG  1 
ATOM   1456 C CD1 . LEU A 1 203 ? 7.958   9.929   33.133  1.00 49.38  ? 204  LEU A CD1 1 
ATOM   1457 C CD2 . LEU A 1 203 ? 5.928   9.119   31.953  1.00 51.49  ? 204  LEU A CD2 1 
HETATM 1458 C C1  . NAG B 2 .   ? -11.359 1.939   -22.956 1.00 34.17  ? 690  NAG A C1  1 
HETATM 1459 C C2  . NAG B 2 .   ? -10.074 2.637   -23.408 1.00 37.15  ? 690  NAG A C2  1 
HETATM 1460 C C3  . NAG B 2 .   ? -9.713  3.792   -22.470 1.00 38.92  ? 690  NAG A C3  1 
HETATM 1461 C C4  . NAG B 2 .   ? -10.922 4.680   -22.178 1.00 38.85  ? 690  NAG A C4  1 
HETATM 1462 C C5  . NAG B 2 .   ? -12.097 3.845   -21.674 1.00 38.81  ? 690  NAG A C5  1 
HETATM 1463 C C6  . NAG B 2 .   ? -13.370 4.634   -21.442 1.00 39.50  ? 690  NAG A C6  1 
HETATM 1464 C C7  . NAG B 2 .   ? -7.995  1.793   -24.419 1.00 40.12  ? 690  NAG A C7  1 
HETATM 1465 C C8  . NAG B 2 .   ? -6.699  1.109   -24.095 1.00 39.07  ? 690  NAG A C8  1 
HETATM 1466 N N2  . NAG B 2 .   ? -8.961  1.701   -23.493 1.00 38.38  ? 690  NAG A N2  1 
HETATM 1467 O O3  . NAG B 2 .   ? -8.661  4.548   -23.064 1.00 40.85  ? 690  NAG A O3  1 
HETATM 1468 O O4  . NAG B 2 .   ? -10.578 5.615   -21.162 1.00 44.22  ? 690  NAG A O4  1 
HETATM 1469 O O5  . NAG B 2 .   ? -12.419 2.856   -22.657 1.00 33.74  ? 690  NAG A O5  1 
HETATM 1470 O O6  . NAG B 2 .   ? -14.477 3.760   -21.181 1.00 39.65  ? 690  NAG A O6  1 
HETATM 1471 O O7  . NAG B 2 .   ? -8.145  2.445   -25.449 1.00 42.59  ? 690  NAG A O7  1 
HETATM 1472 C C   . ACT C 3 .   ? 6.863   -3.382  -29.479 1.00 64.39  ? 1205 ACT A C   1 
HETATM 1473 O O   . ACT C 3 .   ? 6.529   -4.528  -29.828 1.00 63.97  ? 1205 ACT A O   1 
HETATM 1474 O OXT . ACT C 3 .   ? 6.163   -2.354  -29.634 1.00 65.87  ? 1205 ACT A OXT 1 
HETATM 1475 C CH3 . ACT C 3 .   ? 8.250   -3.221  -28.829 1.00 61.50  ? 1205 ACT A CH3 1 
HETATM 1476 C C   . ACT D 3 .   ? 9.919   -0.923  17.536  1.00 49.81  ? 1206 ACT A C   1 
HETATM 1477 O O   . ACT D 3 .   ? 9.275   -0.025  16.946  1.00 43.90  ? 1206 ACT A O   1 
HETATM 1478 O OXT . ACT D 3 .   ? 10.757  -0.732  18.467  1.00 54.24  ? 1206 ACT A OXT 1 
HETATM 1479 C CH3 . ACT D 3 .   ? 9.680   -2.387  17.076  1.00 46.70  ? 1206 ACT A CH3 1 
HETATM 1480 N N1  . AZI E 4 .   ? -3.897  2.631   19.067  1.00 47.77  ? 1207 AZI A N1  1 
HETATM 1481 N N2  . AZI E 4 .   ? -5.072  2.465   18.947  1.00 52.11  ? 1207 AZI A N2  1 
HETATM 1482 N N3  . AZI E 4 .   ? -6.257  2.323   18.831  1.00 50.59  ? 1207 AZI A N3  1 
HETATM 1483 N N   . CYS F 5 .   ? 3.650   7.476   -18.587 1.00 48.36  ? 1208 CYS A N   1 
HETATM 1484 C CA  . CYS F 5 .   ? 4.101   6.174   -19.085 1.00 46.14  ? 1208 CYS A CA  1 
HETATM 1485 C C   . CYS F 5 .   ? 4.977   6.329   -20.345 1.00 71.50  ? 1208 CYS A C   1 
HETATM 1486 O O   . CYS F 5 .   ? 4.446   6.698   -21.425 1.00 66.97  ? 1208 CYS A O   1 
HETATM 1487 C CB  . CYS F 5 .   ? 2.919   5.236   -19.340 1.00 45.08  ? 1208 CYS A CB  1 
HETATM 1488 S SG  . CYS F 5 .   ? 2.052   4.682   -17.843 1.00 47.80  ? 1208 CYS A SG  1 
HETATM 1489 O OXT . CYS F 5 .   ? 6.199   6.066   -20.251 1.00 100.54 ? 1208 CYS A OXT 1 
HETATM 1490 C C1  . NAG G 2 .   ? -7.682  -4.603  10.016  1.00 58.67  ? 1680 NAG A C1  1 
HETATM 1491 C C2  . NAG G 2 .   ? -7.870  -4.209  11.485  1.00 58.34  ? 1680 NAG A C2  1 
HETATM 1492 C C3  . NAG G 2 .   ? -8.687  -2.951  11.786  1.00 54.43  ? 1680 NAG A C3  1 
HETATM 1493 C C4  . NAG G 2 .   ? -8.443  -1.886  10.724  1.00 54.42  ? 1680 NAG A C4  1 
HETATM 1494 C C5  . NAG G 2 .   ? -8.722  -2.500  9.355   1.00 55.84  ? 1680 NAG A C5  1 
HETATM 1495 C C6  . NAG G 2 .   ? -8.641  -1.538  8.197   1.00 54.89  ? 1680 NAG A C6  1 
HETATM 1496 C C7  . NAG G 2 .   ? -8.120  -5.675  13.452  1.00 65.24  ? 1680 NAG A C7  1 
HETATM 1497 C C8  . NAG G 2 .   ? -8.924  -6.788  14.054  1.00 66.48  ? 1680 NAG A C8  1 
HETATM 1498 N N2  . NAG G 2 .   ? -8.421  -5.356  12.189  1.00 62.90  ? 1680 NAG A N2  1 
HETATM 1499 O O3  . NAG G 2 .   ? -8.374  -2.455  13.085  1.00 50.19  ? 1680 NAG A O3  1 
HETATM 1500 O O4  . NAG G 2 .   ? -9.287  -0.762  10.963  1.00 53.49  ? 1680 NAG A O4  1 
HETATM 1501 O O5  . NAG G 2 .   ? -7.760  -3.530  9.083   1.00 57.63  ? 1680 NAG A O5  1 
HETATM 1502 O O6  . NAG G 2 .   ? -9.141  -2.179  7.028   1.00 54.42  ? 1680 NAG A O6  1 
HETATM 1503 O O7  . NAG G 2 .   ? -7.244  -5.092  14.082  1.00 68.04  ? 1680 NAG A O7  1 
HETATM 1504 C C1  . NAG H 2 .   ? 6.274   -12.881 -11.616 1.00 25.96  ? 2000 NAG A C1  1 
HETATM 1505 C C2  . NAG H 2 .   ? 6.912   -14.213 -11.213 1.00 25.66  ? 2000 NAG A C2  1 
HETATM 1506 C C3  . NAG H 2 .   ? 5.936   -15.341 -11.548 1.00 29.18  ? 2000 NAG A C3  1 
HETATM 1507 C C4  . NAG H 2 .   ? 4.552   -15.066 -10.957 1.00 30.43  ? 2000 NAG A C4  1 
HETATM 1508 C C5  . NAG H 2 .   ? 4.035   -13.727 -11.473 1.00 27.88  ? 2000 NAG A C5  1 
HETATM 1509 C C6  . NAG H 2 .   ? 2.659   -13.336 -10.964 1.00 27.26  ? 2000 NAG A C6  1 
HETATM 1510 C C7  . NAG H 2 .   ? 9.325   -14.711 -11.410 1.00 25.93  ? 2000 NAG A C7  1 
HETATM 1511 C C8  . NAG H 2 .   ? 10.488  -14.788 -12.353 1.00 22.89  ? 2000 NAG A C8  1 
HETATM 1512 N N2  . NAG H 2 .   ? 8.148   -14.380 -11.962 1.00 25.60  ? 2000 NAG A N2  1 
HETATM 1513 O O3  . NAG H 2 .   ? 6.451   -16.560 -11.032 1.00 32.71  ? 2000 NAG A O3  1 
HETATM 1514 O O4  . NAG H 2 .   ? 3.655   -16.097 -11.356 1.00 32.92  ? 2000 NAG A O4  1 
HETATM 1515 O O5  . NAG H 2 .   ? 4.952   -12.693 -11.095 1.00 23.71  ? 2000 NAG A O5  1 
HETATM 1516 O O6  . NAG H 2 .   ? 2.691   -12.810 -9.645  1.00 32.09  ? 2000 NAG A O6  1 
HETATM 1517 O O7  . NAG H 2 .   ? 9.456   -14.894 -10.200 1.00 27.26  ? 2000 NAG A O7  1 
HETATM 1518 O O   . HOH I 6 .   ? 10.170  -11.692 -14.115 1.00 20.43  ? 2001 HOH A O   1 
HETATM 1519 O O   . HOH I 6 .   ? 11.341  -5.273  -11.840 1.00 26.96  ? 2002 HOH A O   1 
HETATM 1520 O O   . HOH I 6 .   ? 5.367   -8.728  -9.073  1.00 25.01  ? 2003 HOH A O   1 
HETATM 1521 O O   . HOH I 6 .   ? 12.156  -3.449  -13.839 1.00 50.81  ? 2004 HOH A O   1 
HETATM 1522 O O   . HOH I 6 .   ? 7.239   -8.737  -7.051  1.00 35.25  ? 2005 HOH A O   1 
HETATM 1523 O O   . HOH I 6 .   ? 5.784   1.985   -4.933  1.00 51.58  ? 2006 HOH A O   1 
HETATM 1524 O O   . HOH I 6 .   ? 4.033   -1.494  1.116   1.00 33.12  ? 2007 HOH A O   1 
HETATM 1525 O O   . HOH I 6 .   ? -6.671  6.801   5.685   1.00 49.31  ? 2008 HOH A O   1 
HETATM 1526 O O   . HOH I 6 .   ? -9.466  6.349   2.557   1.00 53.85  ? 2009 HOH A O   1 
HETATM 1527 O O   . HOH I 6 .   ? -10.822 2.372   2.310   1.00 45.86  ? 2010 HOH A O   1 
HETATM 1528 O O   . HOH I 6 .   ? -2.978  12.581  -1.328  1.00 56.75  ? 2011 HOH A O   1 
HETATM 1529 O O   . HOH I 6 .   ? 0.692   6.704   -2.384  1.00 44.76  ? 2012 HOH A O   1 
HETATM 1530 O O   . HOH I 6 .   ? -4.872  7.684   3.910   1.00 42.60  ? 2013 HOH A O   1 
HETATM 1531 O O   . HOH I 6 .   ? 5.924   2.697   -13.851 1.00 64.72  ? 2014 HOH A O   1 
HETATM 1532 O O   . HOH I 6 .   ? -10.156 4.310   0.255   1.00 49.26  ? 2015 HOH A O   1 
HETATM 1533 O O   . HOH I 6 .   ? -8.661  9.803   -4.637  1.00 48.41  ? 2016 HOH A O   1 
HETATM 1534 O O   . HOH I 6 .   ? -1.208  7.215   -4.869  1.00 61.70  ? 2017 HOH A O   1 
HETATM 1535 O O   . HOH I 6 .   ? -0.985  1.088   -27.356 1.00 61.82  ? 2018 HOH A O   1 
HETATM 1536 O O   . HOH I 6 .   ? -4.381  10.458  -5.064  1.00 53.03  ? 2019 HOH A O   1 
HETATM 1537 O O   . HOH I 6 .   ? -3.176  -11.801 -23.822 1.00 36.19  ? 2020 HOH A O   1 
HETATM 1538 O O   . HOH I 6 .   ? 3.325   2.671   -13.325 1.00 38.35  ? 2021 HOH A O   1 
HETATM 1539 O O   . HOH I 6 .   ? 0.973   2.499   -19.882 1.00 49.98  ? 2022 HOH A O   1 
HETATM 1540 O O   . HOH I 6 .   ? 2.437   -5.582  -20.892 1.00 22.77  ? 2023 HOH A O   1 
HETATM 1541 O O   . HOH I 6 .   ? 1.360   -1.935  -23.634 1.00 30.26  ? 2024 HOH A O   1 
HETATM 1542 O O   . HOH I 6 .   ? 3.147   1.595   -20.950 1.00 44.40  ? 2025 HOH A O   1 
HETATM 1543 O O   . HOH I 6 .   ? 5.682   2.671   -20.278 1.00 33.82  ? 2026 HOH A O   1 
HETATM 1544 O O   . HOH I 6 .   ? 6.377   1.074   -15.918 1.00 62.51  ? 2027 HOH A O   1 
HETATM 1545 O O   . HOH I 6 .   ? -8.723  -14.116 -17.180 1.00 48.00  ? 2028 HOH A O   1 
HETATM 1546 O O   . HOH I 6 .   ? 10.049  3.849   -20.397 1.00 37.84  ? 2029 HOH A O   1 
HETATM 1547 O O   . HOH I 6 .   ? 9.001   -1.221  -15.128 1.00 63.32  ? 2030 HOH A O   1 
HETATM 1548 O O   . HOH I 6 .   ? -7.728  -13.315 -19.744 1.00 61.08  ? 2031 HOH A O   1 
HETATM 1549 O O   . HOH I 6 .   ? 3.452   -0.182  -22.772 1.00 39.81  ? 2032 HOH A O   1 
HETATM 1550 O O   . HOH I 6 .   ? 7.187   0.122   -29.204 1.00 53.10  ? 2033 HOH A O   1 
HETATM 1551 O O   . HOH I 6 .   ? 8.875   -0.212  -27.627 1.00 51.53  ? 2034 HOH A O   1 
HETATM 1552 O O   . HOH I 6 .   ? 2.193   1.495   -25.137 1.00 48.52  ? 2035 HOH A O   1 
HETATM 1553 O O   . HOH I 6 .   ? 0.821   -0.660  -26.192 1.00 27.21  ? 2036 HOH A O   1 
HETATM 1554 O O   . HOH I 6 .   ? 0.751   -4.898  -34.939 1.00 42.43  ? 2037 HOH A O   1 
HETATM 1555 O O   . HOH I 6 .   ? -15.900 1.699   -11.340 1.00 57.52  ? 2038 HOH A O   1 
HETATM 1556 O O   . HOH I 6 .   ? 8.992   -0.659  -36.908 1.00 57.22  ? 2039 HOH A O   1 
HETATM 1557 O O   . HOH I 6 .   ? -2.234  -3.560  -34.167 1.00 51.96  ? 2040 HOH A O   1 
HETATM 1558 O O   . HOH I 6 .   ? -5.852  -5.811  -32.868 1.00 36.00  ? 2041 HOH A O   1 
HETATM 1559 O O   . HOH I 6 .   ? -14.469 5.398   -6.368  1.00 59.59  ? 2042 HOH A O   1 
HETATM 1560 O O   . HOH I 6 .   ? -3.519  -9.313  -24.047 1.00 25.70  ? 2043 HOH A O   1 
HETATM 1561 O O   . HOH I 6 .   ? -8.240  -10.147 -23.342 1.00 36.71  ? 2044 HOH A O   1 
HETATM 1562 O O   . HOH I 6 .   ? -4.262  -12.628 -21.362 1.00 54.56  ? 2045 HOH A O   1 
HETATM 1563 O O   . HOH I 6 .   ? -9.814  -10.003 -8.616  1.00 42.76  ? 2046 HOH A O   1 
HETATM 1564 O O   . HOH I 6 .   ? -4.000  -11.965 -5.193  1.00 51.91  ? 2047 HOH A O   1 
HETATM 1565 O O   . HOH I 6 .   ? -8.009  -13.744 -7.672  1.00 50.35  ? 2048 HOH A O   1 
HETATM 1566 O O   . HOH I 6 .   ? -6.366  -14.017 -5.542  1.00 66.28  ? 2049 HOH A O   1 
HETATM 1567 O O   . HOH I 6 .   ? -9.737  -7.964  -1.632  1.00 54.46  ? 2050 HOH A O   1 
HETATM 1568 O O   . HOH I 6 .   ? 0.152   -7.068  -2.345  1.00 48.21  ? 2051 HOH A O   1 
HETATM 1569 O O   . HOH I 6 .   ? -2.529  -13.968 -15.044 1.00 50.71  ? 2052 HOH A O   1 
HETATM 1570 O O   . HOH I 6 .   ? -0.705  -15.049 -11.470 1.00 57.71  ? 2053 HOH A O   1 
HETATM 1571 O O   . HOH I 6 .   ? -10.261 -13.089 -15.316 1.00 41.53  ? 2054 HOH A O   1 
HETATM 1572 O O   . HOH I 6 .   ? -13.312 -14.504 -12.905 1.00 51.12  ? 2055 HOH A O   1 
HETATM 1573 O O   . HOH I 6 .   ? -12.663 -12.583 -15.930 1.00 51.43  ? 2056 HOH A O   1 
HETATM 1574 O O   . HOH I 6 .   ? -15.262 -11.512 -12.193 1.00 56.25  ? 2057 HOH A O   1 
HETATM 1575 O O   . HOH I 6 .   ? -10.211 -10.594 -21.139 1.00 44.36  ? 2058 HOH A O   1 
HETATM 1576 O O   . HOH I 6 .   ? -12.752 -11.249 -18.606 1.00 49.57  ? 2059 HOH A O   1 
HETATM 1577 O O   . HOH I 6 .   ? -8.695  -9.999  -35.515 1.00 58.01  ? 2060 HOH A O   1 
HETATM 1578 O O   . HOH I 6 .   ? -6.944  4.372   6.947   1.00 51.58  ? 2061 HOH A O   1 
HETATM 1579 O O   . HOH I 6 .   ? -7.704  0.741   -35.234 1.00 57.10  ? 2062 HOH A O   1 
HETATM 1580 O O   . HOH I 6 .   ? -4.253  -4.985  -34.903 1.00 58.99  ? 2063 HOH A O   1 
HETATM 1581 O O   . HOH I 6 .   ? -12.877 -7.776  -31.726 1.00 49.15  ? 2064 HOH A O   1 
HETATM 1582 O O   . HOH I 6 .   ? -11.684 -6.688  -26.255 1.00 40.60  ? 2065 HOH A O   1 
HETATM 1583 O O   . HOH I 6 .   ? -12.929 -1.112  -19.912 1.00 30.63  ? 2066 HOH A O   1 
HETATM 1584 O O   . HOH I 6 .   ? -14.076 -1.553  -15.335 1.00 32.16  ? 2067 HOH A O   1 
HETATM 1585 O O   . HOH I 6 .   ? 12.798  3.422   15.306  1.00 60.55  ? 2068 HOH A O   1 
HETATM 1586 O O   . HOH I 6 .   ? -16.983 -8.008  -11.546 1.00 49.41  ? 2069 HOH A O   1 
HETATM 1587 O O   . HOH I 6 .   ? -14.560 -0.958  -11.827 1.00 40.92  ? 2070 HOH A O   1 
HETATM 1588 O O   . HOH I 6 .   ? -18.704 -7.451  -8.781  1.00 47.99  ? 2071 HOH A O   1 
HETATM 1589 O O   . HOH I 6 .   ? -17.030 -0.091  -9.580  1.00 45.57  ? 2072 HOH A O   1 
HETATM 1590 O O   . HOH I 6 .   ? -16.305 -9.712  -6.961  1.00 52.13  ? 2073 HOH A O   1 
HETATM 1591 O O   . HOH I 6 .   ? -15.825 -10.056 -10.128 1.00 53.91  ? 2074 HOH A O   1 
HETATM 1592 O O   . HOH I 6 .   ? -10.993 3.664   -10.779 1.00 70.60  ? 2075 HOH A O   1 
HETATM 1593 O O   . HOH I 6 .   ? -16.207 3.460   -4.381  1.00 69.04  ? 2076 HOH A O   1 
HETATM 1594 O O   . HOH I 6 .   ? -12.420 2.548   -4.296  1.00 48.98  ? 2077 HOH A O   1 
HETATM 1595 O O   . HOH I 6 .   ? -12.853 0.418   -17.476 1.00 33.82  ? 2078 HOH A O   1 
HETATM 1596 O O   . HOH I 6 .   ? -11.273 5.052   -18.594 1.00 39.08  ? 2079 HOH A O   1 
HETATM 1597 O O   . HOH I 6 .   ? -6.633  4.896   -21.395 1.00 44.83  ? 2080 HOH A O   1 
HETATM 1598 O O   . HOH I 6 .   ? -11.950 8.994   -21.765 1.00 58.47  ? 2081 HOH A O   1 
HETATM 1599 O O   . HOH I 6 .   ? 14.101  14.461  30.224  1.00 61.70  ? 2082 HOH A O   1 
HETATM 1600 O O   . HOH I 6 .   ? -10.110 -0.179  3.044   1.00 45.45  ? 2083 HOH A O   1 
HETATM 1601 O O   . HOH I 6 .   ? -6.243  -7.128  1.311   1.00 59.06  ? 2084 HOH A O   1 
HETATM 1602 O O   . HOH I 6 .   ? -10.999 -2.087  4.714   1.00 51.64  ? 2085 HOH A O   1 
HETATM 1603 O O   . HOH I 6 .   ? -2.319  -13.698 -7.829  1.00 61.78  ? 2086 HOH A O   1 
HETATM 1604 O O   . HOH I 6 .   ? 0.725   -13.435 -14.097 1.00 34.17  ? 2087 HOH A O   1 
HETATM 1605 O O   . HOH I 6 .   ? 2.558   -12.943 -29.764 1.00 54.23  ? 2088 HOH A O   1 
HETATM 1606 O O   . HOH I 6 .   ? 2.420   -15.051 -15.087 1.00 48.12  ? 2089 HOH A O   1 
HETATM 1607 O O   . HOH I 6 .   ? 6.988   0.308   -11.654 1.00 48.75  ? 2090 HOH A O   1 
HETATM 1608 O O   . HOH I 6 .   ? 6.048   -9.770  -4.591  1.00 52.43  ? 2091 HOH A O   1 
HETATM 1609 O O   . HOH I 6 .   ? 7.392   -6.810  -0.475  1.00 53.96  ? 2092 HOH A O   1 
HETATM 1610 O O   . HOH I 6 .   ? 4.136   -7.395  2.205   1.00 59.60  ? 2093 HOH A O   1 
HETATM 1611 O O   . HOH I 6 .   ? 2.044   -2.117  2.722   1.00 45.77  ? 2094 HOH A O   1 
HETATM 1612 O O   . HOH I 6 .   ? -5.498  5.298   9.006   1.00 55.89  ? 2095 HOH A O   1 
HETATM 1613 O O   . HOH I 6 .   ? -2.003  8.292   11.495  1.00 48.42  ? 2096 HOH A O   1 
HETATM 1614 O O   . HOH I 6 .   ? -4.000  6.005   31.736  1.00 46.67  ? 2097 HOH A O   1 
HETATM 1615 O O   . HOH I 6 .   ? 2.734   7.740   34.420  1.00 39.95  ? 2098 HOH A O   1 
HETATM 1616 O O   . HOH I 6 .   ? 1.667   6.814   37.299  1.00 71.03  ? 2099 HOH A O   1 
HETATM 1617 O O   . HOH I 6 .   ? 0.842   5.146   40.012  1.00 53.94  ? 2100 HOH A O   1 
HETATM 1618 O O   . HOH I 6 .   ? -2.919  -3.285  21.345  1.00 49.68  ? 2101 HOH A O   1 
HETATM 1619 O O   . HOH I 6 .   ? 1.867   0.089   13.124  1.00 23.12  ? 2102 HOH A O   1 
HETATM 1620 O O   . HOH I 6 .   ? -6.053  0.698   9.805   1.00 40.44  ? 2103 HOH A O   1 
HETATM 1621 O O   . HOH I 6 .   ? 5.221   -4.311  8.607   1.00 35.54  ? 2104 HOH A O   1 
HETATM 1622 O O   . HOH I 6 .   ? 6.426   2.224   7.891   1.00 31.32  ? 2105 HOH A O   1 
HETATM 1623 O O   . HOH I 6 .   ? 8.030   -1.136  8.779   1.00 39.21  ? 2106 HOH A O   1 
HETATM 1624 O O   . HOH I 6 .   ? 8.119   -1.805  14.214  1.00 42.57  ? 2107 HOH A O   1 
HETATM 1625 O O   . HOH I 6 .   ? 9.302   4.464   8.698   1.00 49.46  ? 2108 HOH A O   1 
HETATM 1626 O O   . HOH I 6 .   ? 12.283  4.099   11.802  1.00 51.33  ? 2109 HOH A O   1 
HETATM 1627 O O   . HOH I 6 .   ? 12.671  1.921   17.814  1.00 23.93  ? 2110 HOH A O   1 
HETATM 1628 O O   . HOH I 6 .   ? 10.667  6.306   15.892  1.00 35.95  ? 2111 HOH A O   1 
HETATM 1629 O O   . HOH I 6 .   ? 11.319  14.603  26.038  1.00 51.70  ? 2112 HOH A O   1 
HETATM 1630 O O   . HOH I 6 .   ? 11.671  15.167  22.696  1.00 67.04  ? 2113 HOH A O   1 
HETATM 1631 O O   . HOH I 6 .   ? 18.073  9.270   26.230  1.00 45.51  ? 2114 HOH A O   1 
HETATM 1632 O O   . HOH I 6 .   ? 17.107  8.115   30.031  1.00 52.91  ? 2115 HOH A O   1 
HETATM 1633 O O   . HOH I 6 .   ? 17.627  2.923   23.376  1.00 44.27  ? 2116 HOH A O   1 
HETATM 1634 O O   . HOH I 6 .   ? 15.647  2.263   24.942  1.00 37.11  ? 2117 HOH A O   1 
HETATM 1635 O O   . HOH I 6 .   ? 15.648  4.372   31.840  1.00 61.60  ? 2118 HOH A O   1 
HETATM 1636 O O   . HOH I 6 .   ? 9.950   -2.423  31.233  1.00 44.74  ? 2119 HOH A O   1 
HETATM 1637 O O   . HOH I 6 .   ? 4.230   -3.300  25.474  1.00 33.47  ? 2120 HOH A O   1 
HETATM 1638 O O   . HOH I 6 .   ? 8.690   -4.925  18.553  1.00 35.52  ? 2121 HOH A O   1 
HETATM 1639 O O   . HOH I 6 .   ? 1.734   -5.203  19.306  1.00 24.19  ? 2122 HOH A O   1 
HETATM 1640 O O   . HOH I 6 .   ? 2.578   -4.809  24.249  1.00 46.97  ? 2123 HOH A O   1 
HETATM 1641 O O   . HOH I 6 .   ? -6.105  -9.602  15.638  1.00 63.22  ? 2124 HOH A O   1 
HETATM 1642 O O   . HOH I 6 .   ? -0.135  -11.592 15.387  1.00 50.85  ? 2125 HOH A O   1 
HETATM 1643 O O   . HOH I 6 .   ? -0.891  -11.281 8.319   1.00 55.40  ? 2126 HOH A O   1 
HETATM 1644 O O   . HOH I 6 .   ? -7.385  -7.967  10.551  1.00 47.54  ? 2127 HOH A O   1 
HETATM 1645 O O   . HOH I 6 .   ? -6.313  -10.507 13.077  1.00 58.10  ? 2128 HOH A O   1 
HETATM 1646 O O   . HOH I 6 .   ? 2.024   -6.737  6.766   1.00 47.24  ? 2129 HOH A O   1 
HETATM 1647 O O   . HOH I 6 .   ? 7.669   -1.657  30.399  1.00 37.63  ? 2130 HOH A O   1 
HETATM 1648 O O   . HOH I 6 .   ? 15.075  6.498   33.364  1.00 62.10  ? 2131 HOH A O   1 
HETATM 1649 O O   . HOH I 6 .   ? 15.804  6.535   41.007  1.00 63.58  ? 2132 HOH A O   1 
HETATM 1650 O O   . HOH I 6 .   ? 11.636  15.397  31.858  1.00 61.19  ? 2133 HOH A O   1 
HETATM 1651 O O   . HOH I 6 .   ? 6.955   15.523  21.800  1.00 60.31  ? 2134 HOH A O   1 
HETATM 1652 O O   . HOH I 6 .   ? 2.939   16.307  17.896  1.00 44.96  ? 2135 HOH A O   1 
HETATM 1653 O O   . HOH I 6 .   ? 6.181   15.909  15.512  1.00 41.43  ? 2136 HOH A O   1 
HETATM 1654 O O   . HOH I 6 .   ? 4.576   16.647  21.089  1.00 45.30  ? 2137 HOH A O   1 
HETATM 1655 O O   . HOH I 6 .   ? 10.883  14.221  20.250  1.00 55.74  ? 2138 HOH A O   1 
HETATM 1656 O O   . HOH I 6 .   ? -0.653  12.905  29.583  1.00 49.82  ? 2139 HOH A O   1 
HETATM 1657 O O   . HOH I 6 .   ? -13.151 2.880   -18.400 1.00 43.92  ? 2140 HOH A O   1 
HETATM 1658 O O   . HOH I 6 .   ? 13.281  -0.611  17.541  1.00 41.46  ? 2141 HOH A O   1 
HETATM 1659 O O   . HOH I 6 .   ? 6.853   7.118   -22.695 1.00 41.50  ? 2142 HOH A O   1 
HETATM 1660 O O   . HOH I 6 .   ? 8.373   8.178   -20.285 1.00 46.93  ? 2143 HOH A O   1 
HETATM 1661 O O   . HOH I 6 .   ? 9.906   -13.303 -7.782  1.00 32.46  ? 2144 HOH A O   1 
HETATM 1662 O O   . HOH I 6 .   ? 8.716   -16.074 -7.812  1.00 39.65  ? 2145 HOH A O   1 
HETATM 1663 O O   . HOH I 6 .   ? 6.120   -17.159 -8.377  1.00 43.46  ? 2146 HOH A O   1 
HETATM 1664 O O   . HOH I 6 .   ? 3.825   -16.763 -13.927 1.00 56.25  ? 2147 HOH A O   1 
HETATM 1665 O O   . HOH I 6 .   ? 3.300   -10.409 -8.808  1.00 39.56  ? 2148 HOH A O   1 
# 
